data_6IS7
#
_entry.id   6IS7
#
_cell.length_a   92.951
_cell.length_b   106.767
_cell.length_c   255.903
_cell.angle_alpha   90.00
_cell.angle_beta   90.00
_cell.angle_gamma   90.00
#
_symmetry.space_group_name_H-M   'P 21 21 21'
#
loop_
_entity.id
_entity.type
_entity.pdbx_description
1 polymer 'DNA polymerase'
2 polymer "DNA (5'-D(P*GP*CP*GP*GP*AP*CP*TP*GP*CP*TP*TP*AP*CP*CP*A)-3')"
3 polymer "DNA (5'-D(*AP*CP*TP*GP*GP*TP*AP*AP*GP*CP*AP*GP*TP*CP*CP*GP*CP*G)-3')"
4 non-polymer 'CALCIUM ION'
5 water water
#
loop_
_entity_poly.entity_id
_entity_poly.type
_entity_poly.pdbx_seq_one_letter_code
_entity_poly.pdbx_strand_id
1 'polypeptide(L)'
;MILDTDYITENGKPVIRVFKKENGEFKIEYDRTFEPYFYALLKDDSAIEDVKKVTAKRHGTVVKVKRAEKVQKKFLGRPI
EVWKLYFNHPQDVPAIRDRIRAHPAVVDIYEYDIPFAKRYLIDKGLIPMEGDEELTMLAFAIATLYHEGEEFGTGPILMI
SYADGSEARVITWKKIDLPYVDVVSTEKEMIKRFLRVVREKDPDVLITYNGDNFDFAYLKKRCEELGIKFTLGRDGSEPK
IQRMGDRFAVEVKGRIHFDLYPVIRRTINLPTYTLEAVYEAVFGKPKEKVYAEEIAQAWESGEGLERVARYSMEDAKVTY
ELGREFFPMEAQLSRLIGQSLWDVSRSSTGNLVEWFLLRKAYKRNELAPNKPDERELARRRGGYAGGYVKEPERGLWDNI
VYLDFRSLYPSIIITHNVSPDTLNREGCKEYDVAPEVGHKFCKDFPGFIPSLLGDLLEERQKIKRKMKATVDPLEKKLLD
YRQRLIKILANSFYGYYGYAKARWYCKECAESVTAWGREYIEMVIRELEEKFGFKVLYADTDGLHATIPGADAETVKKKA
KEFLKYINPKLPGLLELEYEGFYVRGFFVTKKKYAVIDEEGKITTRGLEIVRRDWSEIAKETQARVLEAILKHGDVEEAV
RIVKEVTEKLSKYEVPPEKLVIHEQITRDLRDYKATGPHVAVAKRLAARGVKIRPGTVISYIVLKGSGRIGDRAIPADEF
DPTKHRYDAEYYIENQVLPAVERILKAFGYRKEDLRYQKTKQVGLGAWLKVKGKKLEHHHHHH
;
A,B
2 'polydeoxyribonucleotide' (DG)(DC)(DG)(DG)(DA)(DC)(DT)(DG)(DC)(DT)(DT)(DA)(DC)(DC)(DA) C,E,K,L
3 'polydeoxyribonucleotide' (DA)(DC)(DT)(DG)(DG)(DT)(DA)(DA)(DG)(DC)(DA)(DG)(DT)(DC)(DC)(DG)(DC)(DG) D,F,I
#
loop_
_chem_comp.id
_chem_comp.type
_chem_comp.name
_chem_comp.formula
CA non-polymer 'CALCIUM ION' 'Ca 2'
DA DNA linking 2'-DEOXYADENOSINE-5'-MONOPHOSPHATE 'C10 H14 N5 O6 P'
DC DNA linking 2'-DEOXYCYTIDINE-5'-MONOPHOSPHATE 'C9 H14 N3 O7 P'
DG DNA linking 2'-DEOXYGUANOSINE-5'-MONOPHOSPHATE 'C10 H14 N5 O7 P'
DT DNA linking THYMIDINE-5'-MONOPHOSPHATE 'C10 H15 N2 O8 P'
#
# COMPACT_ATOMS: atom_id res chain seq x y z
N MET A 1 40.29 3.98 8.10
CA MET A 1 39.62 2.83 7.41
C MET A 1 40.45 2.44 6.18
N ILE A 2 41.14 1.30 6.24
CA ILE A 2 41.87 0.69 5.09
C ILE A 2 40.84 0.08 4.12
N LEU A 3 40.94 0.42 2.84
CA LEU A 3 40.03 -0.09 1.76
C LEU A 3 40.67 -1.34 1.13
N ASP A 4 41.92 -1.22 0.70
CA ASP A 4 42.69 -2.30 0.03
C ASP A 4 44.18 -2.01 0.13
N THR A 5 45.02 -2.95 -0.33
CA THR A 5 46.46 -2.76 -0.58
C THR A 5 46.78 -3.23 -2.00
N ASP A 6 47.90 -2.76 -2.54
CA ASP A 6 48.55 -3.34 -3.74
C ASP A 6 50.02 -2.94 -3.71
N TYR A 7 50.78 -3.28 -4.76
CA TYR A 7 52.19 -2.90 -4.89
C TYR A 7 52.44 -2.35 -6.29
N ILE A 8 53.45 -1.50 -6.40
CA ILE A 8 54.03 -1.00 -7.67
C ILE A 8 55.54 -1.25 -7.60
N THR A 9 56.22 -1.16 -8.74
CA THR A 9 57.68 -1.37 -8.86
C THR A 9 58.36 -0.04 -9.19
N GLU A 10 59.23 0.45 -8.30
CA GLU A 10 60.06 1.67 -8.49
C GLU A 10 61.53 1.23 -8.58
N ASN A 11 62.12 1.29 -9.78
CA ASN A 11 63.52 0.86 -10.07
C ASN A 11 63.71 -0.59 -9.59
N GLY A 12 62.81 -1.49 -10.01
CA GLY A 12 62.93 -2.95 -9.79
C GLY A 12 62.67 -3.39 -8.36
N LYS A 13 62.27 -2.46 -7.48
CA LYS A 13 61.98 -2.74 -6.04
C LYS A 13 60.49 -2.53 -5.79
N PRO A 14 59.85 -3.39 -4.96
CA PRO A 14 58.41 -3.27 -4.68
C PRO A 14 58.10 -2.18 -3.64
N VAL A 15 57.02 -1.43 -3.87
CA VAL A 15 56.47 -0.43 -2.91
C VAL A 15 55.00 -0.77 -2.67
N ILE A 16 54.65 -1.03 -1.41
CA ILE A 16 53.25 -1.29 -0.96
C ILE A 16 52.50 0.04 -0.99
N ARG A 17 51.26 0.02 -1.49
CA ARG A 17 50.30 1.15 -1.39
C ARG A 17 49.14 0.69 -0.51
N VAL A 18 48.94 1.36 0.63
CA VAL A 18 47.73 1.19 1.49
C VAL A 18 46.74 2.30 1.13
N PHE A 19 45.58 1.92 0.57
CA PHE A 19 44.45 2.82 0.23
C PHE A 19 43.55 2.93 1.46
N LYS A 20 43.45 4.12 2.06
CA LYS A 20 42.65 4.33 3.29
C LYS A 20 41.76 5.55 3.12
N LYS A 21 40.73 5.64 3.95
CA LYS A 21 39.83 6.81 4.14
C LYS A 21 39.90 7.20 5.62
N GLU A 22 40.65 8.27 5.94
CA GLU A 22 40.85 8.81 7.31
C GLU A 22 40.23 10.21 7.40
N ASN A 23 39.38 10.45 8.41
CA ASN A 23 38.85 11.78 8.78
C ASN A 23 38.17 12.45 7.57
N GLY A 24 37.55 11.65 6.70
CA GLY A 24 36.75 12.13 5.55
C GLY A 24 37.54 12.27 4.26
N GLU A 25 38.88 12.25 4.33
CA GLU A 25 39.78 12.41 3.15
C GLU A 25 40.31 11.03 2.72
N PHE A 26 40.51 10.83 1.41
CA PHE A 26 41.15 9.63 0.82
C PHE A 26 42.67 9.84 0.80
N LYS A 27 43.43 8.83 1.23
CA LYS A 27 44.91 8.87 1.35
C LYS A 27 45.51 7.58 0.81
N ILE A 28 46.71 7.67 0.21
CA ILE A 28 47.55 6.50 -0.16
C ILE A 28 48.86 6.59 0.62
N GLU A 29 49.10 5.62 1.50
CA GLU A 29 50.36 5.44 2.26
C GLU A 29 51.28 4.49 1.49
N TYR A 30 52.56 4.85 1.33
CA TYR A 30 53.59 4.04 0.62
C TYR A 30 54.54 3.41 1.64
N ASP A 31 54.83 2.12 1.47
CA ASP A 31 55.80 1.36 2.31
C ASP A 31 56.85 0.72 1.40
N ARG A 32 58.11 1.14 1.53
CA ARG A 32 59.26 0.69 0.71
C ARG A 32 60.04 -0.41 1.44
N THR A 33 59.65 -0.74 2.67
CA THR A 33 60.48 -1.54 3.63
C THR A 33 60.12 -3.03 3.58
N PHE A 34 58.93 -3.40 3.10
CA PHE A 34 58.42 -4.79 3.16
C PHE A 34 59.07 -5.65 2.06
N GLU A 35 59.60 -6.81 2.44
CA GLU A 35 60.31 -7.77 1.56
C GLU A 35 59.48 -9.04 1.37
N PRO A 36 59.37 -9.56 0.13
CA PRO A 36 58.74 -10.86 -0.11
C PRO A 36 59.65 -12.00 0.39
N TYR A 37 59.05 -13.14 0.73
CA TYR A 37 59.75 -14.29 1.34
C TYR A 37 58.89 -15.55 1.19
N PHE A 38 59.52 -16.72 1.25
CA PHE A 38 58.88 -18.01 1.57
C PHE A 38 59.86 -18.80 2.43
N TYR A 39 59.43 -19.97 2.92
CA TYR A 39 60.21 -20.82 3.85
C TYR A 39 60.73 -22.06 3.12
N ALA A 40 61.82 -22.63 3.62
CA ALA A 40 62.45 -23.87 3.10
C ALA A 40 62.88 -24.75 4.29
N LEU A 41 62.42 -25.99 4.31
CA LEU A 41 62.88 -27.05 5.25
C LEU A 41 64.07 -27.77 4.60
N LEU A 42 65.24 -27.69 5.24
CA LEU A 42 66.51 -28.31 4.75
C LEU A 42 66.76 -29.63 5.47
N LYS A 43 67.48 -30.55 4.81
CA LYS A 43 67.95 -31.84 5.39
C LYS A 43 68.91 -31.54 6.54
N ASP A 44 69.80 -30.56 6.35
CA ASP A 44 70.79 -30.09 7.36
C ASP A 44 71.15 -28.62 7.06
N ASP A 45 71.53 -27.86 8.09
CA ASP A 45 71.71 -26.39 8.03
C ASP A 45 72.98 -26.03 7.23
N SER A 46 73.97 -26.93 7.19
CA SER A 46 75.24 -26.76 6.44
C SER A 46 74.96 -26.44 4.97
N ALA A 47 73.81 -26.87 4.44
CA ALA A 47 73.44 -26.83 3.02
C ALA A 47 72.92 -25.46 2.58
N ILE A 48 72.64 -24.55 3.53
CA ILE A 48 72.03 -23.22 3.24
C ILE A 48 72.89 -22.45 2.23
N GLU A 49 74.22 -22.59 2.31
CA GLU A 49 75.20 -21.88 1.44
C GLU A 49 74.96 -22.25 -0.03
N ASP A 50 74.74 -23.54 -0.32
CA ASP A 50 74.40 -24.06 -1.68
C ASP A 50 73.08 -23.44 -2.15
N VAL A 51 72.07 -23.42 -1.26
CA VAL A 51 70.68 -22.97 -1.56
C VAL A 51 70.68 -21.47 -1.86
N LYS A 52 71.48 -20.68 -1.14
CA LYS A 52 71.63 -19.21 -1.34
C LYS A 52 72.21 -18.95 -2.74
N LYS A 53 73.06 -19.86 -3.25
CA LYS A 53 73.76 -19.73 -4.54
C LYS A 53 72.83 -20.16 -5.70
N VAL A 54 71.67 -20.77 -5.40
CA VAL A 54 70.65 -21.15 -6.42
C VAL A 54 70.12 -19.88 -7.07
N THR A 55 69.98 -19.90 -8.41
CA THR A 55 69.62 -18.74 -9.26
C THR A 55 68.47 -19.14 -10.19
N ALA A 56 67.86 -18.16 -10.84
CA ALA A 56 66.83 -18.32 -11.90
C ALA A 56 66.82 -17.06 -12.77
N LYS A 57 65.98 -17.04 -13.81
CA LYS A 57 65.82 -15.87 -14.71
C LYS A 57 64.37 -15.39 -14.64
N ARG A 58 64.18 -14.07 -14.60
CA ARG A 58 62.86 -13.38 -14.66
C ARG A 58 62.98 -12.14 -15.57
N HIS A 59 62.35 -12.18 -16.73
CA HIS A 59 62.42 -11.13 -17.79
C HIS A 59 63.89 -10.86 -18.14
N GLY A 60 64.68 -11.92 -18.34
CA GLY A 60 66.12 -11.86 -18.65
C GLY A 60 66.91 -11.09 -17.61
N THR A 61 66.67 -11.38 -16.32
CA THR A 61 67.35 -10.76 -15.15
C THR A 61 67.67 -11.86 -14.13
N VAL A 62 68.94 -11.95 -13.70
CA VAL A 62 69.44 -12.98 -12.74
C VAL A 62 68.76 -12.77 -11.38
N VAL A 63 67.93 -13.74 -10.96
CA VAL A 63 67.20 -13.75 -9.65
C VAL A 63 67.97 -14.66 -8.69
N LYS A 64 68.25 -14.17 -7.48
CA LYS A 64 68.99 -14.90 -6.42
C LYS A 64 68.28 -14.69 -5.08
N VAL A 65 68.52 -15.58 -4.10
CA VAL A 65 68.06 -15.38 -2.70
C VAL A 65 68.76 -14.14 -2.15
N LYS A 66 67.99 -13.11 -1.76
CA LYS A 66 68.48 -11.81 -1.25
C LYS A 66 69.22 -12.03 0.07
N ARG A 67 68.60 -12.80 0.97
CA ARG A 67 69.25 -13.35 2.20
C ARG A 67 68.31 -14.37 2.84
N ALA A 68 68.81 -15.05 3.87
CA ALA A 68 68.15 -16.18 4.57
C ALA A 68 68.41 -16.08 6.07
N GLU A 69 67.36 -16.16 6.88
CA GLU A 69 67.46 -16.27 8.36
C GLU A 69 66.70 -17.52 8.82
N LYS A 70 67.28 -18.27 9.76
CA LYS A 70 66.72 -19.51 10.34
C LYS A 70 65.73 -19.13 11.45
N VAL A 71 64.50 -19.63 11.36
CA VAL A 71 63.32 -19.22 12.16
C VAL A 71 62.75 -20.47 12.83
N GLN A 72 62.25 -20.34 14.06
CA GLN A 72 61.56 -21.44 14.78
C GLN A 72 60.05 -21.20 14.63
N LYS A 73 59.33 -22.20 14.14
CA LYS A 73 57.86 -22.15 13.92
C LYS A 73 57.21 -23.41 14.48
N LYS A 74 55.88 -23.47 14.45
CA LYS A 74 55.07 -24.68 14.73
C LYS A 74 54.46 -25.14 13.41
N PHE A 75 54.54 -26.44 13.10
CA PHE A 75 53.84 -27.08 11.96
C PHE A 75 52.93 -28.18 12.49
N LEU A 76 51.62 -28.02 12.34
CA LEU A 76 50.58 -28.92 12.90
C LEU A 76 50.99 -29.35 14.31
N GLY A 77 51.22 -28.37 15.19
CA GLY A 77 51.51 -28.57 16.63
C GLY A 77 53.01 -28.64 16.91
N ARG A 78 53.73 -29.54 16.25
CA ARG A 78 55.16 -29.84 16.54
C ARG A 78 56.03 -28.64 16.18
N PRO A 79 57.08 -28.33 16.98
CA PRO A 79 58.02 -27.26 16.64
C PRO A 79 58.91 -27.68 15.47
N ILE A 80 59.08 -26.79 14.48
CA ILE A 80 59.88 -27.03 13.24
C ILE A 80 60.86 -25.88 13.06
N GLU A 81 62.06 -26.17 12.55
CA GLU A 81 63.09 -25.16 12.18
C GLU A 81 63.16 -25.08 10.66
N VAL A 82 62.95 -23.89 10.10
CA VAL A 82 62.97 -23.63 8.62
C VAL A 82 63.83 -22.38 8.36
N TRP A 83 64.16 -22.15 7.09
CA TRP A 83 64.92 -20.97 6.61
C TRP A 83 63.98 -20.05 5.83
N LYS A 84 63.70 -18.87 6.40
CA LYS A 84 62.98 -17.77 5.72
C LYS A 84 63.89 -17.22 4.63
N LEU A 85 63.49 -17.32 3.36
CA LEU A 85 64.29 -16.84 2.19
C LEU A 85 63.66 -15.54 1.67
N TYR A 86 64.38 -14.42 1.77
CA TYR A 86 63.93 -13.09 1.28
C TYR A 86 64.40 -12.89 -0.15
N PHE A 87 63.63 -12.14 -0.94
CA PHE A 87 63.90 -11.81 -2.37
C PHE A 87 63.67 -10.32 -2.60
N ASN A 88 64.24 -9.77 -3.67
CA ASN A 88 64.17 -8.32 -4.00
C ASN A 88 62.74 -7.97 -4.43
N HIS A 89 62.15 -8.76 -5.32
CA HIS A 89 60.82 -8.51 -5.95
C HIS A 89 59.91 -9.70 -5.70
N PRO A 90 58.59 -9.49 -5.40
CA PRO A 90 57.68 -10.61 -5.20
C PRO A 90 57.63 -11.59 -6.39
N GLN A 91 57.89 -11.09 -7.61
CA GLN A 91 57.89 -11.88 -8.87
C GLN A 91 59.08 -12.85 -8.91
N ASP A 92 60.11 -12.59 -8.09
CA ASP A 92 61.28 -13.50 -7.93
C ASP A 92 60.80 -14.88 -7.46
N VAL A 93 59.79 -14.91 -6.59
CA VAL A 93 59.32 -16.14 -5.90
C VAL A 93 58.81 -17.14 -6.93
N PRO A 94 57.79 -16.83 -7.77
CA PRO A 94 57.32 -17.76 -8.78
C PRO A 94 58.40 -18.18 -9.79
N ALA A 95 59.40 -17.33 -10.02
CA ALA A 95 60.55 -17.58 -10.91
C ALA A 95 61.47 -18.67 -10.33
N ILE A 96 61.74 -18.63 -9.03
CA ILE A 96 62.86 -19.39 -8.38
C ILE A 96 62.35 -20.57 -7.55
N ARG A 97 61.10 -20.55 -7.08
CA ARG A 97 60.61 -21.46 -6.00
C ARG A 97 60.73 -22.93 -6.45
N ASP A 98 60.41 -23.24 -7.71
CA ASP A 98 60.45 -24.61 -8.27
C ASP A 98 61.89 -25.15 -8.19
N ARG A 99 62.88 -24.30 -8.42
CA ARG A 99 64.33 -24.67 -8.42
C ARG A 99 64.82 -24.85 -6.98
N ILE A 100 64.37 -24.02 -6.04
CA ILE A 100 64.74 -24.15 -4.60
C ILE A 100 64.15 -25.47 -4.06
N ARG A 101 62.93 -25.83 -4.46
CA ARG A 101 62.29 -27.11 -4.05
C ARG A 101 63.06 -28.30 -4.67
N ALA A 102 63.41 -28.19 -5.96
CA ALA A 102 64.12 -29.23 -6.75
C ALA A 102 65.45 -29.59 -6.08
N HIS A 103 66.16 -28.59 -5.54
CA HIS A 103 67.50 -28.72 -4.90
C HIS A 103 67.47 -29.89 -3.92
N PRO A 104 68.48 -30.79 -3.95
CA PRO A 104 68.44 -32.03 -3.18
C PRO A 104 68.40 -31.82 -1.66
N ALA A 105 69.02 -30.76 -1.15
CA ALA A 105 69.14 -30.44 0.30
C ALA A 105 67.80 -29.96 0.87
N VAL A 106 66.86 -29.55 0.01
CA VAL A 106 65.56 -28.92 0.40
C VAL A 106 64.46 -29.98 0.45
N VAL A 107 63.98 -30.31 1.66
CA VAL A 107 62.88 -31.30 1.91
C VAL A 107 61.59 -30.74 1.29
N ASP A 108 61.19 -29.53 1.67
CA ASP A 108 59.96 -28.86 1.15
C ASP A 108 60.10 -27.33 1.27
N ILE A 109 59.19 -26.61 0.62
CA ILE A 109 59.02 -25.13 0.68
C ILE A 109 57.58 -24.84 1.10
N TYR A 110 57.32 -23.67 1.70
CA TYR A 110 56.01 -23.30 2.33
C TYR A 110 55.75 -21.81 2.13
N GLU A 111 54.46 -21.45 1.96
CA GLU A 111 53.95 -20.05 1.91
C GLU A 111 54.63 -19.29 0.75
N TYR A 112 54.59 -19.88 -0.44
CA TYR A 112 55.30 -19.40 -1.66
C TYR A 112 54.31 -18.86 -2.70
N ASP A 113 53.00 -18.97 -2.43
CA ASP A 113 51.90 -18.59 -3.37
C ASP A 113 50.96 -17.58 -2.70
N ILE A 114 51.43 -16.84 -1.67
CA ILE A 114 50.66 -15.81 -0.93
C ILE A 114 50.87 -14.47 -1.65
N PRO A 115 49.83 -13.87 -2.28
CA PRO A 115 49.97 -12.58 -2.95
C PRO A 115 50.53 -11.49 -2.03
N PHE A 116 51.47 -10.70 -2.55
CA PHE A 116 52.33 -9.75 -1.79
C PHE A 116 51.48 -8.77 -0.98
N ALA A 117 50.51 -8.13 -1.64
CA ALA A 117 49.60 -7.13 -1.04
C ALA A 117 48.90 -7.74 0.18
N LYS A 118 48.50 -9.01 0.10
CA LYS A 118 47.75 -9.72 1.17
C LYS A 118 48.72 -10.18 2.25
N ARG A 119 49.92 -10.63 1.87
CA ARG A 119 51.03 -10.94 2.81
C ARG A 119 51.23 -9.74 3.75
N TYR A 120 51.20 -8.51 3.21
CA TYR A 120 51.42 -7.24 3.94
C TYR A 120 50.29 -7.04 4.98
N LEU A 121 49.03 -7.11 4.55
CA LEU A 121 47.83 -7.05 5.42
C LEU A 121 48.00 -7.96 6.63
N ILE A 122 48.45 -9.20 6.41
CA ILE A 122 48.53 -10.27 7.44
C ILE A 122 49.69 -9.99 8.41
N ASP A 123 50.88 -9.71 7.87
CA ASP A 123 52.15 -9.65 8.64
C ASP A 123 52.20 -8.36 9.47
N LYS A 124 51.61 -7.29 8.94
CA LYS A 124 51.54 -5.96 9.61
C LYS A 124 50.32 -5.94 10.57
N GLY A 125 49.44 -6.93 10.46
CA GLY A 125 48.29 -7.12 11.36
C GLY A 125 47.17 -6.12 11.07
N LEU A 126 47.05 -5.70 9.81
CA LEU A 126 46.08 -4.67 9.35
C LEU A 126 44.73 -5.33 9.05
N ILE A 127 43.63 -4.68 9.45
CA ILE A 127 42.23 -5.15 9.23
C ILE A 127 41.53 -4.07 8.41
N PRO A 128 41.10 -4.36 7.17
CA PRO A 128 40.38 -3.38 6.38
C PRO A 128 38.97 -3.11 6.96
N MET A 129 38.40 -1.95 6.62
CA MET A 129 37.01 -1.52 6.94
C MET A 129 36.83 -1.39 8.45
N GLU A 130 37.88 -0.98 9.17
CA GLU A 130 37.81 -0.63 10.61
C GLU A 130 37.23 0.79 10.75
N GLY A 131 36.72 1.13 11.93
CA GLY A 131 36.16 2.46 12.24
C GLY A 131 34.80 2.68 11.59
N ASP A 132 34.27 3.91 11.68
CA ASP A 132 32.94 4.30 11.14
C ASP A 132 33.14 5.50 10.20
N GLU A 133 33.53 5.23 8.94
CA GLU A 133 33.86 6.24 7.92
C GLU A 133 32.76 6.25 6.85
N GLU A 134 32.03 7.36 6.72
CA GLU A 134 30.89 7.52 5.78
C GLU A 134 31.44 7.55 4.34
N LEU A 135 31.41 6.40 3.65
CA LEU A 135 31.93 6.22 2.27
C LEU A 135 30.87 6.68 1.25
N THR A 136 31.28 7.43 0.23
CA THR A 136 30.39 7.89 -0.89
C THR A 136 30.36 6.79 -1.96
N MET A 137 29.16 6.46 -2.45
CA MET A 137 28.92 5.39 -3.44
C MET A 137 28.27 5.99 -4.69
N LEU A 138 28.68 5.52 -5.87
CA LEU A 138 28.00 5.77 -7.16
C LEU A 138 27.67 4.41 -7.79
N ALA A 139 26.38 4.14 -8.02
CA ALA A 139 25.90 3.02 -8.86
C ALA A 139 25.91 3.49 -10.32
N PHE A 140 26.10 2.55 -11.26
CA PHE A 140 25.96 2.84 -12.71
C PHE A 140 25.57 1.56 -13.46
N ALA A 141 24.76 1.76 -14.52
CA ALA A 141 24.30 0.74 -15.48
C ALA A 141 24.53 1.30 -16.89
N ILE A 142 24.51 0.44 -17.91
CA ILE A 142 24.57 0.84 -19.34
C ILE A 142 23.45 0.13 -20.11
N ALA A 143 22.96 0.77 -21.17
CA ALA A 143 22.04 0.20 -22.19
C ALA A 143 22.79 0.17 -23.52
N THR A 144 22.65 -0.94 -24.27
CA THR A 144 23.39 -1.19 -25.53
C THR A 144 22.41 -1.61 -26.63
N LEU A 145 22.69 -1.21 -27.88
CA LEU A 145 22.03 -1.75 -29.09
C LEU A 145 22.65 -3.13 -29.31
N TYR A 146 21.89 -4.19 -29.04
CA TYR A 146 22.27 -5.59 -29.35
C TYR A 146 21.66 -5.93 -30.72
N HIS A 147 22.30 -6.87 -31.41
CA HIS A 147 21.77 -7.57 -32.60
C HIS A 147 22.23 -9.03 -32.49
N GLU A 148 21.33 -9.99 -32.73
CA GLU A 148 21.57 -11.44 -32.54
C GLU A 148 22.68 -11.91 -33.49
N GLY A 149 23.87 -12.23 -32.94
CA GLY A 149 24.97 -12.84 -33.69
C GLY A 149 26.29 -12.09 -33.53
N GLU A 150 26.24 -10.77 -33.31
CA GLU A 150 27.43 -9.86 -33.36
C GLU A 150 28.43 -10.21 -32.24
N GLU A 151 29.69 -9.81 -32.42
CA GLU A 151 30.76 -9.96 -31.39
C GLU A 151 30.55 -8.88 -30.31
N PHE A 152 30.87 -9.22 -29.05
CA PHE A 152 30.74 -8.33 -27.87
C PHE A 152 31.59 -7.08 -28.08
N GLY A 153 30.95 -5.94 -28.35
CA GLY A 153 31.63 -4.62 -28.52
C GLY A 153 31.21 -3.92 -29.80
N THR A 154 30.63 -4.64 -30.77
CA THR A 154 30.15 -4.07 -32.05
C THR A 154 29.12 -2.98 -31.79
N GLY A 155 28.01 -3.34 -31.13
CA GLY A 155 26.94 -2.41 -30.76
C GLY A 155 27.48 -1.26 -29.93
N PRO A 156 27.12 0.01 -30.24
CA PRO A 156 27.53 1.15 -29.41
C PRO A 156 26.72 1.22 -28.11
N ILE A 157 27.33 1.78 -27.05
CA ILE A 157 26.64 2.08 -25.77
C ILE A 157 25.67 3.24 -26.04
N LEU A 158 24.37 3.02 -25.85
CA LEU A 158 23.29 3.99 -26.12
C LEU A 158 23.21 4.99 -24.97
N MET A 159 23.24 4.50 -23.74
CA MET A 159 23.00 5.28 -22.51
C MET A 159 23.91 4.79 -21.39
N ILE A 160 24.36 5.71 -20.53
CA ILE A 160 25.01 5.41 -19.23
C ILE A 160 24.17 6.07 -18.13
N SER A 161 23.41 5.26 -17.39
CA SER A 161 22.69 5.65 -16.16
C SER A 161 23.67 5.67 -14.99
N TYR A 162 23.45 6.54 -14.01
CA TYR A 162 24.19 6.55 -12.72
C TYR A 162 23.26 7.09 -11.63
N ALA A 163 23.49 6.69 -10.38
CA ALA A 163 22.65 7.04 -9.21
C ALA A 163 23.51 7.12 -7.94
N ASP A 164 23.16 8.05 -7.06
CA ASP A 164 23.63 8.12 -5.65
C ASP A 164 22.43 8.53 -4.79
N GLY A 165 22.66 8.90 -3.53
CA GLY A 165 21.62 9.39 -2.61
C GLY A 165 20.94 10.65 -3.15
N SER A 166 21.72 11.54 -3.78
CA SER A 166 21.30 12.90 -4.20
C SER A 166 20.47 12.84 -5.48
N GLU A 167 20.94 12.15 -6.53
CA GLU A 167 20.29 12.17 -7.87
C GLU A 167 20.39 10.80 -8.54
N ALA A 168 19.73 10.67 -9.70
CA ALA A 168 19.78 9.51 -10.61
C ALA A 168 19.52 10.02 -12.04
N ARG A 169 20.56 10.07 -12.87
CA ARG A 169 20.55 10.72 -14.22
C ARG A 169 20.99 9.72 -15.29
N VAL A 170 20.77 10.07 -16.57
CA VAL A 170 21.11 9.27 -17.78
C VAL A 170 21.89 10.17 -18.75
N ILE A 171 23.07 9.72 -19.21
CA ILE A 171 23.85 10.38 -20.30
C ILE A 171 23.59 9.58 -21.60
N THR A 172 23.23 10.27 -22.68
CA THR A 172 22.85 9.67 -23.99
C THR A 172 23.19 10.64 -25.13
N TRP A 173 23.15 10.17 -26.38
CA TRP A 173 23.48 10.95 -27.60
C TRP A 173 22.31 10.89 -28.60
N LYS A 174 21.08 10.79 -28.08
CA LYS A 174 19.81 10.84 -28.86
C LYS A 174 18.92 11.96 -28.28
N LYS A 175 18.08 12.56 -29.13
CA LYS A 175 17.11 13.62 -28.73
C LYS A 175 15.99 13.00 -27.88
N ILE A 176 16.22 12.86 -26.57
CA ILE A 176 15.19 12.41 -25.57
C ILE A 176 14.99 13.55 -24.56
N ASP A 177 13.79 14.13 -24.53
CA ASP A 177 13.42 15.30 -23.67
C ASP A 177 12.82 14.79 -22.35
N LEU A 178 13.65 14.68 -21.31
CA LEU A 178 13.23 14.29 -19.93
C LEU A 178 14.11 15.03 -18.92
N PRO A 179 13.62 15.23 -17.67
CA PRO A 179 14.37 15.97 -16.65
C PRO A 179 15.73 15.35 -16.32
N TYR A 180 15.78 14.02 -16.17
CA TYR A 180 16.96 13.25 -15.69
C TYR A 180 17.86 12.86 -16.87
N VAL A 181 17.39 12.97 -18.11
CA VAL A 181 18.18 12.64 -19.34
C VAL A 181 19.04 13.86 -19.71
N ASP A 182 20.29 13.60 -20.11
CA ASP A 182 21.28 14.61 -20.59
C ASP A 182 21.76 14.21 -21.99
N VAL A 183 21.33 14.93 -23.02
CA VAL A 183 21.71 14.67 -24.45
C VAL A 183 23.07 15.32 -24.71
N VAL A 184 23.92 14.69 -25.51
CA VAL A 184 25.31 15.16 -25.82
C VAL A 184 25.68 14.72 -27.25
N SER A 185 26.71 15.33 -27.85
CA SER A 185 27.11 15.18 -29.28
C SER A 185 27.09 13.71 -29.71
N THR A 186 28.05 12.90 -29.23
CA THR A 186 28.35 11.53 -29.76
C THR A 186 28.50 10.53 -28.61
N GLU A 187 28.76 9.26 -28.95
CA GLU A 187 29.09 8.17 -28.00
C GLU A 187 30.38 8.51 -27.25
N LYS A 188 31.36 9.09 -27.96
CA LYS A 188 32.71 9.45 -27.42
C LYS A 188 32.56 10.43 -26.25
N GLU A 189 31.74 11.49 -26.41
CA GLU A 189 31.54 12.56 -25.41
C GLU A 189 30.70 12.03 -24.24
N MET A 190 29.73 11.16 -24.51
CA MET A 190 28.88 10.48 -23.50
C MET A 190 29.79 9.74 -22.50
N ILE A 191 30.76 8.99 -23.01
CA ILE A 191 31.73 8.18 -22.20
C ILE A 191 32.66 9.15 -21.43
N LYS A 192 33.11 10.21 -22.09
CA LYS A 192 33.98 11.27 -21.49
C LYS A 192 33.21 12.03 -20.40
N ARG A 193 31.90 12.24 -20.60
CA ARG A 193 31.00 12.94 -19.65
C ARG A 193 30.87 12.11 -18.37
N PHE A 194 30.67 10.79 -18.50
CA PHE A 194 30.60 9.83 -17.38
C PHE A 194 31.92 9.88 -16.59
N LEU A 195 33.06 9.84 -17.28
CA LEU A 195 34.41 9.88 -16.68
C LEU A 195 34.60 11.17 -15.87
N ARG A 196 34.00 12.28 -16.33
CA ARG A 196 34.09 13.60 -15.66
C ARG A 196 33.19 13.62 -14.41
N VAL A 197 32.03 12.94 -14.46
CA VAL A 197 31.05 12.87 -13.33
C VAL A 197 31.70 12.13 -12.14
N VAL A 198 32.46 11.07 -12.41
CA VAL A 198 33.15 10.22 -11.39
C VAL A 198 34.34 11.02 -10.83
N ARG A 199 35.03 11.80 -11.67
CA ARG A 199 36.14 12.70 -11.25
C ARG A 199 35.57 13.81 -10.34
N GLU A 200 34.37 14.30 -10.64
CA GLU A 200 33.71 15.42 -9.90
C GLU A 200 33.03 14.87 -8.63
N LYS A 201 32.47 13.66 -8.68
CA LYS A 201 31.76 13.01 -7.53
C LYS A 201 32.77 12.26 -6.64
N ASP A 202 33.87 11.77 -7.23
CA ASP A 202 35.00 11.09 -6.53
C ASP A 202 34.45 10.04 -5.58
N PRO A 203 33.69 9.03 -6.07
CA PRO A 203 33.09 8.02 -5.20
C PRO A 203 34.11 7.00 -4.67
N ASP A 204 33.99 6.64 -3.38
CA ASP A 204 34.82 5.61 -2.71
C ASP A 204 34.45 4.22 -3.26
N VAL A 205 33.22 4.05 -3.74
CA VAL A 205 32.63 2.74 -4.14
C VAL A 205 31.87 2.90 -5.45
N LEU A 206 32.23 2.15 -6.50
CA LEU A 206 31.44 1.98 -7.74
C LEU A 206 30.58 0.72 -7.61
N ILE A 207 29.27 0.84 -7.88
CA ILE A 207 28.29 -0.27 -7.75
C ILE A 207 27.73 -0.60 -9.14
N THR A 208 27.84 -1.87 -9.54
CA THR A 208 27.27 -2.42 -10.79
C THR A 208 26.50 -3.70 -10.46
N TYR A 209 25.58 -4.11 -11.34
CA TYR A 209 24.94 -5.44 -11.31
C TYR A 209 25.49 -6.25 -12.49
N ASN A 210 26.43 -7.16 -12.21
CA ASN A 210 27.13 -8.05 -13.18
C ASN A 210 28.10 -7.21 -14.01
N GLY A 211 28.63 -6.12 -13.46
CA GLY A 211 29.61 -5.25 -14.14
C GLY A 211 30.96 -5.94 -14.35
N ASP A 212 31.25 -6.98 -13.56
CA ASP A 212 32.47 -7.83 -13.69
C ASP A 212 32.53 -8.47 -15.08
N ASN A 213 31.37 -8.81 -15.66
CA ASN A 213 31.26 -9.61 -16.91
C ASN A 213 30.74 -8.76 -18.07
N PHE A 214 29.71 -7.94 -17.87
CA PHE A 214 29.08 -7.12 -18.93
C PHE A 214 29.67 -5.70 -18.95
N ASP A 215 29.23 -4.85 -18.01
CA ASP A 215 29.29 -3.36 -18.08
C ASP A 215 30.72 -2.87 -18.37
N PHE A 216 31.70 -3.29 -17.56
CA PHE A 216 33.10 -2.79 -17.63
C PHE A 216 33.81 -3.33 -18.88
N ALA A 217 33.55 -4.59 -19.24
CA ALA A 217 34.09 -5.24 -20.46
C ALA A 217 33.69 -4.43 -21.69
N TYR A 218 32.43 -3.99 -21.74
CA TYR A 218 31.82 -3.23 -22.87
C TYR A 218 32.50 -1.85 -22.97
N LEU A 219 32.69 -1.18 -21.83
CA LEU A 219 33.33 0.16 -21.74
C LEU A 219 34.81 0.09 -22.14
N LYS A 220 35.49 -1.02 -21.84
CA LYS A 220 36.91 -1.26 -22.23
C LYS A 220 37.01 -1.39 -23.75
N LYS A 221 36.09 -2.13 -24.38
CA LYS A 221 36.10 -2.41 -25.85
C LYS A 221 35.69 -1.15 -26.63
N ARG A 222 34.72 -0.38 -26.11
CA ARG A 222 34.24 0.87 -26.74
C ARG A 222 35.31 1.96 -26.61
N CYS A 223 36.02 2.01 -25.48
CA CYS A 223 37.13 2.97 -25.23
C CYS A 223 38.30 2.68 -26.17
N GLU A 224 38.55 1.41 -26.49
CA GLU A 224 39.58 0.97 -27.47
C GLU A 224 39.20 1.43 -28.87
N GLU A 225 37.95 1.18 -29.29
CA GLU A 225 37.42 1.45 -30.65
C GLU A 225 37.22 2.97 -30.86
N LEU A 226 37.13 3.75 -29.77
CA LEU A 226 36.98 5.22 -29.82
C LEU A 226 38.27 5.94 -29.42
N GLY A 227 39.23 5.22 -28.83
CA GLY A 227 40.56 5.74 -28.46
C GLY A 227 40.48 6.69 -27.26
N ILE A 228 39.78 6.27 -26.20
CA ILE A 228 39.64 7.03 -24.92
C ILE A 228 40.48 6.31 -23.86
N LYS A 229 41.29 7.07 -23.11
CA LYS A 229 41.95 6.62 -21.85
C LYS A 229 40.90 6.58 -20.74
N PHE A 230 40.44 5.38 -20.39
CA PHE A 230 39.30 5.11 -19.47
C PHE A 230 39.79 5.17 -18.02
N THR A 231 40.28 6.33 -17.59
CA THR A 231 40.97 6.53 -16.28
C THR A 231 39.93 6.79 -15.19
N LEU A 232 39.37 5.72 -14.60
CA LEU A 232 38.36 5.77 -13.50
C LEU A 232 39.06 5.76 -12.13
N GLY A 233 40.29 5.23 -12.07
CA GLY A 233 41.07 5.07 -10.83
C GLY A 233 41.44 6.41 -10.19
N ARG A 234 41.76 6.39 -8.89
CA ARG A 234 42.13 7.59 -8.09
C ARG A 234 43.63 7.88 -8.24
N ASP A 235 44.41 6.92 -8.75
CA ASP A 235 45.84 7.11 -9.12
C ASP A 235 45.93 7.45 -10.61
N GLY A 236 44.80 7.49 -11.32
CA GLY A 236 44.70 7.83 -12.75
C GLY A 236 44.81 6.60 -13.66
N SER A 237 44.90 5.40 -13.07
CA SER A 237 44.97 4.11 -13.82
C SER A 237 43.59 3.78 -14.41
N GLU A 238 43.55 2.82 -15.34
CA GLU A 238 42.30 2.32 -15.98
C GLU A 238 41.87 1.04 -15.26
N PRO A 239 40.57 0.69 -15.30
CA PRO A 239 40.08 -0.58 -14.73
C PRO A 239 40.80 -1.81 -15.31
N LYS A 240 41.29 -2.69 -14.42
CA LYS A 240 42.04 -3.92 -14.75
C LYS A 240 41.12 -5.14 -14.58
N ILE A 241 40.94 -5.94 -15.65
CA ILE A 241 40.24 -7.26 -15.60
C ILE A 241 41.19 -8.26 -14.92
N GLN A 242 40.64 -9.20 -14.16
CA GLN A 242 41.36 -10.33 -13.52
C GLN A 242 40.54 -11.61 -13.70
N ARG A 243 41.22 -12.74 -13.93
CA ARG A 243 40.58 -14.08 -14.04
C ARG A 243 40.21 -14.56 -12.63
N MET A 244 39.03 -15.17 -12.49
CA MET A 244 38.58 -15.84 -11.24
C MET A 244 37.72 -17.05 -11.61
N GLY A 245 38.35 -18.14 -12.08
CA GLY A 245 37.70 -19.38 -12.50
C GLY A 245 36.93 -19.20 -13.80
N ASP A 246 35.65 -19.62 -13.83
CA ASP A 246 34.76 -19.57 -15.02
C ASP A 246 34.43 -18.11 -15.37
N ARG A 247 34.58 -17.18 -14.42
CA ARG A 247 34.18 -15.75 -14.56
C ARG A 247 35.41 -14.85 -14.41
N PHE A 248 35.29 -13.58 -14.81
CA PHE A 248 36.31 -12.51 -14.63
C PHE A 248 35.85 -11.56 -13.51
N ALA A 249 36.73 -10.63 -13.12
CA ALA A 249 36.49 -9.64 -12.03
C ALA A 249 37.21 -8.33 -12.35
N VAL A 250 36.51 -7.19 -12.27
CA VAL A 250 37.06 -5.86 -12.63
C VAL A 250 37.50 -5.12 -11.36
N GLU A 251 38.76 -4.67 -11.32
CA GLU A 251 39.39 -3.91 -10.21
C GLU A 251 39.58 -2.45 -10.66
N VAL A 252 39.13 -1.50 -9.85
CA VAL A 252 39.29 -0.03 -10.10
C VAL A 252 40.08 0.57 -8.91
N LYS A 253 41.36 0.91 -9.14
CA LYS A 253 42.35 1.29 -8.10
C LYS A 253 41.87 2.51 -7.30
N GLY A 254 41.87 2.42 -5.97
CA GLY A 254 41.51 3.52 -5.04
C GLY A 254 40.04 3.51 -4.69
N ARG A 255 39.18 3.07 -5.62
CA ARG A 255 37.73 2.82 -5.40
C ARG A 255 37.49 1.34 -5.16
N ILE A 256 36.32 0.99 -4.61
CA ILE A 256 35.86 -0.41 -4.44
C ILE A 256 34.78 -0.69 -5.50
N HIS A 257 35.11 -1.45 -6.54
CA HIS A 257 34.09 -1.96 -7.50
C HIS A 257 33.27 -3.04 -6.79
N PHE A 258 32.07 -2.68 -6.34
CA PHE A 258 31.12 -3.60 -5.64
C PHE A 258 30.09 -4.12 -6.64
N ASP A 259 30.33 -5.33 -7.17
CA ASP A 259 29.41 -6.04 -8.09
C ASP A 259 28.47 -6.89 -7.24
N LEU A 260 27.17 -6.59 -7.30
CA LEU A 260 26.13 -7.21 -6.43
C LEU A 260 25.87 -8.67 -6.83
N TYR A 261 26.10 -9.04 -8.08
CA TYR A 261 25.70 -10.36 -8.64
C TYR A 261 26.32 -11.50 -7.82
N PRO A 262 27.66 -11.61 -7.69
CA PRO A 262 28.26 -12.63 -6.83
C PRO A 262 27.69 -12.60 -5.40
N VAL A 263 27.48 -11.40 -4.84
CA VAL A 263 26.90 -11.20 -3.47
C VAL A 263 25.51 -11.85 -3.43
N ILE A 264 24.61 -11.42 -4.33
CA ILE A 264 23.19 -11.92 -4.39
C ILE A 264 23.22 -13.44 -4.56
N ARG A 265 24.10 -13.96 -5.42
CA ARG A 265 24.12 -15.40 -5.80
C ARG A 265 24.46 -16.26 -4.57
N ARG A 266 25.25 -15.74 -3.64
CA ARG A 266 25.72 -16.45 -2.42
C ARG A 266 24.73 -16.27 -1.27
N THR A 267 23.83 -15.30 -1.35
CA THR A 267 23.03 -14.77 -0.21
C THR A 267 21.56 -15.17 -0.32
N ILE A 268 20.96 -15.08 -1.51
CA ILE A 268 19.52 -15.37 -1.74
C ILE A 268 19.39 -16.53 -2.73
N ASN A 269 18.52 -17.50 -2.43
CA ASN A 269 18.11 -18.58 -3.36
C ASN A 269 16.84 -18.11 -4.09
N LEU A 270 16.94 -17.79 -5.38
CA LEU A 270 15.81 -17.34 -6.23
C LEU A 270 15.70 -18.24 -7.46
N PRO A 271 14.52 -18.36 -8.09
CA PRO A 271 14.38 -19.12 -9.34
C PRO A 271 15.26 -18.52 -10.46
N THR A 272 15.27 -17.19 -10.60
CA THR A 272 16.11 -16.43 -11.57
C THR A 272 16.77 -15.26 -10.82
N TYR A 273 17.78 -14.63 -11.41
CA TYR A 273 18.60 -13.56 -10.78
C TYR A 273 18.68 -12.31 -11.68
N THR A 274 17.58 -11.99 -12.37
CA THR A 274 17.42 -10.73 -13.14
C THR A 274 17.27 -9.59 -12.12
N LEU A 275 17.70 -8.39 -12.49
CA LEU A 275 17.64 -7.16 -11.65
C LEU A 275 16.19 -6.95 -11.17
N GLU A 276 15.21 -7.39 -11.97
CA GLU A 276 13.76 -7.25 -11.72
C GLU A 276 13.34 -8.25 -10.62
N ALA A 277 13.83 -9.50 -10.70
CA ALA A 277 13.55 -10.59 -9.74
C ALA A 277 14.14 -10.26 -8.37
N VAL A 278 15.40 -9.79 -8.31
CA VAL A 278 16.14 -9.49 -7.06
C VAL A 278 15.48 -8.30 -6.35
N TYR A 279 15.06 -7.27 -7.09
CA TYR A 279 14.37 -6.07 -6.54
C TYR A 279 13.09 -6.52 -5.83
N GLU A 280 12.27 -7.32 -6.50
CA GLU A 280 10.96 -7.84 -6.01
C GLU A 280 11.16 -8.67 -4.74
N ALA A 281 12.25 -9.44 -4.67
CA ALA A 281 12.58 -10.35 -3.54
C ALA A 281 13.04 -9.55 -2.31
N VAL A 282 13.88 -8.54 -2.53
CA VAL A 282 14.57 -7.76 -1.46
C VAL A 282 13.62 -6.72 -0.88
N PHE A 283 13.02 -5.88 -1.74
CA PHE A 283 12.25 -4.66 -1.36
C PHE A 283 10.74 -4.92 -1.42
N GLY A 284 10.27 -5.78 -2.34
CA GLY A 284 8.85 -6.16 -2.47
C GLY A 284 8.14 -5.44 -3.60
N LYS A 285 8.74 -4.37 -4.15
CA LYS A 285 8.15 -3.49 -5.18
C LYS A 285 8.44 -4.06 -6.56
N PRO A 286 7.51 -3.99 -7.54
CA PRO A 286 7.75 -4.53 -8.89
C PRO A 286 8.67 -3.62 -9.73
N LYS A 287 9.19 -4.16 -10.85
CA LYS A 287 10.11 -3.44 -11.77
C LYS A 287 9.85 -3.90 -13.22
N GLU A 288 9.63 -2.94 -14.14
CA GLU A 288 9.36 -3.20 -15.59
C GLU A 288 10.66 -3.61 -16.29
N LYS A 289 10.56 -4.55 -17.25
CA LYS A 289 11.70 -5.11 -18.02
C LYS A 289 11.56 -4.75 -19.51
N VAL A 290 12.49 -3.94 -20.03
CA VAL A 290 12.61 -3.59 -21.48
C VAL A 290 13.67 -4.48 -22.11
N TYR A 291 13.31 -5.22 -23.16
CA TYR A 291 14.18 -6.19 -23.87
C TYR A 291 15.00 -5.47 -24.95
N ALA A 292 16.10 -6.12 -25.38
CA ALA A 292 17.08 -5.60 -26.37
C ALA A 292 16.40 -5.40 -27.74
N GLU A 293 15.59 -6.38 -28.16
CA GLU A 293 14.82 -6.36 -29.45
C GLU A 293 13.87 -5.16 -29.45
N GLU A 294 13.17 -4.92 -28.33
CA GLU A 294 12.29 -3.75 -28.11
C GLU A 294 13.15 -2.47 -28.09
N ILE A 295 14.27 -2.51 -27.36
CA ILE A 295 15.19 -1.35 -27.14
C ILE A 295 15.74 -0.85 -28.47
N ALA A 296 16.16 -1.77 -29.36
CA ALA A 296 16.78 -1.46 -30.66
C ALA A 296 15.76 -0.75 -31.57
N GLN A 297 14.56 -1.32 -31.70
CA GLN A 297 13.45 -0.79 -32.55
C GLN A 297 13.05 0.60 -32.05
N ALA A 298 13.18 0.86 -30.75
CA ALA A 298 12.89 2.17 -30.09
C ALA A 298 14.01 3.16 -30.36
N TRP A 299 15.26 2.70 -30.54
CA TRP A 299 16.43 3.58 -30.83
C TRP A 299 16.42 4.02 -32.30
N GLU A 300 16.06 3.12 -33.22
CA GLU A 300 16.09 3.37 -34.69
C GLU A 300 14.87 4.23 -35.06
N SER A 301 13.68 3.82 -34.59
CA SER A 301 12.40 4.54 -34.76
C SER A 301 12.44 5.89 -34.02
N GLY A 302 12.90 5.88 -32.76
CA GLY A 302 12.98 7.07 -31.90
C GLY A 302 11.67 7.33 -31.16
N GLU A 303 10.66 6.49 -31.38
CA GLU A 303 9.30 6.64 -30.79
C GLU A 303 9.32 6.20 -29.32
N GLY A 304 9.99 5.09 -29.03
CA GLY A 304 10.03 4.48 -27.69
C GLY A 304 11.27 4.85 -26.90
N LEU A 305 12.04 5.84 -27.37
CA LEU A 305 13.36 6.24 -26.78
C LEU A 305 13.15 6.70 -25.33
N GLU A 306 12.04 7.40 -25.06
CA GLU A 306 11.69 7.97 -23.74
C GLU A 306 11.47 6.84 -22.72
N ARG A 307 10.80 5.74 -23.13
CA ARG A 307 10.50 4.58 -22.27
C ARG A 307 11.82 3.88 -21.87
N VAL A 308 12.71 3.66 -22.83
CA VAL A 308 14.03 2.98 -22.64
C VAL A 308 14.85 3.78 -21.61
N ALA A 309 14.75 5.11 -21.62
CA ALA A 309 15.48 6.03 -20.71
C ALA A 309 15.01 5.84 -19.27
N ARG A 310 13.71 5.61 -19.05
CA ARG A 310 13.13 5.35 -17.70
C ARG A 310 13.71 4.03 -17.17
N TYR A 311 13.83 3.00 -18.02
CA TYR A 311 14.42 1.68 -17.69
C TYR A 311 15.89 1.85 -17.28
N SER A 312 16.66 2.61 -18.06
CA SER A 312 18.10 2.89 -17.82
C SER A 312 18.30 3.48 -16.43
N MET A 313 17.51 4.51 -16.07
CA MET A 313 17.61 5.23 -14.78
C MET A 313 17.20 4.30 -13.63
N GLU A 314 16.14 3.51 -13.83
CA GLU A 314 15.57 2.59 -12.78
C GLU A 314 16.61 1.53 -12.41
N ASP A 315 17.39 1.05 -13.38
CA ASP A 315 18.49 0.07 -13.14
C ASP A 315 19.51 0.68 -12.18
N ALA A 316 19.95 1.91 -12.46
CA ALA A 316 20.92 2.68 -11.62
C ALA A 316 20.33 2.86 -10.22
N LYS A 317 19.10 3.39 -10.14
CA LYS A 317 18.40 3.71 -8.86
C LYS A 317 18.30 2.44 -8.01
N VAL A 318 17.77 1.35 -8.59
CA VAL A 318 17.59 0.03 -7.93
C VAL A 318 18.96 -0.53 -7.53
N THR A 319 19.95 -0.42 -8.41
CA THR A 319 21.33 -0.93 -8.20
C THR A 319 21.97 -0.21 -7.00
N TYR A 320 21.81 1.12 -6.93
CA TYR A 320 22.25 1.93 -5.77
C TYR A 320 21.50 1.48 -4.51
N GLU A 321 20.19 1.27 -4.62
CA GLU A 321 19.31 0.86 -3.50
C GLU A 321 19.78 -0.49 -2.96
N LEU A 322 20.10 -1.44 -3.86
CA LEU A 322 20.65 -2.77 -3.49
C LEU A 322 22.07 -2.61 -2.94
N GLY A 323 22.90 -1.79 -3.60
CA GLY A 323 24.25 -1.43 -3.14
C GLY A 323 24.24 -1.05 -1.66
N ARG A 324 23.42 -0.06 -1.30
CA ARG A 324 23.28 0.48 0.08
C ARG A 324 22.83 -0.64 1.03
N GLU A 325 21.99 -1.58 0.55
CA GLU A 325 21.39 -2.67 1.35
C GLU A 325 22.45 -3.71 1.74
N PHE A 326 23.34 -4.09 0.82
CA PHE A 326 24.27 -5.23 0.98
C PHE A 326 25.67 -4.79 1.45
N PHE A 327 26.09 -3.55 1.15
CA PHE A 327 27.47 -3.08 1.41
C PHE A 327 27.83 -3.26 2.89
N PRO A 328 26.99 -2.78 3.85
CA PRO A 328 27.33 -2.84 5.26
C PRO A 328 27.64 -4.25 5.80
N MET A 329 26.84 -5.27 5.46
CA MET A 329 27.10 -6.67 5.91
C MET A 329 28.41 -7.15 5.29
N GLU A 330 28.70 -6.74 4.06
CA GLU A 330 29.91 -7.16 3.31
C GLU A 330 31.15 -6.50 3.93
N ALA A 331 31.02 -5.24 4.37
CA ALA A 331 32.10 -4.49 5.05
C ALA A 331 32.42 -5.14 6.41
N GLN A 332 31.44 -5.77 7.06
CA GLN A 332 31.69 -6.54 8.31
C GLN A 332 32.46 -7.82 7.96
N LEU A 333 32.04 -8.50 6.87
CA LEU A 333 32.72 -9.73 6.38
C LEU A 333 34.19 -9.41 6.14
N SER A 334 34.48 -8.26 5.52
CA SER A 334 35.85 -7.74 5.27
C SER A 334 36.63 -7.67 6.59
N ARG A 335 36.05 -7.10 7.64
CA ARG A 335 36.69 -6.95 8.99
C ARG A 335 36.99 -8.33 9.58
N LEU A 336 36.04 -9.27 9.46
CA LEU A 336 36.10 -10.59 10.13
C LEU A 336 37.21 -11.43 9.50
N ILE A 337 37.24 -11.51 8.16
CA ILE A 337 38.20 -12.34 7.38
C ILE A 337 39.56 -11.62 7.30
N GLY A 338 39.56 -10.29 7.37
CA GLY A 338 40.79 -9.48 7.29
C GLY A 338 41.34 -9.38 5.87
N GLN A 339 40.50 -9.44 4.84
CA GLN A 339 40.87 -9.09 3.45
C GLN A 339 39.89 -8.02 2.91
N SER A 340 40.29 -7.33 1.83
CA SER A 340 39.52 -6.25 1.16
C SER A 340 38.07 -6.70 0.89
N LEU A 341 37.14 -5.75 0.85
CA LEU A 341 35.71 -5.97 0.50
C LEU A 341 35.62 -6.53 -0.92
N TRP A 342 36.46 -6.02 -1.83
CA TRP A 342 36.52 -6.47 -3.24
C TRP A 342 36.72 -7.98 -3.30
N ASP A 343 37.72 -8.50 -2.58
CA ASP A 343 38.09 -9.95 -2.53
C ASP A 343 36.98 -10.76 -1.86
N VAL A 344 36.57 -10.31 -0.68
CA VAL A 344 35.63 -11.03 0.23
C VAL A 344 34.26 -11.21 -0.45
N SER A 345 33.80 -10.21 -1.21
CA SER A 345 32.45 -10.17 -1.84
C SER A 345 32.41 -11.09 -3.06
N ARG A 346 33.57 -11.50 -3.57
CA ARG A 346 33.69 -12.41 -4.74
C ARG A 346 34.16 -13.80 -4.32
N SER A 347 34.41 -14.02 -3.02
CA SER A 347 34.99 -15.28 -2.47
C SER A 347 33.87 -16.23 -2.04
N SER A 348 34.03 -17.51 -2.36
CA SER A 348 33.30 -18.66 -1.78
C SER A 348 33.83 -18.94 -0.36
N THR A 349 33.16 -19.84 0.36
CA THR A 349 33.41 -20.13 1.80
C THR A 349 34.84 -20.64 1.97
N GLY A 350 35.31 -21.48 1.05
CA GLY A 350 36.65 -22.10 1.08
C GLY A 350 37.75 -21.07 1.24
N ASN A 351 37.77 -20.05 0.38
CA ASN A 351 38.83 -19.00 0.37
C ASN A 351 38.67 -18.10 1.60
N LEU A 352 37.44 -17.83 2.03
CA LEU A 352 37.15 -17.00 3.23
C LEU A 352 37.73 -17.69 4.47
N VAL A 353 37.43 -18.97 4.65
CA VAL A 353 37.97 -19.77 5.79
C VAL A 353 39.50 -19.76 5.71
N GLU A 354 40.05 -19.99 4.52
CA GLU A 354 41.52 -20.14 4.31
C GLU A 354 42.23 -18.83 4.65
N TRP A 355 41.67 -17.69 4.23
CA TRP A 355 42.23 -16.34 4.51
C TRP A 355 42.19 -16.06 6.01
N PHE A 356 41.07 -16.37 6.66
CA PHE A 356 40.91 -16.25 8.13
C PHE A 356 42.00 -17.05 8.83
N LEU A 357 42.20 -18.31 8.41
CA LEU A 357 43.16 -19.25 9.07
C LEU A 357 44.61 -18.81 8.81
N LEU A 358 44.92 -18.31 7.61
CA LEU A 358 46.28 -17.79 7.28
C LEU A 358 46.66 -16.67 8.25
N ARG A 359 45.73 -15.73 8.49
CA ARG A 359 45.92 -14.59 9.42
C ARG A 359 46.21 -15.11 10.83
N LYS A 360 45.35 -16.00 11.35
CA LYS A 360 45.48 -16.59 12.71
C LYS A 360 46.79 -17.38 12.82
N ALA A 361 47.19 -18.07 11.75
CA ALA A 361 48.44 -18.88 11.68
C ALA A 361 49.64 -17.95 11.90
N TYR A 362 49.64 -16.77 11.28
CA TYR A 362 50.73 -15.78 11.43
C TYR A 362 50.80 -15.32 12.89
N LYS A 363 49.65 -14.97 13.48
CA LYS A 363 49.54 -14.51 14.89
C LYS A 363 50.14 -15.55 15.84
N ARG A 364 49.99 -16.84 15.52
CA ARG A 364 50.33 -17.97 16.43
C ARG A 364 51.65 -18.64 16.00
N ASN A 365 52.37 -18.06 15.05
CA ASN A 365 53.67 -18.60 14.54
C ASN A 365 53.46 -20.03 14.03
N GLU A 366 52.33 -20.28 13.37
CA GLU A 366 52.00 -21.58 12.73
C GLU A 366 52.37 -21.51 11.24
N LEU A 367 53.29 -22.37 10.81
CA LEU A 367 53.64 -22.56 9.38
C LEU A 367 52.41 -23.15 8.69
N ALA A 368 52.05 -22.59 7.53
CA ALA A 368 50.83 -22.94 6.76
C ALA A 368 51.12 -24.13 5.84
N PRO A 369 50.30 -25.20 5.90
CA PRO A 369 50.38 -26.28 4.92
C PRO A 369 50.24 -25.74 3.49
N ASN A 370 50.81 -26.45 2.52
CA ASN A 370 50.74 -26.08 1.09
C ASN A 370 49.36 -26.50 0.56
N LYS A 371 48.85 -25.78 -0.44
CA LYS A 371 47.76 -26.23 -1.33
C LYS A 371 48.22 -27.53 -1.99
N PRO A 372 47.35 -28.56 -2.11
CA PRO A 372 47.75 -29.83 -2.72
C PRO A 372 48.07 -29.66 -4.21
N ASP A 373 49.06 -30.43 -4.70
CA ASP A 373 49.38 -30.58 -6.14
C ASP A 373 48.41 -31.60 -6.75
N GLU A 374 48.46 -31.80 -8.08
CA GLU A 374 47.57 -32.72 -8.84
C GLU A 374 47.57 -34.11 -8.20
N ARG A 375 48.73 -34.61 -7.77
CA ARG A 375 48.91 -35.99 -7.25
C ARG A 375 48.28 -36.10 -5.85
N GLU A 376 48.52 -35.12 -4.97
CA GLU A 376 47.92 -35.07 -3.61
C GLU A 376 46.40 -34.89 -3.73
N LEU A 377 45.95 -34.04 -4.67
CA LEU A 377 44.52 -33.75 -4.93
C LEU A 377 43.79 -35.04 -5.33
N ALA A 378 44.44 -35.89 -6.13
CA ALA A 378 43.92 -37.20 -6.59
C ALA A 378 43.72 -38.14 -5.40
N ARG A 379 44.61 -38.08 -4.41
CA ARG A 379 44.59 -38.94 -3.18
C ARG A 379 43.41 -38.56 -2.27
N ARG A 380 42.87 -37.33 -2.40
CA ARG A 380 41.76 -36.81 -1.56
C ARG A 380 40.41 -37.03 -2.26
N ARG A 381 40.38 -37.80 -3.35
CA ARG A 381 39.19 -38.00 -4.22
C ARG A 381 38.07 -38.67 -3.41
N GLY A 382 38.41 -39.68 -2.60
CA GLY A 382 37.45 -40.51 -1.84
C GLY A 382 36.59 -39.69 -0.89
N GLY A 383 35.32 -40.09 -0.73
CA GLY A 383 34.37 -39.49 0.23
C GLY A 383 34.48 -40.10 1.62
N TYR A 384 33.43 -39.96 2.43
CA TYR A 384 33.33 -40.50 3.82
C TYR A 384 31.87 -40.41 4.27
N ALA A 385 31.51 -41.11 5.35
CA ALA A 385 30.12 -41.22 5.86
C ALA A 385 29.65 -39.85 6.40
N GLY A 386 28.39 -39.48 6.11
CA GLY A 386 27.84 -38.14 6.40
C GLY A 386 26.89 -38.16 7.57
N GLY A 387 25.78 -37.41 7.46
CA GLY A 387 24.71 -37.36 8.45
C GLY A 387 23.85 -38.62 8.44
N TYR A 388 23.18 -38.88 9.56
CA TYR A 388 22.16 -39.95 9.72
C TYR A 388 20.79 -39.40 9.34
N VAL A 389 20.13 -40.04 8.37
CA VAL A 389 18.73 -39.72 7.97
C VAL A 389 17.88 -40.95 8.25
N LYS A 390 17.00 -40.86 9.25
CA LYS A 390 16.01 -41.91 9.61
C LYS A 390 14.92 -41.93 8.52
N GLU A 391 14.55 -43.11 8.03
CA GLU A 391 13.36 -43.30 7.16
C GLU A 391 12.14 -42.84 7.97
N PRO A 392 11.40 -41.81 7.50
CA PRO A 392 10.28 -41.28 8.27
C PRO A 392 9.11 -42.26 8.36
N GLU A 393 8.30 -42.11 9.40
CA GLU A 393 6.96 -42.75 9.52
C GLU A 393 6.02 -41.92 8.64
N ARG A 394 5.78 -42.37 7.40
CA ARG A 394 5.02 -41.59 6.38
C ARG A 394 3.59 -41.37 6.87
N GLY A 395 2.99 -40.24 6.45
CA GLY A 395 1.56 -39.94 6.66
C GLY A 395 1.34 -38.70 7.51
N LEU A 396 0.12 -38.54 8.01
CA LEU A 396 -0.36 -37.37 8.80
C LEU A 396 -0.32 -37.71 10.29
N TRP A 397 0.34 -36.87 11.09
CA TRP A 397 0.53 -37.08 12.56
C TRP A 397 0.19 -35.78 13.31
N ASP A 398 -0.24 -35.92 14.58
CA ASP A 398 -0.66 -34.79 15.46
C ASP A 398 0.34 -34.61 16.58
N ASN A 399 0.41 -33.39 17.13
CA ASN A 399 1.13 -33.05 18.39
C ASN A 399 2.60 -33.46 18.27
N ILE A 400 3.35 -32.67 17.49
CA ILE A 400 4.77 -32.97 17.10
C ILE A 400 5.69 -31.91 17.72
N VAL A 401 6.79 -32.34 18.32
CA VAL A 401 7.87 -31.46 18.83
C VAL A 401 9.09 -31.63 17.92
N TYR A 402 9.75 -30.53 17.55
CA TYR A 402 11.05 -30.55 16.84
C TYR A 402 12.16 -30.26 17.85
N LEU A 403 13.01 -31.25 18.11
CA LEU A 403 14.23 -31.12 18.95
C LEU A 403 15.47 -31.18 18.03
N ASP A 404 16.40 -30.24 18.18
CA ASP A 404 17.68 -30.22 17.42
C ASP A 404 18.83 -29.82 18.34
N PHE A 405 20.05 -30.23 17.99
CA PHE A 405 21.31 -29.78 18.63
C PHE A 405 21.58 -28.34 18.18
N ARG A 406 22.31 -27.60 19.00
CA ARG A 406 22.86 -26.25 18.70
C ARG A 406 24.27 -26.44 18.14
N SER A 407 24.59 -25.84 16.99
CA SER A 407 25.91 -25.90 16.33
C SER A 407 26.62 -27.25 16.61
N LEU A 408 26.01 -28.36 16.16
CA LEU A 408 26.45 -29.74 16.51
C LEU A 408 27.92 -29.95 16.13
N TYR A 409 28.29 -29.62 14.90
CA TYR A 409 29.65 -29.86 14.35
C TYR A 409 30.65 -28.95 15.03
N PRO A 410 30.41 -27.62 15.16
CA PRO A 410 31.25 -26.76 16.01
C PRO A 410 31.32 -27.23 17.47
N SER A 411 30.19 -27.62 18.06
CA SER A 411 30.10 -28.21 19.43
C SER A 411 31.11 -29.35 19.54
N ILE A 412 31.11 -30.23 18.52
CA ILE A 412 31.93 -31.49 18.50
C ILE A 412 33.41 -31.11 18.34
N ILE A 413 33.72 -30.28 17.34
CA ILE A 413 35.13 -29.87 17.04
C ILE A 413 35.74 -29.28 18.32
N ILE A 414 35.00 -28.44 19.05
CA ILE A 414 35.46 -27.80 20.33
C ILE A 414 35.54 -28.86 21.43
N THR A 415 34.44 -29.56 21.70
CA THR A 415 34.31 -30.52 22.85
C THR A 415 35.34 -31.64 22.73
N HIS A 416 35.52 -32.23 21.54
CA HIS A 416 36.41 -33.40 21.30
C HIS A 416 37.78 -32.96 20.76
N ASN A 417 38.00 -31.65 20.61
CA ASN A 417 39.31 -31.06 20.24
C ASN A 417 39.78 -31.65 18.90
N VAL A 418 38.89 -31.72 17.91
CA VAL A 418 39.12 -32.34 16.58
C VAL A 418 39.95 -31.38 15.73
N SER A 419 41.21 -31.72 15.44
CA SER A 419 42.18 -30.87 14.71
C SER A 419 43.31 -31.73 14.15
N PRO A 420 43.89 -31.38 12.98
CA PRO A 420 45.01 -32.13 12.43
C PRO A 420 46.19 -32.23 13.41
N ASP A 421 46.42 -31.18 14.20
CA ASP A 421 47.59 -31.08 15.12
C ASP A 421 47.33 -31.88 16.41
N THR A 422 46.11 -32.37 16.64
CA THR A 422 45.76 -33.23 17.81
C THR A 422 45.52 -34.68 17.37
N LEU A 423 45.47 -34.94 16.06
CA LEU A 423 45.21 -36.30 15.49
C LEU A 423 46.44 -37.19 15.70
N ASN A 424 46.26 -38.30 16.44
CA ASN A 424 47.29 -39.35 16.67
C ASN A 424 48.60 -38.71 17.16
N ARG A 425 48.52 -37.76 18.09
CA ARG A 425 49.70 -37.14 18.72
C ARG A 425 50.39 -38.20 19.59
N GLU A 426 51.73 -38.26 19.54
CA GLU A 426 52.55 -39.31 20.19
C GLU A 426 52.66 -39.03 21.70
N GLY A 427 52.27 -40.00 22.52
CA GLY A 427 52.40 -39.96 24.00
C GLY A 427 51.51 -38.90 24.62
N CYS A 428 50.24 -38.81 24.21
CA CYS A 428 49.23 -37.91 24.84
C CYS A 428 48.72 -38.57 26.13
N LYS A 429 48.59 -37.77 27.19
CA LYS A 429 48.08 -38.21 28.52
C LYS A 429 46.62 -38.64 28.39
N GLU A 430 45.78 -37.85 27.72
CA GLU A 430 44.31 -38.10 27.56
C GLU A 430 43.93 -38.05 26.08
N TYR A 431 42.92 -38.85 25.68
CA TYR A 431 42.40 -38.98 24.29
C TYR A 431 40.87 -38.93 24.28
N ASP A 432 40.31 -38.40 23.19
CA ASP A 432 38.91 -38.65 22.74
C ASP A 432 38.98 -39.49 21.46
N VAL A 433 38.21 -40.57 21.40
CA VAL A 433 38.24 -41.58 20.29
C VAL A 433 36.92 -41.50 19.53
N ALA A 434 36.99 -41.27 18.21
CA ALA A 434 35.82 -41.20 17.30
C ALA A 434 35.13 -42.57 17.28
N PRO A 435 33.78 -42.63 17.37
CA PRO A 435 33.04 -43.88 17.57
C PRO A 435 33.28 -45.02 16.57
N GLU A 436 33.11 -44.79 15.27
CA GLU A 436 33.23 -45.85 14.23
C GLU A 436 34.60 -45.78 13.55
N VAL A 437 35.10 -44.56 13.31
CA VAL A 437 36.33 -44.29 12.53
C VAL A 437 37.56 -44.62 13.39
N GLY A 438 37.47 -44.38 14.70
CA GLY A 438 38.50 -44.77 15.69
C GLY A 438 39.74 -43.90 15.62
N HIS A 439 39.59 -42.62 15.29
CA HIS A 439 40.69 -41.62 15.32
C HIS A 439 40.84 -41.07 16.74
N LYS A 440 42.07 -41.11 17.28
CA LYS A 440 42.43 -40.55 18.60
C LYS A 440 42.72 -39.06 18.44
N PHE A 441 42.08 -38.22 19.27
CA PHE A 441 42.37 -36.76 19.36
C PHE A 441 42.85 -36.41 20.76
N CYS A 442 44.06 -35.84 20.83
CA CYS A 442 44.74 -35.36 22.06
C CYS A 442 43.89 -34.32 22.77
N LYS A 443 43.83 -34.39 24.10
CA LYS A 443 43.09 -33.43 24.97
C LYS A 443 44.07 -32.63 25.83
N ASP A 444 45.36 -32.91 25.76
CA ASP A 444 46.42 -32.30 26.62
C ASP A 444 46.55 -30.80 26.33
N PHE A 445 46.55 -30.44 25.05
CA PHE A 445 46.68 -29.03 24.59
C PHE A 445 45.57 -28.74 23.59
N PRO A 446 45.08 -27.48 23.52
CA PRO A 446 44.02 -27.12 22.57
C PRO A 446 44.52 -27.11 21.12
N GLY A 447 43.71 -27.62 20.20
CA GLY A 447 43.99 -27.64 18.76
C GLY A 447 43.76 -26.28 18.14
N PHE A 448 44.43 -25.99 17.02
CA PHE A 448 44.39 -24.69 16.29
C PHE A 448 42.94 -24.30 16.02
N ILE A 449 42.21 -25.06 15.19
CA ILE A 449 40.81 -24.76 14.78
C ILE A 449 39.92 -24.74 16.02
N PRO A 450 39.92 -25.80 16.87
CA PRO A 450 39.11 -25.81 18.09
C PRO A 450 39.24 -24.52 18.89
N SER A 451 40.49 -24.07 19.11
CA SER A 451 40.84 -22.85 19.87
C SER A 451 40.24 -21.61 19.20
N LEU A 452 40.41 -21.47 17.87
CA LEU A 452 39.82 -20.34 17.10
C LEU A 452 38.31 -20.38 17.27
N LEU A 453 37.72 -21.58 17.28
CA LEU A 453 36.26 -21.80 17.38
C LEU A 453 35.79 -21.34 18.78
N GLY A 454 36.54 -21.70 19.82
CA GLY A 454 36.34 -21.18 21.19
C GLY A 454 36.32 -19.66 21.21
N ASP A 455 37.36 -19.04 20.64
CA ASP A 455 37.48 -17.56 20.48
C ASP A 455 36.19 -16.99 19.85
N LEU A 456 35.68 -17.62 18.80
CA LEU A 456 34.53 -17.08 18.01
C LEU A 456 33.24 -17.17 18.83
N LEU A 457 33.04 -18.27 19.56
CA LEU A 457 31.86 -18.45 20.46
C LEU A 457 31.86 -17.35 21.54
N GLU A 458 33.00 -17.08 22.16
CA GLU A 458 33.14 -16.05 23.23
C GLU A 458 33.01 -14.65 22.60
N GLU A 459 33.61 -14.43 21.43
CA GLU A 459 33.56 -13.13 20.70
C GLU A 459 32.09 -12.80 20.44
N ARG A 460 31.27 -13.81 20.14
CA ARG A 460 29.83 -13.67 19.79
C ARG A 460 29.02 -13.33 21.05
N GLN A 461 29.36 -13.91 22.20
CA GLN A 461 28.78 -13.59 23.52
C GLN A 461 28.96 -12.10 23.81
N LYS A 462 30.20 -11.61 23.66
CA LYS A 462 30.59 -10.19 23.88
C LYS A 462 29.70 -9.29 23.00
N ILE A 463 29.54 -9.64 21.73
CA ILE A 463 28.79 -8.82 20.73
C ILE A 463 27.31 -8.79 21.13
N LYS A 464 26.77 -9.93 21.56
CA LYS A 464 25.33 -10.08 21.93
C LYS A 464 25.03 -9.25 23.19
N ARG A 465 26.01 -9.12 24.10
CA ARG A 465 25.92 -8.25 25.31
C ARG A 465 25.95 -6.78 24.90
N LYS A 466 26.84 -6.42 23.96
CA LYS A 466 27.02 -5.02 23.48
C LYS A 466 25.74 -4.54 22.75
N MET A 467 25.04 -5.46 22.08
CA MET A 467 23.81 -5.18 21.29
C MET A 467 22.65 -4.76 22.20
N LYS A 468 22.49 -5.42 23.35
CA LYS A 468 21.44 -5.12 24.37
C LYS A 468 21.72 -3.74 24.99
N ALA A 469 23.00 -3.39 25.16
CA ALA A 469 23.45 -2.19 25.89
C ALA A 469 23.83 -1.05 24.93
N THR A 470 23.25 -1.00 23.72
CA THR A 470 23.49 0.06 22.71
C THR A 470 22.15 0.67 22.30
N VAL A 471 22.04 2.00 22.33
CA VAL A 471 20.81 2.79 21.99
C VAL A 471 20.74 2.93 20.46
N ASP A 472 21.87 3.24 19.81
CA ASP A 472 21.96 3.58 18.36
C ASP A 472 21.46 2.40 17.53
N PRO A 473 20.38 2.56 16.73
CA PRO A 473 19.90 1.49 15.86
C PRO A 473 20.86 1.04 14.76
N LEU A 474 21.75 1.92 14.30
CA LEU A 474 22.72 1.63 13.20
C LEU A 474 23.79 0.66 13.73
N GLU A 475 24.47 1.03 14.81
CA GLU A 475 25.54 0.23 15.47
C GLU A 475 24.99 -1.14 15.91
N LYS A 476 23.70 -1.21 16.24
CA LYS A 476 22.99 -2.46 16.63
C LYS A 476 22.97 -3.41 15.42
N LYS A 477 22.61 -2.89 14.24
CA LYS A 477 22.54 -3.64 12.96
C LYS A 477 23.93 -4.14 12.57
N LEU A 478 24.95 -3.27 12.70
CA LEU A 478 26.37 -3.56 12.36
C LEU A 478 26.90 -4.71 13.24
N LEU A 479 26.60 -4.67 14.54
CA LEU A 479 27.01 -5.74 15.49
C LEU A 479 26.22 -7.01 15.21
N ASP A 480 24.99 -6.88 14.70
CA ASP A 480 24.09 -8.01 14.39
C ASP A 480 24.64 -8.77 13.18
N TYR A 481 25.16 -8.05 12.18
CA TYR A 481 25.87 -8.63 11.01
C TYR A 481 27.10 -9.39 11.50
N ARG A 482 27.93 -8.75 12.33
CA ARG A 482 29.21 -9.29 12.84
C ARG A 482 28.97 -10.64 13.51
N GLN A 483 27.97 -10.75 14.39
CA GLN A 483 27.70 -11.97 15.19
C GLN A 483 27.05 -13.03 14.30
N ARG A 484 26.24 -12.62 13.31
CA ARG A 484 25.59 -13.53 12.33
C ARG A 484 26.67 -14.11 11.38
N LEU A 485 27.63 -13.28 10.98
CA LEU A 485 28.77 -13.68 10.11
C LEU A 485 29.73 -14.59 10.87
N ILE A 486 29.97 -14.31 12.15
CA ILE A 486 30.78 -15.18 13.05
C ILE A 486 30.12 -16.57 13.09
N LYS A 487 28.78 -16.62 13.22
CA LYS A 487 28.04 -17.90 13.36
C LYS A 487 28.24 -18.75 12.09
N ILE A 488 28.21 -18.09 10.93
CA ILE A 488 28.41 -18.74 9.59
C ILE A 488 29.87 -19.23 9.50
N LEU A 489 30.86 -18.37 9.79
CA LEU A 489 32.30 -18.74 9.72
C LEU A 489 32.52 -20.01 10.55
N ALA A 490 31.96 -20.03 11.75
CA ALA A 490 32.05 -21.17 12.70
C ALA A 490 31.49 -22.44 12.07
N ASN A 491 30.36 -22.36 11.36
CA ASN A 491 29.67 -23.54 10.77
C ASN A 491 30.32 -23.95 9.45
N SER A 492 31.40 -23.27 9.05
CA SER A 492 32.13 -23.51 7.76
C SER A 492 33.34 -24.43 7.98
N PHE A 493 33.83 -24.53 9.22
CA PHE A 493 35.08 -25.27 9.54
C PHE A 493 34.91 -26.77 9.24
N TYR A 494 33.77 -27.38 9.54
CA TYR A 494 33.52 -28.82 9.24
C TYR A 494 33.77 -29.05 7.74
N GLY A 495 33.01 -28.34 6.90
CA GLY A 495 33.06 -28.49 5.42
C GLY A 495 34.47 -28.28 4.88
N TYR A 496 35.19 -27.30 5.44
CA TYR A 496 36.56 -26.95 4.99
C TYR A 496 37.52 -28.10 5.30
N TYR A 497 37.34 -28.77 6.44
CA TYR A 497 38.12 -29.98 6.82
C TYR A 497 38.04 -31.03 5.70
N GLY A 498 36.87 -31.15 5.05
CA GLY A 498 36.57 -32.17 4.03
C GLY A 498 36.76 -31.66 2.61
N TYR A 499 37.30 -30.46 2.44
CA TYR A 499 37.46 -29.78 1.13
C TYR A 499 38.86 -30.07 0.59
N ALA A 500 38.93 -30.95 -0.41
CA ALA A 500 40.17 -31.48 -1.04
C ALA A 500 41.20 -30.37 -1.27
N LYS A 501 40.79 -29.19 -1.72
CA LYS A 501 41.72 -28.09 -2.09
C LYS A 501 42.20 -27.31 -0.87
N ALA A 502 41.68 -27.61 0.33
CA ALA A 502 42.01 -26.90 1.59
C ALA A 502 43.45 -27.17 2.01
N ARG A 503 44.15 -26.13 2.47
CA ARG A 503 45.48 -26.25 3.12
C ARG A 503 45.36 -27.14 4.36
N TRP A 504 44.42 -26.82 5.27
CA TRP A 504 44.21 -27.57 6.53
C TRP A 504 43.12 -28.62 6.33
N TYR A 505 43.02 -29.19 5.12
CA TYR A 505 42.25 -30.42 4.80
C TYR A 505 42.63 -31.50 5.82
N CYS A 506 41.65 -32.25 6.31
CA CYS A 506 41.84 -33.38 7.25
C CYS A 506 40.60 -34.29 7.14
N LYS A 507 40.68 -35.32 6.30
CA LYS A 507 39.58 -36.30 6.12
C LYS A 507 39.25 -36.90 7.48
N GLU A 508 40.27 -37.32 8.22
CA GLU A 508 40.14 -37.97 9.56
C GLU A 508 39.34 -37.06 10.50
N CYS A 509 39.61 -35.76 10.49
CA CYS A 509 38.85 -34.73 11.26
C CYS A 509 37.39 -34.72 10.81
N ALA A 510 37.13 -34.57 9.51
CA ALA A 510 35.77 -34.50 8.93
C ALA A 510 34.98 -35.77 9.27
N GLU A 511 35.58 -36.94 9.02
CA GLU A 511 35.04 -38.29 9.31
C GLU A 511 34.61 -38.39 10.78
N SER A 512 35.48 -37.91 11.68
CA SER A 512 35.30 -38.01 13.15
C SER A 512 34.11 -37.16 13.58
N VAL A 513 33.98 -35.96 13.01
CA VAL A 513 32.86 -35.02 13.31
C VAL A 513 31.52 -35.69 12.96
N THR A 514 31.37 -36.18 11.73
CA THR A 514 30.10 -36.79 11.24
C THR A 514 29.78 -38.03 12.07
N ALA A 515 30.81 -38.81 12.43
CA ALA A 515 30.72 -40.06 13.21
C ALA A 515 30.17 -39.74 14.60
N TRP A 516 30.75 -38.75 15.27
CA TRP A 516 30.26 -38.25 16.59
C TRP A 516 28.82 -37.77 16.41
N GLY A 517 28.55 -36.98 15.37
CA GLY A 517 27.20 -36.51 15.04
C GLY A 517 26.22 -37.67 15.06
N ARG A 518 26.55 -38.75 14.33
CA ARG A 518 25.68 -39.94 14.18
C ARG A 518 25.50 -40.61 15.54
N GLU A 519 26.59 -40.74 16.32
CA GLU A 519 26.54 -41.31 17.69
C GLU A 519 25.48 -40.58 18.51
N TYR A 520 25.51 -39.24 18.49
CA TYR A 520 24.69 -38.37 19.39
C TYR A 520 23.23 -38.38 18.93
N ILE A 521 22.96 -38.16 17.64
CA ILE A 521 21.56 -38.13 17.14
C ILE A 521 20.91 -39.49 17.38
N GLU A 522 21.65 -40.58 17.15
CA GLU A 522 21.11 -41.98 17.27
C GLU A 522 20.90 -42.30 18.75
N MET A 523 21.83 -41.88 19.61
CA MET A 523 21.71 -42.05 21.08
C MET A 523 20.44 -41.34 21.57
N VAL A 524 20.22 -40.10 21.16
CA VAL A 524 19.05 -39.26 21.56
C VAL A 524 17.76 -40.00 21.16
N ILE A 525 17.68 -40.48 19.92
CA ILE A 525 16.50 -41.20 19.35
C ILE A 525 16.23 -42.45 20.18
N ARG A 526 17.28 -43.23 20.47
CA ARG A 526 17.21 -44.52 21.21
C ARG A 526 16.66 -44.24 22.61
N GLU A 527 17.22 -43.24 23.30
CA GLU A 527 16.77 -42.77 24.65
C GLU A 527 15.31 -42.35 24.58
N LEU A 528 14.94 -41.53 23.60
CA LEU A 528 13.59 -40.92 23.46
C LEU A 528 12.52 -42.01 23.29
N GLU A 529 12.86 -43.14 22.67
CA GLU A 529 11.88 -44.20 22.27
C GLU A 529 11.79 -45.32 23.32
N GLU A 530 12.92 -45.71 23.89
CA GLU A 530 13.01 -46.85 24.85
C GLU A 530 12.66 -46.38 26.26
N LYS A 531 13.37 -45.38 26.79
CA LYS A 531 13.20 -44.85 28.16
C LYS A 531 11.91 -44.03 28.27
N PHE A 532 11.73 -43.02 27.41
CA PHE A 532 10.59 -42.06 27.44
C PHE A 532 9.50 -42.62 26.52
N GLY A 533 8.39 -41.89 26.36
CA GLY A 533 7.17 -42.43 25.73
C GLY A 533 7.08 -42.18 24.23
N PHE A 534 8.15 -41.70 23.61
CA PHE A 534 8.12 -41.03 22.28
C PHE A 534 8.24 -42.03 21.14
N LYS A 535 7.57 -41.71 20.02
CA LYS A 535 7.77 -42.30 18.67
C LYS A 535 8.47 -41.23 17.82
N VAL A 536 9.70 -41.50 17.39
CA VAL A 536 10.48 -40.56 16.53
C VAL A 536 9.98 -40.72 15.08
N LEU A 537 9.32 -39.69 14.57
CA LEU A 537 8.64 -39.71 13.25
C LEU A 537 9.69 -39.58 12.13
N TYR A 538 10.65 -38.66 12.31
CA TYR A 538 11.70 -38.33 11.33
C TYR A 538 12.90 -37.75 12.07
N ALA A 539 14.09 -37.96 11.54
CA ALA A 539 15.36 -37.44 12.08
C ALA A 539 16.34 -37.25 10.93
N ASP A 540 16.82 -36.02 10.74
CA ASP A 540 17.93 -35.67 9.81
C ASP A 540 19.17 -35.52 10.69
N THR A 541 20.24 -34.88 10.20
CA THR A 541 21.61 -34.96 10.76
C THR A 541 21.62 -34.63 12.26
N ASP A 542 21.02 -33.51 12.67
CA ASP A 542 21.23 -32.88 14.00
C ASP A 542 19.88 -32.53 14.67
N GLY A 543 18.79 -33.13 14.23
CA GLY A 543 17.44 -32.80 14.69
C GLY A 543 16.45 -33.91 14.43
N LEU A 544 15.40 -34.00 15.24
CA LEU A 544 14.39 -35.08 15.19
C LEU A 544 12.98 -34.49 15.39
N HIS A 545 11.98 -35.12 14.77
CA HIS A 545 10.53 -34.85 14.95
C HIS A 545 9.93 -36.02 15.74
N ALA A 546 9.36 -35.76 16.92
CA ALA A 546 8.82 -36.81 17.82
C ALA A 546 7.41 -36.43 18.31
N THR A 547 6.65 -37.44 18.71
CA THR A 547 5.33 -37.32 19.39
C THR A 547 5.21 -38.47 20.40
N ILE A 548 4.25 -38.37 21.32
CA ILE A 548 3.73 -39.51 22.13
C ILE A 548 2.33 -39.81 21.60
N PRO A 549 2.09 -40.97 20.95
CA PRO A 549 0.83 -41.22 20.24
C PRO A 549 -0.45 -40.97 21.08
N GLY A 550 -0.61 -41.62 22.24
CA GLY A 550 -1.84 -41.54 23.03
C GLY A 550 -1.87 -40.33 23.95
N ALA A 551 -1.41 -39.16 23.47
CA ALA A 551 -1.16 -37.95 24.29
C ALA A 551 -1.71 -36.70 23.58
N ASP A 552 -1.83 -35.60 24.33
CA ASP A 552 -2.32 -34.27 23.85
C ASP A 552 -1.17 -33.25 23.89
N ALA A 553 -1.41 -32.07 23.31
CA ALA A 553 -0.41 -31.00 23.07
C ALA A 553 0.37 -30.69 24.35
N GLU A 554 -0.34 -30.37 25.43
CA GLU A 554 0.24 -29.88 26.71
C GLU A 554 1.17 -30.95 27.31
N THR A 555 0.81 -32.23 27.15
CA THR A 555 1.58 -33.41 27.63
C THR A 555 2.89 -33.53 26.85
N VAL A 556 2.81 -33.55 25.51
CA VAL A 556 3.95 -33.74 24.57
C VAL A 556 5.01 -32.67 24.85
N LYS A 557 4.58 -31.41 25.04
CA LYS A 557 5.47 -30.25 25.34
C LYS A 557 6.14 -30.45 26.70
N LYS A 558 5.36 -30.80 27.73
CA LYS A 558 5.84 -30.96 29.13
C LYS A 558 6.89 -32.07 29.18
N LYS A 559 6.60 -33.24 28.57
CA LYS A 559 7.48 -34.44 28.58
C LYS A 559 8.76 -34.16 27.76
N ALA A 560 8.67 -33.29 26.74
CA ALA A 560 9.81 -32.93 25.85
C ALA A 560 10.83 -32.10 26.63
N LYS A 561 10.39 -31.02 27.27
CA LYS A 561 11.24 -30.12 28.11
C LYS A 561 11.87 -30.93 29.25
N GLU A 562 11.12 -31.88 29.82
CA GLU A 562 11.63 -32.82 30.85
C GLU A 562 12.82 -33.59 30.28
N PHE A 563 12.66 -34.13 29.07
CA PHE A 563 13.71 -34.93 28.37
C PHE A 563 14.97 -34.09 28.18
N LEU A 564 14.84 -32.81 27.80
CA LEU A 564 16.00 -31.87 27.67
C LEU A 564 16.71 -31.76 29.02
N LYS A 565 15.97 -31.54 30.12
CA LYS A 565 16.52 -31.41 31.50
C LYS A 565 17.28 -32.69 31.86
N TYR A 566 16.82 -33.86 31.36
CA TYR A 566 17.46 -35.19 31.57
C TYR A 566 18.75 -35.29 30.73
N ILE A 567 18.62 -35.19 29.40
CA ILE A 567 19.68 -35.61 28.43
C ILE A 567 20.87 -34.63 28.48
N ASN A 568 20.62 -33.33 28.57
CA ASN A 568 21.66 -32.27 28.36
C ASN A 568 22.81 -32.46 29.35
N PRO A 569 22.57 -32.60 30.67
CA PRO A 569 23.62 -32.98 31.62
C PRO A 569 24.48 -34.20 31.20
N LYS A 570 23.88 -35.19 30.52
CA LYS A 570 24.55 -36.45 30.11
C LYS A 570 25.41 -36.22 28.86
N LEU A 571 25.15 -35.16 28.08
CA LEU A 571 25.92 -34.78 26.86
C LEU A 571 27.16 -33.98 27.25
N PRO A 572 28.35 -34.31 26.70
CA PRO A 572 29.60 -33.65 27.10
C PRO A 572 29.78 -32.24 26.53
N GLY A 573 30.68 -31.46 27.15
CA GLY A 573 31.06 -30.10 26.75
C GLY A 573 29.85 -29.28 26.33
N LEU A 574 29.88 -28.68 25.14
CA LEU A 574 28.83 -27.75 24.67
C LEU A 574 27.90 -28.48 23.69
N LEU A 575 27.74 -29.79 23.87
CA LEU A 575 26.66 -30.54 23.18
C LEU A 575 25.37 -30.34 23.99
N GLU A 576 24.45 -29.54 23.45
CA GLU A 576 23.13 -29.22 24.07
C GLU A 576 22.05 -29.56 23.02
N LEU A 577 21.00 -30.25 23.44
CA LEU A 577 19.75 -30.47 22.66
C LEU A 577 18.72 -29.40 23.06
N GLU A 578 17.94 -28.89 22.10
CA GLU A 578 17.04 -27.72 22.26
C GLU A 578 15.62 -28.04 21.75
N TYR A 579 14.62 -27.50 22.44
CA TYR A 579 13.21 -27.41 21.97
C TYR A 579 13.10 -26.26 20.98
N GLU A 580 12.85 -26.56 19.69
CA GLU A 580 12.84 -25.57 18.59
C GLU A 580 11.40 -25.13 18.28
N GLY A 581 10.41 -26.00 18.49
CA GLY A 581 8.99 -25.66 18.26
C GLY A 581 8.05 -26.85 18.34
N PHE A 582 6.76 -26.56 18.55
CA PHE A 582 5.63 -27.51 18.54
C PHE A 582 4.84 -27.34 17.23
N TYR A 583 4.26 -28.42 16.71
CA TYR A 583 3.43 -28.44 15.48
C TYR A 583 2.18 -29.29 15.73
N VAL A 584 1.01 -28.72 15.40
CA VAL A 584 -0.33 -29.33 15.64
C VAL A 584 -0.43 -30.59 14.80
N ARG A 585 -0.10 -30.49 13.50
CA ARG A 585 -0.07 -31.62 12.54
C ARG A 585 1.25 -31.58 11.77
N GLY A 586 1.72 -32.75 11.33
CA GLY A 586 2.89 -32.92 10.46
C GLY A 586 2.62 -33.97 9.40
N PHE A 587 3.07 -33.69 8.17
CA PHE A 587 2.92 -34.58 6.99
C PHE A 587 4.31 -34.93 6.47
N PHE A 588 4.75 -36.18 6.69
CA PHE A 588 6.08 -36.69 6.30
C PHE A 588 5.94 -37.57 5.04
N VAL A 589 6.46 -37.09 3.91
CA VAL A 589 6.30 -37.73 2.57
C VAL A 589 7.44 -38.73 2.34
N THR A 590 8.69 -38.27 2.37
CA THR A 590 9.91 -39.09 2.27
C THR A 590 11.06 -38.37 2.96
N LYS A 591 12.25 -38.96 2.95
CA LYS A 591 13.50 -38.33 3.42
C LYS A 591 13.63 -36.96 2.75
N LYS A 592 13.86 -35.92 3.56
CA LYS A 592 14.15 -34.52 3.14
C LYS A 592 12.87 -33.83 2.65
N LYS A 593 11.70 -34.48 2.72
CA LYS A 593 10.44 -34.01 2.09
C LYS A 593 9.28 -34.17 3.07
N TYR A 594 8.88 -33.08 3.73
CA TYR A 594 7.77 -33.04 4.72
C TYR A 594 7.24 -31.61 4.87
N ALA A 595 6.12 -31.48 5.58
CA ALA A 595 5.48 -30.20 5.94
C ALA A 595 4.87 -30.31 7.34
N VAL A 596 4.90 -29.20 8.09
CA VAL A 596 4.32 -29.07 9.46
C VAL A 596 3.52 -27.78 9.52
N ILE A 597 2.54 -27.70 10.42
CA ILE A 597 1.71 -26.48 10.69
C ILE A 597 1.76 -26.21 12.20
N ASP A 598 2.06 -24.97 12.58
CA ASP A 598 2.22 -24.55 14.00
C ASP A 598 0.84 -24.15 14.56
N GLU A 599 0.80 -23.73 15.83
CA GLU A 599 -0.45 -23.35 16.55
C GLU A 599 -1.06 -22.10 15.90
N GLU A 600 -0.24 -21.23 15.30
CA GLU A 600 -0.65 -19.94 14.70
C GLU A 600 -1.16 -20.15 13.26
N GLY A 601 -0.99 -21.35 12.70
CA GLY A 601 -1.53 -21.74 11.38
C GLY A 601 -0.52 -21.62 10.25
N LYS A 602 0.72 -21.22 10.57
CA LYS A 602 1.85 -21.09 9.60
C LYS A 602 2.33 -22.49 9.23
N ILE A 603 2.37 -22.82 7.93
CA ILE A 603 2.86 -24.11 7.37
C ILE A 603 4.33 -23.95 6.95
N THR A 604 5.22 -24.79 7.48
CA THR A 604 6.66 -24.87 7.09
C THR A 604 6.84 -26.05 6.13
N THR A 605 7.36 -25.76 4.94
CA THR A 605 7.57 -26.73 3.83
C THR A 605 9.07 -27.00 3.68
N ARG A 606 9.46 -28.29 3.68
CA ARG A 606 10.86 -28.74 3.49
C ARG A 606 10.93 -29.71 2.29
N GLY A 607 11.72 -29.36 1.27
CA GLY A 607 12.22 -30.28 0.24
C GLY A 607 11.20 -30.60 -0.85
N LEU A 608 9.91 -30.39 -0.59
CA LEU A 608 8.81 -30.67 -1.56
C LEU A 608 8.97 -29.76 -2.79
N GLU A 609 8.29 -30.13 -3.88
CA GLU A 609 8.31 -29.43 -5.19
C GLU A 609 8.04 -27.93 -5.00
N ILE A 610 7.23 -27.58 -3.99
CA ILE A 610 6.82 -26.18 -3.64
C ILE A 610 8.05 -25.26 -3.59
N VAL A 611 9.20 -25.74 -3.09
CA VAL A 611 10.41 -24.90 -2.80
C VAL A 611 11.40 -24.94 -3.97
N ARG A 612 11.22 -25.82 -4.97
CA ARG A 612 12.23 -26.09 -6.03
C ARG A 612 11.91 -25.26 -7.29
N ARG A 613 12.94 -24.68 -7.92
CA ARG A 613 12.81 -23.79 -9.09
C ARG A 613 12.63 -24.60 -10.37
N ASP A 614 13.05 -25.88 -10.38
CA ASP A 614 13.02 -26.75 -11.58
C ASP A 614 11.65 -27.44 -11.68
N TRP A 615 10.63 -26.89 -10.99
CA TRP A 615 9.19 -27.23 -11.16
C TRP A 615 8.42 -25.97 -11.55
N SER A 616 7.39 -26.11 -12.39
CA SER A 616 6.54 -24.99 -12.89
C SER A 616 5.72 -24.43 -11.73
N GLU A 617 5.39 -23.13 -11.77
CA GLU A 617 4.57 -22.46 -10.74
C GLU A 617 3.23 -23.19 -10.60
N ILE A 618 2.64 -23.64 -11.72
CA ILE A 618 1.30 -24.30 -11.72
C ILE A 618 1.35 -25.54 -10.81
N ALA A 619 2.44 -26.31 -10.86
CA ALA A 619 2.63 -27.54 -10.05
C ALA A 619 2.85 -27.18 -8.58
N LYS A 620 3.74 -26.22 -8.32
CA LYS A 620 4.11 -25.76 -6.96
C LYS A 620 2.86 -25.17 -6.30
N GLU A 621 2.22 -24.20 -6.96
CA GLU A 621 0.97 -23.54 -6.49
C GLU A 621 -0.08 -24.60 -6.16
N THR A 622 -0.27 -25.57 -7.05
CA THR A 622 -1.33 -26.61 -6.91
C THR A 622 -0.96 -27.54 -5.76
N GLN A 623 0.32 -27.84 -5.56
CA GLN A 623 0.80 -28.70 -4.45
C GLN A 623 0.60 -27.96 -3.11
N ALA A 624 0.85 -26.65 -3.10
CA ALA A 624 0.69 -25.77 -1.91
C ALA A 624 -0.78 -25.72 -1.49
N ARG A 625 -1.70 -25.61 -2.46
CA ARG A 625 -3.16 -25.51 -2.23
C ARG A 625 -3.71 -26.88 -1.80
N VAL A 626 -3.02 -27.97 -2.14
CA VAL A 626 -3.39 -29.36 -1.73
C VAL A 626 -2.84 -29.63 -0.32
N LEU A 627 -1.65 -29.10 0.00
CA LEU A 627 -1.06 -29.21 1.37
C LEU A 627 -1.94 -28.46 2.37
N GLU A 628 -2.30 -27.22 2.04
CA GLU A 628 -3.14 -26.32 2.88
C GLU A 628 -4.46 -27.02 3.21
N ALA A 629 -5.10 -27.63 2.20
CA ALA A 629 -6.38 -28.37 2.32
C ALA A 629 -6.25 -29.48 3.38
N ILE A 630 -5.10 -30.15 3.44
CA ILE A 630 -4.86 -31.36 4.28
C ILE A 630 -4.28 -30.95 5.65
N LEU A 631 -3.37 -29.98 5.69
CA LEU A 631 -2.66 -29.58 6.94
C LEU A 631 -3.52 -28.60 7.75
N LYS A 632 -3.99 -27.51 7.11
CA LYS A 632 -4.69 -26.38 7.77
C LYS A 632 -6.14 -26.78 8.07
N HIS A 633 -6.92 -27.07 7.02
CA HIS A 633 -8.29 -27.67 7.13
C HIS A 633 -8.12 -29.18 7.30
N GLY A 634 -9.21 -29.96 7.20
CA GLY A 634 -9.16 -31.43 7.31
C GLY A 634 -9.54 -32.13 6.02
N ASP A 635 -9.87 -31.36 4.98
CA ASP A 635 -10.68 -31.81 3.83
C ASP A 635 -9.76 -32.36 2.73
N VAL A 636 -9.71 -33.70 2.62
CA VAL A 636 -9.06 -34.44 1.49
C VAL A 636 -9.92 -34.24 0.23
N GLU A 637 -11.24 -34.11 0.40
CA GLU A 637 -12.23 -33.91 -0.70
C GLU A 637 -11.99 -32.57 -1.38
N GLU A 638 -11.56 -31.55 -0.63
CA GLU A 638 -11.26 -30.18 -1.14
C GLU A 638 -10.03 -30.24 -2.04
N ALA A 639 -9.02 -31.03 -1.65
CA ALA A 639 -7.75 -31.22 -2.38
C ALA A 639 -8.03 -31.85 -3.75
N VAL A 640 -8.93 -32.84 -3.80
CA VAL A 640 -9.34 -33.56 -5.05
C VAL A 640 -10.00 -32.57 -6.00
N ARG A 641 -10.77 -31.60 -5.49
CA ARG A 641 -11.48 -30.58 -6.31
C ARG A 641 -10.48 -29.59 -6.90
N ILE A 642 -9.38 -29.30 -6.19
CA ILE A 642 -8.32 -28.35 -6.61
C ILE A 642 -7.53 -28.94 -7.78
N VAL A 643 -7.07 -30.19 -7.64
CA VAL A 643 -6.26 -30.91 -8.67
C VAL A 643 -7.10 -31.05 -9.95
N LYS A 644 -8.39 -31.39 -9.81
CA LYS A 644 -9.34 -31.57 -10.94
C LYS A 644 -9.57 -30.21 -11.63
N GLU A 645 -9.63 -29.12 -10.87
CA GLU A 645 -9.88 -27.75 -11.39
C GLU A 645 -8.66 -27.29 -12.20
N VAL A 646 -7.45 -27.58 -11.70
CA VAL A 646 -6.17 -27.12 -12.32
C VAL A 646 -5.93 -27.91 -13.62
N THR A 647 -6.20 -29.21 -13.62
CA THR A 647 -6.05 -30.11 -14.79
C THR A 647 -7.02 -29.68 -15.90
N GLU A 648 -8.25 -29.33 -15.54
CA GLU A 648 -9.29 -28.84 -16.48
C GLU A 648 -8.81 -27.53 -17.12
N LYS A 649 -8.28 -26.60 -16.31
CA LYS A 649 -7.79 -25.27 -16.76
C LYS A 649 -6.64 -25.46 -17.77
N LEU A 650 -5.74 -26.40 -17.49
CA LEU A 650 -4.58 -26.76 -18.37
C LEU A 650 -5.11 -27.29 -19.71
N SER A 651 -6.11 -28.19 -19.67
CA SER A 651 -6.72 -28.88 -20.84
C SER A 651 -7.36 -27.87 -21.80
N LYS A 652 -7.99 -26.82 -21.27
CA LYS A 652 -8.68 -25.75 -22.06
C LYS A 652 -7.71 -24.59 -22.33
N TYR A 653 -6.42 -24.76 -22.06
CA TYR A 653 -5.32 -23.81 -22.35
C TYR A 653 -5.62 -22.43 -21.74
N GLU A 654 -6.11 -22.41 -20.50
CA GLU A 654 -6.56 -21.18 -19.80
C GLU A 654 -5.51 -20.73 -18.75
N VAL A 655 -4.61 -21.63 -18.34
CA VAL A 655 -3.49 -21.29 -17.40
C VAL A 655 -2.51 -20.39 -18.14
N PRO A 656 -2.17 -19.20 -17.58
CA PRO A 656 -1.24 -18.29 -18.25
C PRO A 656 0.16 -18.86 -18.34
N PRO A 657 0.93 -18.54 -19.42
CA PRO A 657 2.25 -19.13 -19.66
C PRO A 657 3.31 -18.81 -18.60
N GLU A 658 3.15 -17.72 -17.84
CA GLU A 658 4.06 -17.32 -16.74
C GLU A 658 4.18 -18.46 -15.72
N LYS A 659 3.13 -19.26 -15.57
CA LYS A 659 3.03 -20.34 -14.55
C LYS A 659 3.59 -21.67 -15.07
N LEU A 660 4.12 -21.70 -16.31
CA LEU A 660 4.58 -22.95 -16.99
C LEU A 660 6.10 -22.97 -17.12
N VAL A 661 6.78 -21.87 -16.78
CA VAL A 661 8.26 -21.73 -16.92
C VAL A 661 8.94 -22.65 -15.91
N ILE A 662 9.92 -23.43 -16.39
CA ILE A 662 10.79 -24.34 -15.57
C ILE A 662 12.21 -23.75 -15.62
N HIS A 663 12.86 -23.63 -14.46
CA HIS A 663 14.20 -23.01 -14.28
C HIS A 663 15.21 -24.07 -13.87
N GLU A 664 16.17 -24.39 -14.74
CA GLU A 664 17.32 -25.28 -14.42
C GLU A 664 18.61 -24.53 -14.72
N GLN A 665 19.60 -24.69 -13.83
CA GLN A 665 20.93 -24.05 -13.92
C GLN A 665 21.82 -24.84 -14.89
N ILE A 666 22.76 -24.15 -15.53
CA ILE A 666 23.91 -24.75 -16.26
C ILE A 666 25.13 -24.71 -15.32
N THR A 667 25.71 -25.87 -15.02
CA THR A 667 26.67 -26.09 -13.90
C THR A 667 28.11 -26.22 -14.41
N ARG A 668 28.29 -26.44 -15.72
CA ARG A 668 29.61 -26.73 -16.34
C ARG A 668 29.66 -26.09 -17.73
N ASP A 669 30.83 -26.11 -18.37
CA ASP A 669 31.00 -25.79 -19.82
C ASP A 669 30.13 -26.77 -20.62
N LEU A 670 29.45 -26.29 -21.66
CA LEU A 670 28.39 -27.04 -22.38
C LEU A 670 28.97 -28.33 -23.00
N ARG A 671 30.26 -28.34 -23.31
CA ARG A 671 31.00 -29.49 -23.90
C ARG A 671 31.11 -30.65 -22.90
N ASP A 672 31.08 -30.34 -21.60
CA ASP A 672 31.34 -31.31 -20.49
C ASP A 672 30.09 -32.16 -20.20
N TYR A 673 28.92 -31.79 -20.74
CA TYR A 673 27.65 -32.55 -20.55
C TYR A 673 27.73 -33.89 -21.31
N LYS A 674 27.46 -34.98 -20.58
CA LYS A 674 27.39 -36.36 -21.10
C LYS A 674 25.94 -36.67 -21.50
N ALA A 675 24.98 -36.33 -20.63
CA ALA A 675 23.53 -36.40 -20.89
C ALA A 675 23.05 -35.03 -21.38
N THR A 676 21.92 -34.99 -22.10
CA THR A 676 21.38 -33.76 -22.74
C THR A 676 19.86 -33.71 -22.54
N GLY A 677 19.42 -33.29 -21.35
CA GLY A 677 18.00 -33.02 -21.02
C GLY A 677 17.59 -31.62 -21.44
N PRO A 678 16.29 -31.25 -21.28
CA PRO A 678 15.73 -30.02 -21.82
C PRO A 678 16.55 -28.72 -21.67
N HIS A 679 16.97 -28.39 -20.45
CA HIS A 679 17.69 -27.12 -20.18
C HIS A 679 19.01 -27.09 -20.98
N VAL A 680 19.70 -28.22 -21.09
CA VAL A 680 20.98 -28.35 -21.84
C VAL A 680 20.71 -28.20 -23.35
N ALA A 681 19.68 -28.87 -23.87
CA ALA A 681 19.22 -28.78 -25.27
C ALA A 681 18.94 -27.32 -25.63
N VAL A 682 18.11 -26.64 -24.82
CA VAL A 682 17.76 -25.20 -24.96
C VAL A 682 19.04 -24.35 -24.91
N ALA A 683 19.96 -24.66 -24.00
CA ALA A 683 21.22 -23.90 -23.76
C ALA A 683 22.14 -24.00 -24.99
N LYS A 684 22.22 -25.20 -25.58
CA LYS A 684 23.09 -25.48 -26.77
C LYS A 684 22.57 -24.70 -28.00
N ARG A 685 21.25 -24.53 -28.11
CA ARG A 685 20.60 -23.79 -29.22
C ARG A 685 20.87 -22.28 -29.08
N LEU A 686 20.84 -21.76 -27.85
CA LEU A 686 21.20 -20.34 -27.55
C LEU A 686 22.69 -20.13 -27.84
N ALA A 687 23.52 -21.11 -27.49
CA ALA A 687 24.99 -21.09 -27.67
C ALA A 687 25.35 -21.05 -29.16
N ALA A 688 24.67 -21.88 -29.97
CA ALA A 688 24.81 -21.97 -31.44
C ALA A 688 24.42 -20.64 -32.10
N ARG A 689 23.45 -19.93 -31.52
CA ARG A 689 23.00 -18.59 -31.99
C ARG A 689 23.94 -17.49 -31.49
N GLY A 690 24.88 -17.83 -30.61
CA GLY A 690 25.96 -16.95 -30.15
C GLY A 690 25.60 -16.20 -28.87
N VAL A 691 24.88 -16.85 -27.96
CA VAL A 691 24.56 -16.33 -26.60
C VAL A 691 25.61 -16.88 -25.63
N LYS A 692 26.08 -16.04 -24.71
CA LYS A 692 27.08 -16.39 -23.67
C LYS A 692 26.39 -17.23 -22.59
N ILE A 693 26.69 -18.53 -22.53
CA ILE A 693 26.21 -19.47 -21.48
C ILE A 693 27.40 -19.84 -20.59
N ARG A 694 27.57 -19.11 -19.47
CA ARG A 694 28.59 -19.41 -18.43
C ARG A 694 27.99 -20.41 -17.44
N PRO A 695 28.81 -21.17 -16.68
CA PRO A 695 28.30 -21.93 -15.54
C PRO A 695 27.73 -20.97 -14.50
N GLY A 696 26.51 -21.25 -14.00
CA GLY A 696 25.73 -20.36 -13.13
C GLY A 696 24.49 -19.84 -13.83
N THR A 697 24.51 -19.77 -15.16
CA THR A 697 23.38 -19.34 -16.02
C THR A 697 22.16 -20.22 -15.72
N VAL A 698 21.02 -19.60 -15.42
CA VAL A 698 19.72 -20.29 -15.23
C VAL A 698 18.98 -20.29 -16.57
N ILE A 699 18.67 -21.47 -17.11
CA ILE A 699 17.83 -21.64 -18.33
C ILE A 699 16.36 -21.67 -17.89
N SER A 700 15.56 -20.72 -18.37
CA SER A 700 14.09 -20.65 -18.18
C SER A 700 13.42 -21.11 -19.47
N TYR A 701 12.58 -22.15 -19.43
CA TYR A 701 12.01 -22.79 -20.64
C TYR A 701 10.57 -23.26 -20.42
N ILE A 702 9.87 -23.52 -21.53
CA ILE A 702 8.45 -23.99 -21.59
C ILE A 702 8.38 -25.13 -22.62
N VAL A 703 7.56 -26.14 -22.37
CA VAL A 703 7.40 -27.35 -23.24
C VAL A 703 6.18 -27.13 -24.15
N LEU A 704 6.37 -27.23 -25.47
CA LEU A 704 5.31 -27.03 -26.49
C LEU A 704 4.63 -28.37 -26.79
N LYS A 705 3.41 -28.32 -27.32
CA LYS A 705 2.60 -29.52 -27.72
C LYS A 705 3.39 -30.32 -28.76
N GLY A 706 3.47 -31.64 -28.56
CA GLY A 706 4.18 -32.59 -29.43
C GLY A 706 4.51 -33.89 -28.70
N SER A 707 5.05 -34.89 -29.42
CA SER A 707 5.44 -36.21 -28.88
C SER A 707 6.97 -36.27 -28.72
N GLY A 708 7.48 -37.39 -28.19
CA GLY A 708 8.92 -37.70 -28.13
C GLY A 708 9.64 -36.91 -27.06
N ARG A 709 10.96 -36.79 -27.16
CA ARG A 709 11.85 -36.16 -26.15
C ARG A 709 11.34 -34.75 -25.81
N ILE A 710 11.35 -34.41 -24.51
CA ILE A 710 10.89 -33.10 -23.97
C ILE A 710 11.81 -32.02 -24.55
N GLY A 711 13.12 -32.26 -24.53
CA GLY A 711 14.16 -31.32 -25.00
C GLY A 711 13.91 -30.84 -26.42
N ASP A 712 13.31 -31.69 -27.26
CA ASP A 712 13.02 -31.37 -28.69
C ASP A 712 11.94 -30.28 -28.78
N ARG A 713 11.03 -30.18 -27.80
CA ARG A 713 9.91 -29.20 -27.80
C ARG A 713 10.16 -28.10 -26.76
N ALA A 714 11.31 -28.09 -26.10
CA ALA A 714 11.67 -27.09 -25.07
C ALA A 714 12.13 -25.80 -25.76
N ILE A 715 11.53 -24.67 -25.40
CA ILE A 715 11.79 -23.32 -25.99
C ILE A 715 12.05 -22.37 -24.83
N PRO A 716 12.99 -21.40 -24.96
CA PRO A 716 13.14 -20.34 -23.96
C PRO A 716 11.81 -19.64 -23.67
N ALA A 717 11.50 -19.42 -22.40
CA ALA A 717 10.27 -18.74 -21.91
C ALA A 717 10.10 -17.38 -22.63
N ASP A 718 11.21 -16.67 -22.87
CA ASP A 718 11.26 -15.37 -23.58
C ASP A 718 10.53 -15.46 -24.92
N GLU A 719 10.78 -16.52 -25.69
CA GLU A 719 10.46 -16.63 -27.14
C GLU A 719 9.12 -17.36 -27.34
N PHE A 720 8.40 -17.67 -26.26
CA PHE A 720 7.04 -18.25 -26.34
C PHE A 720 6.06 -17.19 -26.83
N ASP A 721 5.15 -17.56 -27.73
CA ASP A 721 4.11 -16.65 -28.33
C ASP A 721 2.82 -17.43 -28.47
N PRO A 722 1.71 -17.01 -27.81
CA PRO A 722 0.44 -17.74 -27.89
C PRO A 722 -0.12 -17.89 -29.31
N THR A 723 0.15 -16.94 -30.20
CA THR A 723 -0.33 -16.89 -31.60
C THR A 723 0.26 -18.06 -32.41
N LYS A 724 1.57 -18.29 -32.28
CA LYS A 724 2.34 -19.30 -33.07
C LYS A 724 2.42 -20.61 -32.28
N HIS A 725 2.98 -20.56 -31.07
CA HIS A 725 3.28 -21.72 -30.19
C HIS A 725 2.03 -22.09 -29.38
N ARG A 726 1.84 -23.38 -29.09
CA ARG A 726 0.84 -23.90 -28.12
C ARG A 726 1.57 -24.76 -27.07
N TYR A 727 1.44 -24.43 -25.77
CA TYR A 727 2.11 -25.16 -24.66
C TYR A 727 1.51 -26.57 -24.56
N ASP A 728 2.25 -27.52 -23.96
CA ASP A 728 1.87 -28.95 -23.87
C ASP A 728 1.02 -29.18 -22.61
N ALA A 729 -0.30 -29.09 -22.75
CA ALA A 729 -1.30 -29.37 -21.69
C ALA A 729 -1.01 -30.73 -21.05
N GLU A 730 -0.89 -31.77 -21.87
CA GLU A 730 -0.73 -33.18 -21.42
C GLU A 730 0.54 -33.31 -20.57
N TYR A 731 1.64 -32.65 -20.98
CA TYR A 731 2.93 -32.64 -20.25
C TYR A 731 2.73 -32.03 -18.86
N TYR A 732 2.13 -30.84 -18.79
CA TYR A 732 1.97 -30.06 -17.54
C TYR A 732 0.99 -30.78 -16.61
N ILE A 733 0.01 -31.51 -17.15
CA ILE A 733 -0.91 -32.36 -16.35
C ILE A 733 -0.14 -33.57 -15.81
N GLU A 734 0.43 -34.39 -16.70
CA GLU A 734 0.90 -35.76 -16.37
C GLU A 734 2.34 -35.76 -15.83
N ASN A 735 3.15 -34.74 -16.15
CA ASN A 735 4.60 -34.70 -15.78
C ASN A 735 4.88 -33.66 -14.68
N GLN A 736 4.05 -32.62 -14.53
CA GLN A 736 4.28 -31.52 -13.56
C GLN A 736 3.26 -31.58 -12.42
N VAL A 737 1.97 -31.38 -12.71
CA VAL A 737 0.90 -31.19 -11.68
C VAL A 737 0.62 -32.51 -10.97
N LEU A 738 0.17 -33.54 -11.68
CA LEU A 738 -0.33 -34.79 -11.06
C LEU A 738 0.76 -35.47 -10.24
N PRO A 739 2.02 -35.58 -10.71
CA PRO A 739 3.10 -36.13 -9.89
C PRO A 739 3.33 -35.40 -8.55
N ALA A 740 3.22 -34.06 -8.55
CA ALA A 740 3.46 -33.20 -7.37
C ALA A 740 2.37 -33.44 -6.31
N VAL A 741 1.10 -33.50 -6.74
CA VAL A 741 -0.08 -33.68 -5.83
C VAL A 741 -0.21 -35.15 -5.44
N GLU A 742 0.33 -36.08 -6.25
CA GLU A 742 0.25 -37.53 -6.00
C GLU A 742 1.25 -37.93 -4.90
N ARG A 743 2.35 -37.19 -4.72
CA ARG A 743 3.26 -37.39 -3.55
C ARG A 743 2.41 -37.40 -2.28
N ILE A 744 1.53 -36.40 -2.18
CA ILE A 744 0.67 -36.11 -0.99
C ILE A 744 -0.50 -37.10 -0.98
N LEU A 745 -1.31 -37.10 -2.03
CA LEU A 745 -2.59 -37.87 -2.10
C LEU A 745 -2.32 -39.37 -2.23
N LYS A 746 -1.09 -39.79 -2.54
CA LYS A 746 -0.66 -41.22 -2.55
C LYS A 746 -0.93 -41.87 -1.19
N ALA A 747 -0.73 -41.12 -0.10
CA ALA A 747 -0.86 -41.57 1.31
C ALA A 747 -2.33 -41.81 1.67
N PHE A 748 -3.27 -41.22 0.91
CA PHE A 748 -4.73 -41.31 1.14
C PHE A 748 -5.37 -42.25 0.11
N GLY A 749 -4.55 -43.06 -0.56
CA GLY A 749 -4.99 -44.15 -1.45
C GLY A 749 -5.69 -43.62 -2.69
N TYR A 750 -5.24 -42.48 -3.22
CA TYR A 750 -5.71 -41.90 -4.51
C TYR A 750 -4.72 -42.30 -5.60
N ARG A 751 -5.25 -42.92 -6.67
CA ARG A 751 -4.50 -43.20 -7.93
C ARG A 751 -4.26 -41.89 -8.67
N LYS A 752 -3.20 -41.81 -9.48
CA LYS A 752 -2.85 -40.61 -10.30
C LYS A 752 -3.98 -40.34 -11.30
N GLU A 753 -4.58 -41.39 -11.88
CA GLU A 753 -5.68 -41.31 -12.88
C GLU A 753 -6.95 -40.72 -12.24
N ASP A 754 -7.20 -41.04 -10.96
CA ASP A 754 -8.41 -40.62 -10.20
C ASP A 754 -8.41 -39.11 -9.96
N LEU A 755 -7.24 -38.48 -9.91
CA LEU A 755 -7.08 -37.03 -9.61
C LEU A 755 -7.22 -36.19 -10.90
N ARG A 756 -7.30 -36.83 -12.07
CA ARG A 756 -7.24 -36.18 -13.41
C ARG A 756 -8.60 -35.54 -13.76
N TYR A 757 -8.75 -35.08 -15.02
CA TYR A 757 -10.04 -34.75 -15.68
C TYR A 757 -10.52 -33.37 -15.22
N MET B 1 -29.25 21.87 -24.66
CA MET B 1 -29.12 21.79 -23.17
C MET B 1 -29.65 23.10 -22.54
N ILE B 2 -30.82 23.05 -21.90
CA ILE B 2 -31.41 24.19 -21.13
C ILE B 2 -30.63 24.34 -19.82
N LEU B 3 -30.17 25.56 -19.52
CA LEU B 3 -29.41 25.90 -18.29
C LEU B 3 -30.38 26.36 -17.21
N ASP B 4 -31.24 27.33 -17.52
CA ASP B 4 -32.22 27.96 -16.59
C ASP B 4 -33.31 28.67 -17.41
N THR B 5 -34.33 29.18 -16.72
CA THR B 5 -35.35 30.12 -17.27
C THR B 5 -35.45 31.33 -16.34
N ASP B 6 -35.96 32.44 -16.86
CA ASP B 6 -36.46 33.58 -16.07
C ASP B 6 -37.47 34.34 -16.93
N TYR B 7 -37.99 35.47 -16.44
CA TYR B 7 -38.90 36.34 -17.21
C TYR B 7 -38.46 37.79 -17.07
N ILE B 8 -38.82 38.60 -18.07
CA ILE B 8 -38.68 40.09 -18.09
C ILE B 8 -40.06 40.64 -18.47
N THR B 9 -40.27 41.94 -18.28
CA THR B 9 -41.55 42.63 -18.58
C THR B 9 -41.32 43.59 -19.74
N GLU B 10 -42.04 43.38 -20.86
CA GLU B 10 -42.03 44.27 -22.05
C GLU B 10 -43.44 44.88 -22.18
N ASN B 11 -43.57 46.18 -21.88
CA ASN B 11 -44.85 46.94 -21.91
C ASN B 11 -45.88 46.21 -21.04
N GLY B 12 -45.52 45.91 -19.79
CA GLY B 12 -46.42 45.35 -18.76
C GLY B 12 -46.81 43.91 -19.00
N LYS B 13 -46.24 43.24 -20.01
CA LYS B 13 -46.52 41.82 -20.34
C LYS B 13 -45.26 40.98 -20.09
N PRO B 14 -45.40 39.74 -19.54
CA PRO B 14 -44.25 38.90 -19.25
C PRO B 14 -43.69 38.18 -20.49
N VAL B 15 -42.36 38.11 -20.60
CA VAL B 15 -41.63 37.35 -21.67
C VAL B 15 -40.67 36.39 -20.97
N ILE B 16 -40.87 35.08 -21.22
CA ILE B 16 -39.98 33.99 -20.73
C ILE B 16 -38.66 34.05 -21.51
N ARG B 17 -37.54 33.90 -20.81
CA ARG B 17 -36.20 33.69 -21.41
C ARG B 17 -35.74 32.28 -21.05
N VAL B 18 -35.55 31.41 -22.05
CA VAL B 18 -34.94 30.07 -21.87
C VAL B 18 -33.46 30.21 -22.27
N PHE B 19 -32.55 30.03 -21.31
CA PHE B 19 -31.08 30.05 -21.47
C PHE B 19 -30.63 28.63 -21.80
N LYS B 20 -30.09 28.42 -23.01
CA LYS B 20 -29.64 27.07 -23.46
C LYS B 20 -28.22 27.17 -24.03
N LYS B 21 -27.56 26.00 -24.12
CA LYS B 21 -26.29 25.77 -24.84
C LYS B 21 -26.56 24.66 -25.88
N GLU B 22 -26.69 25.05 -27.16
CA GLU B 22 -26.92 24.13 -28.32
C GLU B 22 -25.73 24.18 -29.28
N ASN B 23 -25.20 23.02 -29.67
CA ASN B 23 -24.16 22.88 -30.75
C ASN B 23 -22.95 23.75 -30.43
N GLY B 24 -22.63 23.97 -29.15
CA GLY B 24 -21.43 24.70 -28.68
C GLY B 24 -21.65 26.19 -28.50
N GLU B 25 -22.77 26.73 -28.99
CA GLU B 25 -23.12 28.18 -28.90
C GLU B 25 -24.13 28.39 -27.78
N PHE B 26 -24.03 29.52 -27.08
CA PHE B 26 -24.99 29.98 -26.04
C PHE B 26 -26.12 30.76 -26.72
N LYS B 27 -27.36 30.47 -26.36
CA LYS B 27 -28.59 31.03 -27.00
C LYS B 27 -29.61 31.39 -25.93
N ILE B 28 -30.36 32.46 -26.14
CA ILE B 28 -31.54 32.85 -25.30
C ILE B 28 -32.78 32.86 -26.21
N GLU B 29 -33.74 31.96 -25.95
CA GLU B 29 -35.05 31.88 -26.63
C GLU B 29 -36.07 32.69 -25.81
N TYR B 30 -36.86 33.54 -26.48
CA TYR B 30 -37.92 34.38 -25.87
C TYR B 30 -39.29 33.80 -26.20
N ASP B 31 -40.17 33.70 -25.20
CA ASP B 31 -41.58 33.22 -25.33
C ASP B 31 -42.52 34.28 -24.76
N ARG B 32 -43.37 34.84 -25.62
CA ARG B 32 -44.34 35.92 -25.29
C ARG B 32 -45.74 35.34 -25.02
N THR B 33 -45.91 34.02 -25.17
CA THR B 33 -47.24 33.35 -25.27
C THR B 33 -47.72 32.82 -23.92
N PHE B 34 -46.81 32.60 -22.95
CA PHE B 34 -47.12 31.92 -21.67
C PHE B 34 -47.83 32.88 -20.72
N GLU B 35 -48.96 32.44 -20.15
CA GLU B 35 -49.82 33.22 -19.22
C GLU B 35 -49.74 32.65 -17.81
N PRO B 36 -49.58 33.50 -16.77
CA PRO B 36 -49.68 33.04 -15.38
C PRO B 36 -51.13 32.71 -15.02
N TYR B 37 -51.31 31.83 -14.03
CA TYR B 37 -52.63 31.30 -13.61
C TYR B 37 -52.52 30.68 -12.22
N PHE B 38 -53.65 30.58 -11.52
CA PHE B 38 -53.88 29.63 -10.41
C PHE B 38 -55.31 29.12 -10.52
N TYR B 39 -55.69 28.17 -9.67
CA TYR B 39 -57.02 27.51 -9.69
C TYR B 39 -57.87 28.01 -8.52
N ALA B 40 -59.18 27.93 -8.67
CA ALA B 40 -60.18 28.28 -7.64
C ALA B 40 -61.29 27.22 -7.63
N LEU B 41 -61.55 26.63 -6.46
CA LEU B 41 -62.73 25.77 -6.20
C LEU B 41 -63.89 26.66 -5.74
N LEU B 42 -64.97 26.71 -6.53
CA LEU B 42 -66.16 27.56 -6.28
C LEU B 42 -67.26 26.72 -5.62
N LYS B 43 -68.15 27.36 -4.87
CA LYS B 43 -69.37 26.76 -4.28
C LYS B 43 -70.29 26.29 -5.42
N ASP B 44 -70.42 27.13 -6.45
CA ASP B 44 -71.28 26.91 -7.64
C ASP B 44 -70.70 27.69 -8.83
N ASP B 45 -70.95 27.22 -10.06
CA ASP B 45 -70.32 27.77 -11.30
C ASP B 45 -70.93 29.14 -11.65
N SER B 46 -72.17 29.40 -11.25
CA SER B 46 -72.87 30.69 -11.51
C SER B 46 -72.06 31.86 -10.94
N ALA B 47 -71.24 31.59 -9.91
CA ALA B 47 -70.51 32.59 -9.10
C ALA B 47 -69.22 33.05 -9.79
N ILE B 48 -68.79 32.42 -10.89
CA ILE B 48 -67.54 32.78 -11.62
C ILE B 48 -67.59 34.26 -12.02
N GLU B 49 -68.78 34.75 -12.39
CA GLU B 49 -69.02 36.14 -12.87
C GLU B 49 -68.64 37.14 -11.77
N ASP B 50 -69.02 36.87 -10.51
CA ASP B 50 -68.66 37.67 -9.32
C ASP B 50 -67.13 37.68 -9.15
N VAL B 51 -66.50 36.51 -9.28
CA VAL B 51 -65.05 36.28 -9.03
C VAL B 51 -64.23 37.02 -10.11
N LYS B 52 -64.70 37.04 -11.36
CA LYS B 52 -64.07 37.75 -12.49
C LYS B 52 -64.07 39.26 -12.22
N LYS B 53 -65.09 39.75 -11.52
CA LYS B 53 -65.29 41.20 -11.21
C LYS B 53 -64.42 41.61 -10.00
N VAL B 54 -63.84 40.64 -9.27
CA VAL B 54 -62.91 40.92 -8.13
C VAL B 54 -61.66 41.60 -8.71
N THR B 55 -61.18 42.64 -8.02
CA THR B 55 -60.05 43.50 -8.47
C THR B 55 -59.03 43.63 -7.35
N ALA B 56 -57.86 44.19 -7.66
CA ALA B 56 -56.80 44.59 -6.70
C ALA B 56 -55.99 45.72 -7.35
N LYS B 57 -55.06 46.30 -6.59
CA LYS B 57 -54.14 47.37 -7.09
C LYS B 57 -52.70 46.88 -6.95
N ARG B 58 -51.88 47.12 -7.97
CA ARG B 58 -50.42 46.83 -7.98
C ARG B 58 -49.69 47.98 -8.68
N HIS B 59 -48.90 48.76 -7.93
CA HIS B 59 -48.17 49.95 -8.41
C HIS B 59 -49.17 50.93 -9.06
N GLY B 60 -50.31 51.16 -8.39
CA GLY B 60 -51.40 52.04 -8.86
C GLY B 60 -51.92 51.63 -10.24
N THR B 61 -52.16 50.32 -10.44
CA THR B 61 -52.68 49.73 -11.69
C THR B 61 -53.76 48.70 -11.34
N VAL B 62 -54.98 48.86 -11.89
CA VAL B 62 -56.16 47.99 -11.60
C VAL B 62 -55.88 46.60 -12.17
N VAL B 63 -55.74 45.59 -11.31
CA VAL B 63 -55.52 44.16 -11.72
C VAL B 63 -56.84 43.40 -11.58
N LYS B 64 -57.20 42.64 -12.62
CA LYS B 64 -58.46 41.86 -12.71
C LYS B 64 -58.13 40.46 -13.23
N VAL B 65 -59.05 39.51 -13.08
CA VAL B 65 -58.98 38.17 -13.77
C VAL B 65 -59.03 38.43 -15.27
N LYS B 66 -57.98 38.03 -16.00
CA LYS B 66 -57.85 38.20 -17.47
C LYS B 66 -58.91 37.33 -18.17
N ARG B 67 -59.03 36.08 -17.72
CA ARG B 67 -59.75 34.98 -18.42
C ARG B 67 -59.91 33.83 -17.42
N ALA B 68 -60.98 33.03 -17.53
CA ALA B 68 -61.25 31.87 -16.67
C ALA B 68 -61.82 30.73 -17.51
N GLU B 69 -61.21 29.54 -17.43
CA GLU B 69 -61.78 28.32 -18.06
C GLU B 69 -61.91 27.24 -16.98
N LYS B 70 -63.03 26.51 -17.00
CA LYS B 70 -63.36 25.41 -16.08
C LYS B 70 -62.69 24.12 -16.58
N VAL B 71 -61.90 23.47 -15.72
CA VAL B 71 -61.08 22.28 -16.07
C VAL B 71 -61.46 21.14 -15.11
N GLN B 72 -61.39 19.91 -15.61
CA GLN B 72 -61.55 18.68 -14.78
C GLN B 72 -60.14 18.21 -14.38
N LYS B 73 -59.93 18.02 -13.08
CA LYS B 73 -58.64 17.55 -12.52
C LYS B 73 -58.89 16.42 -11.53
N LYS B 74 -57.83 15.82 -11.02
CA LYS B 74 -57.88 14.88 -9.86
C LYS B 74 -57.27 15.60 -8.65
N PHE B 75 -57.94 15.55 -7.50
CA PHE B 75 -57.40 16.02 -6.20
C PHE B 75 -57.41 14.85 -5.22
N LEU B 76 -56.22 14.42 -4.79
CA LEU B 76 -56.02 13.24 -3.91
C LEU B 76 -56.98 12.13 -4.35
N GLY B 77 -56.87 11.74 -5.62
CA GLY B 77 -57.59 10.59 -6.21
C GLY B 77 -58.90 10.99 -6.86
N ARG B 78 -59.79 11.64 -6.10
CA ARG B 78 -61.16 11.99 -6.54
C ARG B 78 -61.12 13.00 -7.69
N PRO B 79 -62.03 12.89 -8.68
CA PRO B 79 -62.14 13.92 -9.72
C PRO B 79 -62.76 15.20 -9.14
N ILE B 80 -62.16 16.35 -9.45
CA ILE B 80 -62.58 17.68 -8.94
C ILE B 80 -62.74 18.64 -10.13
N GLU B 81 -63.72 19.53 -10.08
CA GLU B 81 -63.91 20.61 -11.09
C GLU B 81 -63.51 21.95 -10.47
N VAL B 82 -62.54 22.63 -11.10
CA VAL B 82 -61.99 23.94 -10.63
C VAL B 82 -61.95 24.91 -11.82
N TRP B 83 -61.76 26.19 -11.52
CA TRP B 83 -61.64 27.28 -12.52
C TRP B 83 -60.21 27.77 -12.56
N LYS B 84 -59.53 27.53 -13.68
CA LYS B 84 -58.19 28.07 -13.99
C LYS B 84 -58.37 29.57 -14.26
N LEU B 85 -57.75 30.43 -13.44
CA LEU B 85 -57.85 31.91 -13.56
C LEU B 85 -56.54 32.45 -14.14
N TYR B 86 -56.58 33.01 -15.36
CA TYR B 86 -55.41 33.60 -16.05
C TYR B 86 -55.32 35.09 -15.71
N PHE B 87 -54.09 35.62 -15.67
CA PHE B 87 -53.77 37.04 -15.37
C PHE B 87 -52.76 37.54 -16.40
N ASN B 88 -52.65 38.86 -16.57
CA ASN B 88 -51.76 39.50 -17.57
C ASN B 88 -50.30 39.31 -17.16
N HIS B 89 -49.97 39.58 -15.89
CA HIS B 89 -48.59 39.56 -15.34
C HIS B 89 -48.52 38.60 -14.16
N PRO B 90 -47.43 37.80 -13.99
CA PRO B 90 -47.30 36.90 -12.84
C PRO B 90 -47.43 37.62 -11.49
N GLN B 91 -47.07 38.90 -11.42
CA GLN B 91 -47.12 39.75 -10.21
C GLN B 91 -48.58 40.04 -9.82
N ASP B 92 -49.52 39.89 -10.76
CA ASP B 92 -50.98 40.04 -10.52
C ASP B 92 -51.41 39.01 -9.46
N VAL B 93 -50.82 37.82 -9.48
CA VAL B 93 -51.25 36.66 -8.63
C VAL B 93 -51.07 37.01 -7.16
N PRO B 94 -49.86 37.32 -6.68
CA PRO B 94 -49.67 37.71 -5.27
C PRO B 94 -50.50 38.93 -4.84
N ALA B 95 -50.81 39.83 -5.79
CA ALA B 95 -51.62 41.04 -5.57
C ALA B 95 -53.07 40.68 -5.27
N ILE B 96 -53.66 39.72 -6.00
CA ILE B 96 -55.12 39.48 -6.06
C ILE B 96 -55.54 38.20 -5.32
N ARG B 97 -54.64 37.23 -5.12
CA ARG B 97 -55.00 35.85 -4.70
C ARG B 97 -55.70 35.86 -3.34
N ASP B 98 -55.24 36.68 -2.39
CA ASP B 98 -55.81 36.77 -1.02
C ASP B 98 -57.27 37.24 -1.09
N ARG B 99 -57.59 38.13 -2.03
CA ARG B 99 -58.96 38.69 -2.20
C ARG B 99 -59.87 37.66 -2.89
N ILE B 100 -59.34 36.89 -3.85
CA ILE B 100 -60.12 35.82 -4.54
C ILE B 100 -60.43 34.71 -3.52
N ARG B 101 -59.50 34.38 -2.62
CA ARG B 101 -59.73 33.37 -1.55
C ARG B 101 -60.77 33.90 -0.55
N ALA B 102 -60.65 35.17 -0.15
CA ALA B 102 -61.54 35.87 0.81
C ALA B 102 -63.00 35.80 0.35
N HIS B 103 -63.23 35.94 -0.96
CA HIS B 103 -64.58 35.96 -1.59
C HIS B 103 -65.39 34.77 -1.10
N PRO B 104 -66.65 34.96 -0.67
CA PRO B 104 -67.42 33.89 -0.02
C PRO B 104 -67.69 32.67 -0.93
N ALA B 105 -67.85 32.89 -2.23
CA ALA B 105 -68.19 31.85 -3.23
C ALA B 105 -66.99 30.93 -3.52
N VAL B 106 -65.78 31.35 -3.12
CA VAL B 106 -64.51 30.59 -3.35
C VAL B 106 -64.19 29.73 -2.13
N VAL B 107 -64.30 28.40 -2.26
CA VAL B 107 -64.01 27.41 -1.19
C VAL B 107 -62.51 27.46 -0.89
N ASP B 108 -61.67 27.30 -1.92
CA ASP B 108 -60.19 27.38 -1.80
C ASP B 108 -59.57 27.77 -3.14
N ILE B 109 -58.27 28.10 -3.11
CA ILE B 109 -57.40 28.39 -4.29
C ILE B 109 -56.19 27.45 -4.20
N TYR B 110 -55.56 27.15 -5.34
CA TYR B 110 -54.48 26.14 -5.47
C TYR B 110 -53.42 26.62 -6.48
N GLU B 111 -52.15 26.28 -6.24
CA GLU B 111 -51.01 26.49 -7.19
C GLU B 111 -50.85 27.97 -7.50
N TYR B 112 -50.81 28.80 -6.44
CA TYR B 112 -50.83 30.29 -6.52
C TYR B 112 -49.46 30.87 -6.12
N ASP B 113 -48.52 30.02 -5.69
CA ASP B 113 -47.18 30.42 -5.18
C ASP B 113 -46.09 29.70 -5.97
N ILE B 114 -46.37 29.27 -7.20
CA ILE B 114 -45.42 28.57 -8.12
C ILE B 114 -44.72 29.64 -8.97
N PRO B 115 -43.40 29.89 -8.76
CA PRO B 115 -42.69 30.92 -9.52
C PRO B 115 -42.81 30.70 -11.04
N PHE B 116 -43.03 31.80 -11.77
CA PHE B 116 -43.45 31.83 -13.20
C PHE B 116 -42.45 31.02 -14.06
N ALA B 117 -41.15 31.32 -13.92
CA ALA B 117 -40.06 30.69 -14.70
C ALA B 117 -40.12 29.16 -14.51
N LYS B 118 -40.43 28.70 -13.29
CA LYS B 118 -40.48 27.25 -12.94
C LYS B 118 -41.80 26.64 -13.43
N ARG B 119 -42.90 27.39 -13.32
CA ARG B 119 -44.22 27.02 -13.89
C ARG B 119 -44.03 26.68 -15.39
N TYR B 120 -43.21 27.47 -16.11
CA TYR B 120 -42.92 27.33 -17.56
C TYR B 120 -42.19 26.00 -17.82
N LEU B 121 -41.09 25.75 -17.10
CA LEU B 121 -40.33 24.46 -17.15
C LEU B 121 -41.29 23.28 -17.05
N ILE B 122 -42.23 23.31 -16.11
CA ILE B 122 -43.13 22.18 -15.76
C ILE B 122 -44.18 22.01 -16.86
N ASP B 123 -44.87 23.09 -17.25
CA ASP B 123 -46.08 23.05 -18.11
C ASP B 123 -45.69 22.75 -19.56
N LYS B 124 -44.51 23.24 -19.97
CA LYS B 124 -43.94 23.03 -21.33
C LYS B 124 -43.22 21.68 -21.39
N GLY B 125 -42.98 21.06 -20.24
CA GLY B 125 -42.40 19.71 -20.11
C GLY B 125 -40.91 19.72 -20.40
N LEU B 126 -40.23 20.83 -20.10
CA LEU B 126 -38.79 21.05 -20.37
C LEU B 126 -37.96 20.49 -19.21
N ILE B 127 -36.85 19.80 -19.53
CA ILE B 127 -35.89 19.21 -18.57
C ILE B 127 -34.55 19.87 -18.78
N PRO B 128 -34.01 20.63 -17.80
CA PRO B 128 -32.69 21.24 -17.95
C PRO B 128 -31.58 20.18 -17.94
N MET B 129 -30.42 20.52 -18.51
CA MET B 129 -29.17 19.71 -18.51
C MET B 129 -29.39 18.40 -19.29
N GLU B 130 -30.21 18.42 -20.34
CA GLU B 130 -30.37 17.29 -21.28
C GLU B 130 -29.20 17.30 -22.28
N GLY B 131 -28.95 16.16 -22.94
CA GLY B 131 -27.89 15.99 -23.95
C GLY B 131 -26.50 15.94 -23.32
N ASP B 132 -25.46 15.93 -24.15
CA ASP B 132 -24.03 15.91 -23.73
C ASP B 132 -23.33 17.12 -24.36
N GLU B 133 -23.43 18.28 -23.70
CA GLU B 133 -22.85 19.58 -24.13
C GLU B 133 -21.66 19.92 -23.23
N GLU B 134 -20.45 19.97 -23.80
CA GLU B 134 -19.19 20.27 -23.06
C GLU B 134 -19.21 21.74 -22.61
N LEU B 135 -19.60 21.99 -21.36
CA LEU B 135 -19.71 23.34 -20.74
C LEU B 135 -18.33 23.80 -20.25
N THR B 136 -17.97 25.06 -20.49
CA THR B 136 -16.72 25.69 -20.00
C THR B 136 -16.96 26.24 -18.59
N MET B 137 -16.02 25.97 -17.68
CA MET B 137 -16.12 26.36 -16.24
C MET B 137 -14.92 27.25 -15.89
N LEU B 138 -15.14 28.29 -15.09
CA LEU B 138 -14.08 29.10 -14.43
C LEU B 138 -14.36 29.12 -12.92
N ALA B 139 -13.42 28.62 -12.11
CA ALA B 139 -13.38 28.82 -10.65
C ALA B 139 -12.75 30.17 -10.35
N PHE B 140 -13.12 30.80 -9.23
CA PHE B 140 -12.45 32.03 -8.72
C PHE B 140 -12.62 32.14 -7.20
N ALA B 141 -11.58 32.67 -6.55
CA ALA B 141 -11.50 32.97 -5.10
C ALA B 141 -10.96 34.38 -4.93
N ILE B 142 -11.13 34.99 -3.76
CA ILE B 142 -10.53 36.31 -3.41
C ILE B 142 -9.82 36.20 -2.06
N ALA B 143 -8.78 37.00 -1.86
CA ALA B 143 -8.06 37.21 -0.58
C ALA B 143 -8.24 38.67 -0.17
N THR B 144 -8.50 38.92 1.13
CA THR B 144 -8.88 40.24 1.68
C THR B 144 -8.04 40.54 2.93
N LEU B 145 -7.78 41.83 3.20
CA LEU B 145 -7.25 42.35 4.49
C LEU B 145 -8.20 41.98 5.63
N TYR B 146 -7.71 41.23 6.62
CA TYR B 146 -8.47 40.66 7.77
C TYR B 146 -9.60 41.58 8.24
N HIS B 147 -9.29 42.86 8.53
CA HIS B 147 -10.22 43.92 8.99
C HIS B 147 -11.19 43.40 10.08
N GLU B 148 -10.67 42.68 11.07
CA GLU B 148 -11.45 42.06 12.18
C GLU B 148 -12.11 43.17 13.01
N GLY B 149 -13.45 43.30 12.92
CA GLY B 149 -14.26 44.30 13.64
C GLY B 149 -14.91 45.32 12.71
N GLU B 150 -14.26 45.59 11.57
CA GLU B 150 -14.73 46.54 10.52
C GLU B 150 -16.05 46.06 9.91
N GLU B 151 -16.73 46.95 9.18
CA GLU B 151 -17.96 46.66 8.40
C GLU B 151 -17.59 45.87 7.15
N PHE B 152 -18.46 44.93 6.73
CA PHE B 152 -18.23 44.00 5.60
C PHE B 152 -18.04 44.81 4.30
N GLY B 153 -16.80 44.88 3.81
CA GLY B 153 -16.44 45.54 2.53
C GLY B 153 -15.38 46.63 2.69
N THR B 154 -15.10 47.07 3.93
CA THR B 154 -14.10 48.12 4.24
C THR B 154 -12.73 47.68 3.77
N GLY B 155 -12.24 46.54 4.27
CA GLY B 155 -10.95 45.93 3.87
C GLY B 155 -10.87 45.76 2.35
N PRO B 156 -9.77 46.19 1.70
CA PRO B 156 -9.66 46.09 0.24
C PRO B 156 -9.36 44.65 -0.21
N ILE B 157 -9.84 44.27 -1.40
CA ILE B 157 -9.55 42.95 -2.04
C ILE B 157 -8.08 43.00 -2.48
N LEU B 158 -7.24 42.13 -1.90
CA LEU B 158 -5.77 42.09 -2.14
C LEU B 158 -5.50 41.36 -3.46
N MET B 159 -6.17 40.22 -3.67
CA MET B 159 -5.90 39.30 -4.81
C MET B 159 -7.23 38.70 -5.30
N ILE B 160 -7.32 38.46 -6.61
CA ILE B 160 -8.39 37.64 -7.25
C ILE B 160 -7.70 36.49 -7.99
N SER B 161 -7.76 35.29 -7.43
CA SER B 161 -7.32 34.02 -8.07
C SER B 161 -8.43 33.53 -9.02
N TYR B 162 -8.07 32.84 -10.09
CA TYR B 162 -9.01 32.14 -11.00
C TYR B 162 -8.30 30.93 -11.60
N ALA B 163 -9.06 29.89 -11.96
CA ALA B 163 -8.55 28.61 -12.51
C ALA B 163 -9.55 27.99 -13.48
N ASP B 164 -9.04 27.35 -14.53
CA ASP B 164 -9.80 26.43 -15.41
C ASP B 164 -8.88 25.24 -15.75
N GLY B 165 -9.25 24.42 -16.73
CA GLY B 165 -8.44 23.29 -17.22
C GLY B 165 -7.10 23.75 -17.76
N SER B 166 -7.06 24.91 -18.43
CA SER B 166 -5.89 25.44 -19.17
C SER B 166 -4.86 26.04 -18.21
N GLU B 167 -5.28 26.95 -17.31
CA GLU B 167 -4.35 27.73 -16.45
C GLU B 167 -4.95 27.97 -15.06
N ALA B 168 -4.16 28.58 -14.17
CA ALA B 168 -4.54 29.04 -12.81
C ALA B 168 -3.65 30.22 -12.42
N ARG B 169 -4.20 31.45 -12.44
CA ARG B 169 -3.44 32.71 -12.27
C ARG B 169 -4.01 33.53 -11.09
N VAL B 170 -3.27 34.57 -10.68
CA VAL B 170 -3.64 35.52 -9.59
C VAL B 170 -3.48 36.95 -10.12
N ILE B 171 -4.51 37.79 -9.98
CA ILE B 171 -4.44 39.25 -10.25
C ILE B 171 -4.29 39.98 -8.90
N THR B 172 -3.30 40.88 -8.79
CA THR B 172 -2.96 41.62 -7.55
C THR B 172 -2.34 42.98 -7.91
N TRP B 173 -2.23 43.87 -6.92
CA TRP B 173 -1.69 45.26 -7.07
C TRP B 173 -0.55 45.48 -6.06
N LYS B 174 0.11 44.41 -5.61
CA LYS B 174 1.19 44.43 -4.59
C LYS B 174 2.55 44.28 -5.28
N LYS B 175 2.55 43.83 -6.54
CA LYS B 175 3.74 43.72 -7.42
C LYS B 175 4.62 42.56 -6.93
N ILE B 176 3.98 41.46 -6.52
CA ILE B 176 4.64 40.18 -6.10
C ILE B 176 5.12 39.42 -7.35
N ASP B 177 6.40 39.02 -7.37
CA ASP B 177 7.10 38.47 -8.57
C ASP B 177 7.00 36.94 -8.59
N LEU B 178 6.04 36.41 -9.37
CA LEU B 178 5.88 34.95 -9.64
C LEU B 178 5.37 34.75 -11.06
N PRO B 179 5.56 33.55 -11.67
CA PRO B 179 5.09 33.28 -13.03
C PRO B 179 3.56 33.42 -13.17
N TYR B 180 2.79 32.89 -12.22
CA TYR B 180 1.30 32.81 -12.27
C TYR B 180 0.67 34.08 -11.67
N VAL B 181 1.45 34.91 -10.97
CA VAL B 181 0.96 36.20 -10.38
C VAL B 181 1.06 37.29 -11.47
N ASP B 182 0.05 38.16 -11.55
CA ASP B 182 -0.01 39.30 -12.50
C ASP B 182 -0.20 40.61 -11.71
N VAL B 183 0.84 41.44 -11.65
CA VAL B 183 0.84 42.75 -10.95
C VAL B 183 0.17 43.79 -11.85
N VAL B 184 -0.63 44.70 -11.26
CA VAL B 184 -1.39 45.75 -12.01
C VAL B 184 -1.49 46.99 -11.11
N SER B 185 -1.79 48.15 -11.73
CA SER B 185 -1.80 49.51 -11.12
C SER B 185 -2.44 49.49 -9.72
N THR B 186 -3.76 49.33 -9.63
CA THR B 186 -4.57 49.58 -8.41
C THR B 186 -5.57 48.44 -8.18
N GLU B 187 -6.37 48.54 -7.10
CA GLU B 187 -7.49 47.62 -6.78
C GLU B 187 -8.55 47.71 -7.89
N LYS B 188 -8.81 48.93 -8.39
CA LYS B 188 -9.82 49.23 -9.44
C LYS B 188 -9.52 48.43 -10.71
N GLU B 189 -8.26 48.44 -11.17
CA GLU B 189 -7.83 47.78 -12.43
C GLU B 189 -7.81 46.26 -12.23
N MET B 190 -7.44 45.79 -11.04
CA MET B 190 -7.43 44.35 -10.65
C MET B 190 -8.84 43.77 -10.84
N ILE B 191 -9.87 44.49 -10.37
CA ILE B 191 -11.31 44.08 -10.47
C ILE B 191 -11.74 44.14 -11.94
N LYS B 192 -11.33 45.18 -12.67
CA LYS B 192 -11.63 45.38 -14.12
C LYS B 192 -10.94 44.29 -14.93
N ARG B 193 -9.74 43.85 -14.53
CA ARG B 193 -8.95 42.79 -15.21
C ARG B 193 -9.68 41.45 -15.08
N PHE B 194 -10.20 41.13 -13.88
CA PHE B 194 -11.02 39.92 -13.61
C PHE B 194 -12.26 39.93 -14.51
N LEU B 195 -12.95 41.06 -14.58
CA LEU B 195 -14.19 41.25 -15.40
C LEU B 195 -13.87 41.00 -16.88
N ARG B 196 -12.67 41.36 -17.33
CA ARG B 196 -12.22 41.21 -18.74
C ARG B 196 -11.88 39.74 -19.02
N VAL B 197 -11.35 39.01 -18.02
CA VAL B 197 -10.96 37.57 -18.15
C VAL B 197 -12.21 36.73 -18.38
N VAL B 198 -13.30 37.04 -17.67
CA VAL B 198 -14.61 36.31 -17.76
C VAL B 198 -15.28 36.65 -19.09
N ARG B 199 -15.14 37.91 -19.55
CA ARG B 199 -15.65 38.36 -20.88
C ARG B 199 -14.89 37.64 -22.00
N GLU B 200 -13.59 37.41 -21.82
CA GLU B 200 -12.68 36.78 -22.82
C GLU B 200 -12.82 35.26 -22.76
N LYS B 201 -13.03 34.68 -21.58
CA LYS B 201 -13.16 33.20 -21.37
C LYS B 201 -14.62 32.78 -21.56
N ASP B 202 -15.58 33.66 -21.28
CA ASP B 202 -17.04 33.46 -21.48
C ASP B 202 -17.45 32.10 -20.91
N PRO B 203 -17.24 31.86 -19.60
CA PRO B 203 -17.55 30.57 -18.98
C PRO B 203 -19.07 30.35 -18.78
N ASP B 204 -19.53 29.12 -19.07
CA ASP B 204 -20.93 28.68 -18.87
C ASP B 204 -21.21 28.57 -17.36
N VAL B 205 -20.18 28.33 -16.54
CA VAL B 205 -20.27 28.02 -15.08
C VAL B 205 -19.20 28.81 -14.33
N LEU B 206 -19.60 29.65 -13.38
CA LEU B 206 -18.69 30.27 -12.37
C LEU B 206 -18.71 29.40 -11.10
N ILE B 207 -17.53 29.02 -10.59
CA ILE B 207 -17.36 28.14 -9.40
C ILE B 207 -16.70 28.94 -8.27
N THR B 208 -17.36 29.00 -7.11
CA THR B 208 -16.85 29.63 -5.86
C THR B 208 -16.98 28.63 -4.71
N TYR B 209 -16.22 28.83 -3.64
CA TYR B 209 -16.43 28.16 -2.33
C TYR B 209 -16.97 29.18 -1.34
N ASN B 210 -18.29 29.14 -1.09
CA ASN B 210 -19.04 30.04 -0.18
C ASN B 210 -19.15 31.43 -0.81
N GLY B 211 -19.16 31.52 -2.15
CA GLY B 211 -19.30 32.78 -2.89
C GLY B 211 -20.68 33.41 -2.70
N ASP B 212 -21.68 32.61 -2.34
CA ASP B 212 -23.07 33.05 -2.03
C ASP B 212 -23.07 34.08 -0.88
N ASN B 213 -22.15 33.93 0.07
CA ASN B 213 -22.15 34.70 1.34
C ASN B 213 -20.94 35.66 1.40
N PHE B 214 -19.75 35.21 1.02
CA PHE B 214 -18.50 36.02 1.09
C PHE B 214 -18.20 36.69 -0.26
N ASP B 215 -17.67 35.92 -1.21
CA ASP B 215 -16.91 36.41 -2.39
C ASP B 215 -17.70 37.46 -3.18
N PHE B 216 -18.94 37.16 -3.59
CA PHE B 216 -19.75 38.02 -4.48
C PHE B 216 -20.23 39.28 -3.73
N ALA B 217 -20.61 39.12 -2.46
CA ALA B 217 -21.04 40.23 -1.56
C ALA B 217 -19.91 41.27 -1.48
N TYR B 218 -18.67 40.80 -1.31
CA TYR B 218 -17.45 41.63 -1.16
C TYR B 218 -17.20 42.40 -2.45
N LEU B 219 -17.31 41.73 -3.61
CA LEU B 219 -17.07 42.32 -4.95
C LEU B 219 -18.16 43.36 -5.27
N LYS B 220 -19.39 43.16 -4.80
CA LYS B 220 -20.52 44.13 -4.97
C LYS B 220 -20.21 45.42 -4.18
N LYS B 221 -19.71 45.29 -2.94
CA LYS B 221 -19.45 46.45 -2.04
C LYS B 221 -18.20 47.20 -2.51
N ARG B 222 -17.17 46.49 -2.97
CA ARG B 222 -15.91 47.09 -3.48
C ARG B 222 -16.16 47.78 -4.83
N CYS B 223 -17.04 47.20 -5.68
CA CYS B 223 -17.44 47.78 -6.99
C CYS B 223 -18.22 49.08 -6.78
N GLU B 224 -19.03 49.15 -5.71
CA GLU B 224 -19.79 50.36 -5.31
C GLU B 224 -18.82 51.46 -4.87
N GLU B 225 -17.87 51.12 -3.98
CA GLU B 225 -16.91 52.07 -3.36
C GLU B 225 -15.84 52.52 -4.38
N LEU B 226 -15.66 51.76 -5.47
CA LEU B 226 -14.70 52.09 -6.56
C LEU B 226 -15.43 52.58 -7.82
N GLY B 227 -16.74 52.37 -7.90
CA GLY B 227 -17.59 52.83 -9.02
C GLY B 227 -17.34 52.03 -10.30
N ILE B 228 -17.32 50.70 -10.18
CA ILE B 228 -17.16 49.74 -11.31
C ILE B 228 -18.51 49.08 -11.58
N LYS B 229 -18.93 49.03 -12.85
CA LYS B 229 -20.15 48.32 -13.31
C LYS B 229 -19.81 46.82 -13.42
N PHE B 230 -20.25 46.03 -12.43
CA PHE B 230 -19.83 44.62 -12.22
C PHE B 230 -20.69 43.69 -13.09
N THR B 231 -20.61 43.87 -14.41
CA THR B 231 -21.45 43.15 -15.42
C THR B 231 -20.80 41.81 -15.76
N LEU B 232 -21.09 40.77 -14.96
CA LEU B 232 -20.57 39.38 -15.16
C LEU B 232 -21.54 38.58 -16.04
N GLY B 233 -22.82 38.96 -16.07
CA GLY B 233 -23.90 38.25 -16.81
C GLY B 233 -23.70 38.32 -18.31
N ARG B 234 -24.31 37.38 -19.05
CA ARG B 234 -24.21 37.23 -20.52
C ARG B 234 -25.21 38.13 -21.24
N ASP B 235 -26.22 38.64 -20.51
CA ASP B 235 -27.18 39.66 -21.01
C ASP B 235 -26.68 41.06 -20.61
N GLY B 236 -25.54 41.14 -19.91
CA GLY B 236 -24.89 42.40 -19.52
C GLY B 236 -25.29 42.85 -18.12
N SER B 237 -26.16 42.08 -17.46
CA SER B 237 -26.67 42.35 -16.09
C SER B 237 -25.56 42.10 -15.06
N GLU B 238 -25.75 42.60 -13.83
CA GLU B 238 -24.81 42.38 -12.70
C GLU B 238 -25.33 41.21 -11.85
N PRO B 239 -24.46 40.54 -11.06
CA PRO B 239 -24.90 39.50 -10.13
C PRO B 239 -25.96 40.00 -9.13
N LYS B 240 -27.07 39.25 -9.02
CA LYS B 240 -28.23 39.57 -8.16
C LYS B 240 -28.20 38.66 -6.93
N ILE B 241 -28.17 39.26 -5.72
CA ILE B 241 -28.32 38.53 -4.43
C ILE B 241 -29.80 38.18 -4.27
N GLN B 242 -30.09 37.04 -3.66
CA GLN B 242 -31.47 36.59 -3.30
C GLN B 242 -31.43 36.01 -1.88
N ARG B 243 -32.48 36.28 -1.10
CA ARG B 243 -32.67 35.72 0.27
C ARG B 243 -33.08 34.24 0.15
N MET B 244 -32.53 33.39 1.02
CA MET B 244 -32.89 31.95 1.16
C MET B 244 -32.73 31.56 2.63
N GLY B 245 -33.67 31.98 3.47
CA GLY B 245 -33.69 31.74 4.92
C GLY B 245 -32.61 32.56 5.63
N ASP B 246 -31.80 31.91 6.47
CA ASP B 246 -30.73 32.54 7.29
C ASP B 246 -29.59 33.01 6.37
N ARG B 247 -29.47 32.45 5.17
CA ARG B 247 -28.35 32.70 4.21
C ARG B 247 -28.88 33.36 2.92
N PHE B 248 -27.98 33.90 2.10
CA PHE B 248 -28.26 34.47 0.77
C PHE B 248 -27.77 33.51 -0.32
N ALA B 249 -28.09 33.85 -1.59
CA ALA B 249 -27.69 33.09 -2.79
C ALA B 249 -27.49 34.07 -3.97
N VAL B 250 -26.36 33.97 -4.66
CA VAL B 250 -25.98 34.89 -5.78
C VAL B 250 -26.30 34.22 -7.12
N GLU B 251 -27.07 34.91 -7.95
CA GLU B 251 -27.45 34.50 -9.32
C GLU B 251 -26.69 35.36 -10.34
N VAL B 252 -26.04 34.73 -11.31
CA VAL B 252 -25.34 35.40 -12.46
C VAL B 252 -26.00 34.96 -13.76
N LYS B 253 -26.79 35.86 -14.38
CA LYS B 253 -27.69 35.56 -15.54
C LYS B 253 -26.88 35.02 -16.72
N GLY B 254 -27.32 33.89 -17.30
CA GLY B 254 -26.69 33.27 -18.49
C GLY B 254 -25.63 32.26 -18.12
N ARG B 255 -24.90 32.50 -17.02
CA ARG B 255 -23.94 31.54 -16.41
C ARG B 255 -24.62 30.82 -15.25
N ILE B 256 -24.03 29.71 -14.80
CA ILE B 256 -24.44 28.97 -13.58
C ILE B 256 -23.42 29.28 -12.48
N HIS B 257 -23.78 30.11 -11.50
CA HIS B 257 -22.97 30.27 -10.25
C HIS B 257 -23.10 29.00 -9.43
N PHE B 258 -22.07 28.15 -9.49
CA PHE B 258 -22.00 26.86 -8.75
C PHE B 258 -21.17 27.05 -7.48
N ASP B 259 -21.85 27.28 -6.36
CA ASP B 259 -21.23 27.41 -5.00
C ASP B 259 -21.17 26.02 -4.38
N LEU B 260 -19.96 25.53 -4.12
CA LEU B 260 -19.70 24.14 -3.65
C LEU B 260 -20.15 23.96 -2.20
N TYR B 261 -20.15 25.03 -1.38
CA TYR B 261 -20.40 24.94 0.08
C TYR B 261 -21.73 24.24 0.37
N PRO B 262 -22.90 24.75 -0.10
CA PRO B 262 -24.16 24.03 0.09
C PRO B 262 -24.11 22.59 -0.41
N VAL B 263 -23.45 22.35 -1.56
CA VAL B 263 -23.29 20.99 -2.16
C VAL B 263 -22.53 20.10 -1.15
N ILE B 264 -21.34 20.52 -0.74
CA ILE B 264 -20.46 19.76 0.20
C ILE B 264 -21.24 19.48 1.49
N ARG B 265 -21.96 20.49 2.01
CA ARG B 265 -22.66 20.42 3.31
C ARG B 265 -23.72 19.32 3.30
N ARG B 266 -24.34 19.07 2.14
CA ARG B 266 -25.46 18.09 1.98
C ARG B 266 -24.91 16.71 1.63
N THR B 267 -23.65 16.60 1.19
CA THR B 267 -23.10 15.41 0.49
C THR B 267 -22.08 14.66 1.36
N ILE B 268 -21.21 15.38 2.08
CA ILE B 268 -20.15 14.79 2.94
C ILE B 268 -20.39 15.22 4.39
N ASN B 269 -20.30 14.27 5.33
CA ASN B 269 -20.28 14.52 6.80
C ASN B 269 -18.81 14.65 7.21
N LEU B 270 -18.37 15.87 7.54
CA LEU B 270 -16.99 16.18 7.98
C LEU B 270 -17.04 16.88 9.34
N PRO B 271 -15.97 16.79 10.16
CA PRO B 271 -15.88 17.55 11.40
C PRO B 271 -16.00 19.07 11.14
N THR B 272 -15.25 19.57 10.16
CA THR B 272 -15.25 20.99 9.71
C THR B 272 -15.32 21.02 8.18
N TYR B 273 -15.63 22.20 7.62
CA TYR B 273 -15.91 22.39 6.18
C TYR B 273 -15.07 23.53 5.61
N THR B 274 -13.83 23.66 6.09
CA THR B 274 -12.81 24.59 5.52
C THR B 274 -12.36 24.01 4.18
N LEU B 275 -11.95 24.86 3.24
CA LEU B 275 -11.46 24.46 1.89
C LEU B 275 -10.33 23.44 2.02
N GLU B 276 -9.58 23.52 3.13
CA GLU B 276 -8.41 22.64 3.43
C GLU B 276 -8.91 21.26 3.84
N ALA B 277 -9.94 21.20 4.68
CA ALA B 277 -10.58 19.97 5.20
C ALA B 277 -11.28 19.20 4.06
N VAL B 278 -12.02 19.90 3.19
CA VAL B 278 -12.79 19.30 2.06
C VAL B 278 -11.82 18.70 1.05
N TYR B 279 -10.72 19.41 0.74
CA TYR B 279 -9.67 18.94 -0.21
C TYR B 279 -9.10 17.60 0.29
N GLU B 280 -8.69 17.56 1.57
CA GLU B 280 -8.08 16.37 2.24
C GLU B 280 -9.04 15.18 2.20
N ALA B 281 -10.34 15.44 2.38
CA ALA B 281 -11.40 14.41 2.45
C ALA B 281 -11.68 13.83 1.06
N VAL B 282 -11.75 14.68 0.04
CA VAL B 282 -12.20 14.33 -1.35
C VAL B 282 -11.03 13.68 -2.11
N PHE B 283 -9.87 14.34 -2.14
CA PHE B 283 -8.72 13.98 -3.01
C PHE B 283 -7.63 13.24 -2.22
N GLY B 284 -7.46 13.55 -0.93
CA GLY B 284 -6.53 12.84 -0.02
C GLY B 284 -5.23 13.60 0.19
N LYS B 285 -4.95 14.63 -0.63
CA LYS B 285 -3.71 15.43 -0.60
C LYS B 285 -3.87 16.58 0.41
N PRO B 286 -2.80 16.96 1.15
CA PRO B 286 -2.87 18.06 2.10
C PRO B 286 -2.90 19.44 1.42
N LYS B 287 -3.27 20.49 2.16
CA LYS B 287 -3.36 21.89 1.65
C LYS B 287 -3.06 22.88 2.77
N GLU B 288 -2.13 23.82 2.53
CA GLU B 288 -1.64 24.79 3.54
C GLU B 288 -2.69 25.88 3.76
N LYS B 289 -2.82 26.35 5.01
CA LYS B 289 -3.82 27.36 5.46
C LYS B 289 -3.09 28.62 5.92
N VAL B 290 -3.28 29.74 5.21
CA VAL B 290 -2.77 31.10 5.58
C VAL B 290 -3.94 31.87 6.20
N TYR B 291 -3.80 32.30 7.47
CA TYR B 291 -4.84 33.04 8.22
C TYR B 291 -4.76 34.53 7.86
N ALA B 292 -5.89 35.24 7.94
CA ALA B 292 -6.05 36.65 7.53
C ALA B 292 -5.17 37.55 8.41
N GLU B 293 -5.18 37.32 9.73
CA GLU B 293 -4.38 38.06 10.73
C GLU B 293 -2.88 37.89 10.43
N GLU B 294 -2.45 36.67 10.09
CA GLU B 294 -1.06 36.36 9.64
C GLU B 294 -0.80 37.04 8.29
N ILE B 295 -1.77 36.95 7.36
CA ILE B 295 -1.67 37.47 5.96
C ILE B 295 -1.48 38.99 5.99
N ALA B 296 -2.21 39.70 6.85
CA ALA B 296 -2.18 41.17 6.99
C ALA B 296 -0.80 41.63 7.44
N GLN B 297 -0.26 41.04 8.51
CA GLN B 297 1.09 41.37 9.07
C GLN B 297 2.17 41.12 8.00
N ALA B 298 1.98 40.10 7.16
CA ALA B 298 2.88 39.73 6.04
C ALA B 298 2.69 40.68 4.85
N TRP B 299 1.46 41.21 4.69
CA TRP B 299 1.06 42.09 3.57
C TRP B 299 1.60 43.52 3.78
N GLU B 300 1.73 43.97 5.03
CA GLU B 300 2.28 45.30 5.40
C GLU B 300 3.79 45.33 5.13
N SER B 301 4.52 44.32 5.61
CA SER B 301 5.98 44.14 5.40
C SER B 301 6.28 43.92 3.91
N GLY B 302 5.53 43.03 3.27
CA GLY B 302 5.69 42.69 1.84
C GLY B 302 6.71 41.58 1.64
N GLU B 303 7.26 41.04 2.73
CA GLU B 303 8.19 39.88 2.74
C GLU B 303 7.39 38.59 2.49
N GLY B 304 6.23 38.45 3.15
CA GLY B 304 5.37 37.25 3.09
C GLY B 304 4.29 37.33 2.03
N LEU B 305 4.29 38.38 1.20
CA LEU B 305 3.31 38.59 0.10
C LEU B 305 3.35 37.41 -0.88
N GLU B 306 4.55 36.86 -1.14
CA GLU B 306 4.79 35.73 -2.08
C GLU B 306 4.07 34.47 -1.60
N ARG B 307 4.11 34.20 -0.28
CA ARG B 307 3.46 33.02 0.35
C ARG B 307 1.94 33.12 0.19
N VAL B 308 1.36 34.29 0.48
CA VAL B 308 -0.10 34.58 0.39
C VAL B 308 -0.58 34.31 -1.05
N ALA B 309 0.25 34.62 -2.06
CA ALA B 309 -0.06 34.46 -3.50
C ALA B 309 -0.21 32.97 -3.85
N ARG B 310 0.63 32.11 -3.27
CA ARG B 310 0.56 30.63 -3.46
C ARG B 310 -0.77 30.11 -2.90
N TYR B 311 -1.19 30.62 -1.73
CA TYR B 311 -2.47 30.28 -1.06
C TYR B 311 -3.65 30.68 -1.96
N SER B 312 -3.63 31.90 -2.50
CA SER B 312 -4.67 32.48 -3.38
C SER B 312 -4.90 31.56 -4.59
N MET B 313 -3.82 31.15 -5.26
CA MET B 313 -3.87 30.32 -6.49
C MET B 313 -4.39 28.92 -6.14
N GLU B 314 -3.95 28.35 -5.01
CA GLU B 314 -4.28 26.97 -4.59
C GLU B 314 -5.78 26.88 -4.30
N ASP B 315 -6.39 27.93 -3.74
CA ASP B 315 -7.84 28.03 -3.49
C ASP B 315 -8.59 27.88 -4.83
N ALA B 316 -8.19 28.65 -5.85
CA ALA B 316 -8.78 28.62 -7.21
C ALA B 316 -8.62 27.23 -7.81
N LYS B 317 -7.38 26.70 -7.81
CA LYS B 317 -7.01 25.39 -8.41
C LYS B 317 -7.87 24.29 -7.77
N VAL B 318 -7.88 24.23 -6.43
CA VAL B 318 -8.63 23.23 -5.62
C VAL B 318 -10.14 23.40 -5.87
N THR B 319 -10.61 24.65 -5.91
CA THR B 319 -12.05 25.00 -6.12
C THR B 319 -12.49 24.51 -7.49
N TYR B 320 -11.69 24.74 -8.53
CA TYR B 320 -11.93 24.22 -9.90
C TYR B 320 -11.94 22.68 -9.85
N GLU B 321 -10.97 22.08 -9.16
CA GLU B 321 -10.81 20.61 -9.04
C GLU B 321 -12.07 20.02 -8.39
N LEU B 322 -12.57 20.66 -7.34
CA LEU B 322 -13.82 20.25 -6.63
C LEU B 322 -15.02 20.53 -7.55
N GLY B 323 -15.06 21.70 -8.18
CA GLY B 323 -16.08 22.07 -9.19
C GLY B 323 -16.29 20.96 -10.21
N ARG B 324 -15.20 20.54 -10.87
CA ARG B 324 -15.20 19.47 -11.91
C ARG B 324 -15.70 18.15 -11.30
N GLU B 325 -15.39 17.90 -10.02
CA GLU B 325 -15.71 16.63 -9.32
C GLU B 325 -17.21 16.52 -9.04
N PHE B 326 -17.87 17.60 -8.63
CA PHE B 326 -19.26 17.60 -8.11
C PHE B 326 -20.27 17.99 -9.21
N PHE B 327 -19.88 18.80 -10.19
CA PHE B 327 -20.83 19.36 -11.20
C PHE B 327 -21.59 18.23 -11.90
N PRO B 328 -20.93 17.17 -12.42
CA PRO B 328 -21.63 16.13 -13.18
C PRO B 328 -22.78 15.43 -12.43
N MET B 329 -22.57 15.03 -11.16
CA MET B 329 -23.66 14.37 -10.36
C MET B 329 -24.77 15.40 -10.13
N GLU B 330 -24.44 16.67 -9.98
CA GLU B 330 -25.41 17.76 -9.71
C GLU B 330 -26.23 18.02 -10.98
N ALA B 331 -25.61 17.95 -12.15
CA ALA B 331 -26.28 18.11 -13.46
C ALA B 331 -27.26 16.95 -13.70
N GLN B 332 -26.98 15.77 -13.16
CA GLN B 332 -27.93 14.61 -13.21
C GLN B 332 -29.11 14.92 -12.28
N LEU B 333 -28.83 15.44 -11.08
CA LEU B 333 -29.87 15.83 -10.09
C LEU B 333 -30.83 16.83 -10.76
N SER B 334 -30.28 17.80 -11.50
CA SER B 334 -31.03 18.81 -12.28
C SER B 334 -32.00 18.11 -13.25
N ARG B 335 -31.53 17.10 -14.00
CA ARG B 335 -32.34 16.33 -14.99
C ARG B 335 -33.47 15.59 -14.26
N LEU B 336 -33.17 14.97 -13.11
CA LEU B 336 -34.09 14.08 -12.38
C LEU B 336 -35.25 14.90 -11.80
N ILE B 337 -34.93 16.01 -11.12
CA ILE B 337 -35.91 16.87 -10.41
C ILE B 337 -36.60 17.79 -11.42
N GLY B 338 -35.92 18.10 -12.52
CA GLY B 338 -36.45 18.96 -13.60
C GLY B 338 -36.47 20.44 -13.21
N GLN B 339 -35.53 20.89 -12.39
CA GLN B 339 -35.27 22.33 -12.14
C GLN B 339 -33.78 22.63 -12.39
N SER B 340 -33.44 23.91 -12.56
CA SER B 340 -32.07 24.41 -12.84
C SER B 340 -31.07 23.82 -11.83
N LEU B 341 -29.81 23.67 -12.25
CA LEU B 341 -28.68 23.22 -11.39
C LEU B 341 -28.49 24.22 -10.24
N TRP B 342 -28.64 25.52 -10.53
CA TRP B 342 -28.53 26.61 -9.52
C TRP B 342 -29.47 26.32 -8.34
N ASP B 343 -30.75 26.05 -8.62
CA ASP B 343 -31.80 25.80 -7.60
C ASP B 343 -31.54 24.48 -6.89
N VAL B 344 -31.31 23.41 -7.66
CA VAL B 344 -31.19 22.00 -7.17
C VAL B 344 -29.99 21.87 -6.21
N SER B 345 -28.89 22.56 -6.48
CA SER B 345 -27.61 22.47 -5.74
C SER B 345 -27.71 23.22 -4.40
N ARG B 346 -28.72 24.08 -4.25
CA ARG B 346 -28.98 24.87 -3.02
C ARG B 346 -30.22 24.35 -2.28
N SER B 347 -30.87 23.30 -2.79
CA SER B 347 -32.15 22.75 -2.25
C SER B 347 -31.87 21.60 -1.29
N SER B 348 -32.58 21.57 -0.16
CA SER B 348 -32.70 20.39 0.75
C SER B 348 -33.64 19.35 0.12
N THR B 349 -33.73 18.16 0.72
CA THR B 349 -34.47 17.00 0.17
C THR B 349 -35.96 17.35 0.02
N GLY B 350 -36.52 18.08 0.98
CA GLY B 350 -37.94 18.50 1.00
C GLY B 350 -38.35 19.18 -0.29
N ASN B 351 -37.61 20.22 -0.70
CA ASN B 351 -37.94 21.04 -1.90
C ASN B 351 -37.67 20.22 -3.17
N LEU B 352 -36.65 19.36 -3.17
CA LEU B 352 -36.31 18.49 -4.32
C LEU B 352 -37.46 17.51 -4.56
N VAL B 353 -37.92 16.84 -3.51
CA VAL B 353 -39.08 15.90 -3.59
C VAL B 353 -40.29 16.69 -4.11
N GLU B 354 -40.54 17.86 -3.55
CA GLU B 354 -41.75 18.67 -3.84
C GLU B 354 -41.73 19.15 -5.29
N TRP B 355 -40.58 19.56 -5.81
CA TRP B 355 -40.41 19.99 -7.24
C TRP B 355 -40.64 18.79 -8.17
N PHE B 356 -40.07 17.64 -7.85
CA PHE B 356 -40.27 16.37 -8.60
C PHE B 356 -41.77 16.08 -8.66
N LEU B 357 -42.47 16.16 -7.52
CA LEU B 357 -43.91 15.78 -7.39
C LEU B 357 -44.79 16.80 -8.13
N LEU B 358 -44.45 18.10 -8.08
CA LEU B 358 -45.20 19.15 -8.80
C LEU B 358 -45.19 18.86 -10.31
N ARG B 359 -44.02 18.51 -10.86
CA ARG B 359 -43.83 18.16 -12.29
C ARG B 359 -44.72 16.96 -12.65
N LYS B 360 -44.62 15.88 -11.88
CA LYS B 360 -45.38 14.62 -12.11
C LYS B 360 -46.88 14.90 -11.98
N ALA B 361 -47.27 15.77 -11.06
CA ALA B 361 -48.69 16.15 -10.82
C ALA B 361 -49.26 16.80 -12.08
N TYR B 362 -48.48 17.66 -12.74
CA TYR B 362 -48.89 18.32 -13.98
C TYR B 362 -49.10 17.27 -15.09
N LYS B 363 -48.14 16.35 -15.23
CA LYS B 363 -48.18 15.26 -16.24
C LYS B 363 -49.47 14.43 -16.07
N ARG B 364 -49.91 14.23 -14.82
CA ARG B 364 -51.00 13.29 -14.47
C ARG B 364 -52.31 14.03 -14.16
N ASN B 365 -52.36 15.34 -14.43
CA ASN B 365 -53.57 16.18 -14.21
C ASN B 365 -54.00 16.10 -12.73
N GLU B 366 -53.03 16.06 -11.82
CA GLU B 366 -53.26 16.06 -10.35
C GLU B 366 -53.12 17.50 -9.84
N LEU B 367 -54.19 18.04 -9.27
CA LEU B 367 -54.16 19.34 -8.55
C LEU B 367 -53.26 19.19 -7.32
N ALA B 368 -52.35 20.13 -7.10
CA ALA B 368 -51.34 20.13 -6.02
C ALA B 368 -51.93 20.70 -4.73
N PRO B 369 -51.86 19.97 -3.59
CA PRO B 369 -52.22 20.52 -2.30
C PRO B 369 -51.41 21.80 -2.00
N ASN B 370 -51.98 22.68 -1.16
CA ASN B 370 -51.31 23.94 -0.74
C ASN B 370 -50.28 23.60 0.34
N LYS B 371 -49.20 24.39 0.42
CA LYS B 371 -48.30 24.44 1.60
C LYS B 371 -49.16 24.84 2.81
N PRO B 372 -48.99 24.21 3.99
CA PRO B 372 -49.85 24.50 5.13
C PRO B 372 -49.62 25.93 5.66
N ASP B 373 -50.70 26.58 6.11
CA ASP B 373 -50.65 27.88 6.83
C ASP B 373 -50.31 27.60 8.31
N GLU B 374 -50.11 28.64 9.11
CA GLU B 374 -49.73 28.57 10.55
C GLU B 374 -50.68 27.61 11.29
N ARG B 375 -51.98 27.68 11.01
CA ARG B 375 -53.05 26.92 11.73
C ARG B 375 -52.96 25.43 11.37
N GLU B 376 -52.81 25.11 10.08
CA GLU B 376 -52.66 23.71 9.59
C GLU B 376 -51.34 23.14 10.09
N LEU B 377 -50.27 23.95 10.07
CA LEU B 377 -48.91 23.56 10.53
C LEU B 377 -48.95 23.15 12.01
N ALA B 378 -49.73 23.87 12.83
CA ALA B 378 -49.92 23.61 14.28
C ALA B 378 -50.59 22.25 14.48
N ARG B 379 -51.53 21.88 13.60
CA ARG B 379 -52.32 20.61 13.67
C ARG B 379 -51.41 19.40 13.36
N ARG B 380 -50.28 19.61 12.69
CA ARG B 380 -49.33 18.53 12.28
C ARG B 380 -48.22 18.36 13.33
N ARG B 381 -48.37 18.97 14.51
CA ARG B 381 -47.34 19.01 15.59
C ARG B 381 -46.98 17.59 16.06
N GLY B 382 -47.97 16.70 16.23
CA GLY B 382 -47.80 15.37 16.84
C GLY B 382 -46.80 14.48 16.11
N GLY B 383 -46.05 13.67 16.86
CA GLY B 383 -45.12 12.65 16.34
C GLY B 383 -45.81 11.33 16.02
N TYR B 384 -45.04 10.24 15.87
CA TYR B 384 -45.54 8.86 15.63
C TYR B 384 -44.39 7.85 15.83
N ALA B 385 -44.72 6.56 15.97
CA ALA B 385 -43.77 5.46 16.24
C ALA B 385 -42.85 5.23 15.04
N GLY B 386 -41.56 4.98 15.30
CA GLY B 386 -40.52 4.87 14.25
C GLY B 386 -40.10 3.43 13.99
N GLY B 387 -38.81 3.22 13.71
CA GLY B 387 -38.22 1.89 13.50
C GLY B 387 -38.05 1.13 14.82
N TYR B 388 -38.01 -0.21 14.73
CA TYR B 388 -37.79 -1.13 15.88
C TYR B 388 -36.29 -1.32 16.11
N VAL B 389 -35.81 -1.04 17.32
CA VAL B 389 -34.40 -1.29 17.74
C VAL B 389 -34.42 -2.33 18.85
N LYS B 390 -33.91 -3.53 18.58
CA LYS B 390 -33.74 -4.62 19.57
C LYS B 390 -32.57 -4.27 20.49
N GLU B 391 -32.75 -4.44 21.80
CA GLU B 391 -31.65 -4.36 22.80
C GLU B 391 -30.63 -5.44 22.41
N PRO B 392 -29.38 -5.07 22.09
CA PRO B 392 -28.39 -6.04 21.64
C PRO B 392 -27.96 -7.00 22.77
N GLU B 393 -27.51 -8.20 22.39
CA GLU B 393 -26.75 -9.11 23.28
C GLU B 393 -25.33 -8.55 23.35
N ARG B 394 -25.02 -7.81 24.41
CA ARG B 394 -23.73 -7.08 24.55
C ARG B 394 -22.57 -8.08 24.58
N GLY B 395 -21.41 -7.66 24.08
CA GLY B 395 -20.14 -8.40 24.21
C GLY B 395 -19.54 -8.78 22.86
N LEU B 396 -18.58 -9.69 22.87
CA LEU B 396 -17.82 -10.17 21.69
C LEU B 396 -18.43 -11.50 21.20
N TRP B 397 -18.77 -11.59 19.92
CA TRP B 397 -19.43 -12.77 19.28
C TRP B 397 -18.71 -13.14 17.98
N ASP B 398 -18.76 -14.41 17.59
CA ASP B 398 -18.08 -14.96 16.38
C ASP B 398 -19.11 -15.38 15.33
N ASN B 399 -18.70 -15.40 14.06
CA ASN B 399 -19.45 -15.99 12.92
C ASN B 399 -20.84 -15.32 12.83
N ILE B 400 -20.86 -14.08 12.34
CA ILE B 400 -22.06 -13.20 12.31
C ILE B 400 -22.44 -12.94 10.85
N VAL B 401 -23.73 -13.05 10.53
CA VAL B 401 -24.30 -12.65 9.22
C VAL B 401 -25.14 -11.39 9.43
N TYR B 402 -25.03 -10.43 8.51
CA TYR B 402 -25.93 -9.25 8.44
C TYR B 402 -26.96 -9.48 7.35
N LEU B 403 -28.23 -9.62 7.76
CA LEU B 403 -29.41 -9.72 6.87
C LEU B 403 -30.19 -8.41 6.97
N ASP B 404 -30.55 -7.81 5.82
CA ASP B 404 -31.37 -6.57 5.79
C ASP B 404 -32.37 -6.67 4.63
N PHE B 405 -33.49 -5.94 4.75
CA PHE B 405 -34.44 -5.71 3.64
C PHE B 405 -33.82 -4.72 2.68
N ARG B 406 -34.22 -4.79 1.41
CA ARG B 406 -33.76 -3.83 0.39
C ARG B 406 -34.90 -2.84 0.17
N SER B 407 -34.57 -1.55 0.19
CA SER B 407 -35.52 -0.41 0.11
C SER B 407 -36.84 -0.76 0.81
N LEU B 408 -36.79 -1.03 2.12
CA LEU B 408 -37.94 -1.52 2.92
C LEU B 408 -39.13 -0.57 2.79
N TYR B 409 -38.92 0.72 3.02
CA TYR B 409 -40.01 1.75 3.04
C TYR B 409 -40.56 1.93 1.63
N PRO B 410 -39.72 2.12 0.58
CA PRO B 410 -40.21 2.09 -0.80
C PRO B 410 -40.91 0.78 -1.18
N SER B 411 -40.35 -0.38 -0.79
CA SER B 411 -40.97 -1.72 -0.94
C SER B 411 -42.41 -1.67 -0.40
N ILE B 412 -42.57 -1.12 0.81
CA ILE B 412 -43.86 -1.09 1.56
C ILE B 412 -44.82 -0.13 0.85
N ILE B 413 -44.39 1.10 0.57
CA ILE B 413 -45.24 2.14 -0.05
C ILE B 413 -45.81 1.58 -1.37
N ILE B 414 -44.98 0.89 -2.17
CA ILE B 414 -45.40 0.26 -3.45
C ILE B 414 -46.33 -0.93 -3.17
N THR B 415 -45.85 -1.91 -2.39
CA THR B 415 -46.54 -3.20 -2.14
C THR B 415 -47.93 -2.95 -1.52
N HIS B 416 -48.04 -2.07 -0.52
CA HIS B 416 -49.28 -1.83 0.25
C HIS B 416 -50.01 -0.58 -0.27
N ASN B 417 -49.49 0.06 -1.33
CA ASN B 417 -50.17 1.17 -2.05
C ASN B 417 -50.48 2.30 -1.07
N VAL B 418 -49.50 2.65 -0.22
CA VAL B 418 -49.63 3.67 0.87
C VAL B 418 -49.59 5.07 0.24
N SER B 419 -50.72 5.78 0.25
CA SER B 419 -50.87 7.11 -0.40
C SER B 419 -52.08 7.82 0.19
N PRO B 420 -52.05 9.17 0.31
CA PRO B 420 -53.20 9.91 0.82
C PRO B 420 -54.48 9.63 0.02
N ASP B 421 -54.35 9.43 -1.30
CA ASP B 421 -55.48 9.26 -2.24
C ASP B 421 -56.06 7.83 -2.18
N THR B 422 -55.39 6.89 -1.49
CA THR B 422 -55.88 5.51 -1.29
C THR B 422 -56.30 5.29 0.17
N LEU B 423 -56.05 6.25 1.06
CA LEU B 423 -56.36 6.17 2.51
C LEU B 423 -57.88 6.27 2.72
N ASN B 424 -58.49 5.23 3.29
CA ASN B 424 -59.93 5.17 3.66
C ASN B 424 -60.81 5.60 2.48
N ARG B 425 -60.51 5.10 1.28
CA ARG B 425 -61.37 5.29 0.07
C ARG B 425 -62.68 4.52 0.29
N GLU B 426 -63.82 5.11 -0.06
CA GLU B 426 -65.18 4.57 0.22
C GLU B 426 -65.51 3.43 -0.77
N GLY B 427 -65.85 2.25 -0.23
CA GLY B 427 -66.35 1.09 -0.99
C GLY B 427 -65.30 0.51 -1.92
N CYS B 428 -64.08 0.32 -1.44
CA CYS B 428 -62.96 -0.35 -2.16
C CYS B 428 -63.18 -1.87 -2.11
N LYS B 429 -62.96 -2.54 -3.24
CA LYS B 429 -63.08 -4.01 -3.40
C LYS B 429 -62.05 -4.71 -2.50
N GLU B 430 -60.79 -4.27 -2.54
CA GLU B 430 -59.67 -4.86 -1.76
C GLU B 430 -58.98 -3.77 -0.91
N TYR B 431 -58.48 -4.15 0.26
CA TYR B 431 -57.76 -3.28 1.23
C TYR B 431 -56.48 -3.96 1.72
N ASP B 432 -55.46 -3.15 2.01
CA ASP B 432 -54.33 -3.51 2.90
C ASP B 432 -54.48 -2.68 4.18
N VAL B 433 -54.39 -3.31 5.35
CA VAL B 433 -54.62 -2.68 6.69
C VAL B 433 -53.28 -2.66 7.44
N ALA B 434 -52.86 -1.47 7.88
CA ALA B 434 -51.63 -1.25 8.67
C ALA B 434 -51.76 -1.98 10.02
N PRO B 435 -50.71 -2.71 10.46
CA PRO B 435 -50.80 -3.60 11.62
C PRO B 435 -51.31 -3.00 12.95
N GLU B 436 -50.67 -1.94 13.45
CA GLU B 436 -51.00 -1.34 14.78
C GLU B 436 -51.85 -0.09 14.60
N VAL B 437 -51.56 0.71 13.56
CA VAL B 437 -52.20 2.04 13.31
C VAL B 437 -53.61 1.82 12.74
N GLY B 438 -53.81 0.75 11.97
CA GLY B 438 -55.13 0.28 11.49
C GLY B 438 -55.70 1.16 10.40
N HIS B 439 -54.85 1.75 9.54
CA HIS B 439 -55.27 2.56 8.37
C HIS B 439 -55.50 1.63 7.17
N LYS B 440 -56.68 1.71 6.55
CA LYS B 440 -57.05 0.96 5.32
C LYS B 440 -56.50 1.69 4.10
N PHE B 441 -55.77 0.99 3.22
CA PHE B 441 -55.30 1.51 1.91
C PHE B 441 -55.91 0.69 0.78
N CYS B 442 -56.63 1.38 -0.11
CA CYS B 442 -57.28 0.82 -1.33
C CYS B 442 -56.24 0.18 -2.25
N LYS B 443 -56.57 -0.96 -2.85
CA LYS B 443 -55.70 -1.70 -3.81
C LYS B 443 -56.31 -1.69 -5.22
N ASP B 444 -57.51 -1.12 -5.37
CA ASP B 444 -58.30 -1.16 -6.63
C ASP B 444 -57.59 -0.36 -7.73
N PHE B 445 -57.07 0.82 -7.39
CA PHE B 445 -56.36 1.74 -8.32
C PHE B 445 -55.04 2.16 -7.69
N PRO B 446 -53.99 2.44 -8.51
CA PRO B 446 -52.69 2.82 -7.97
C PRO B 446 -52.71 4.24 -7.35
N GLY B 447 -52.02 4.40 -6.23
CA GLY B 447 -51.81 5.71 -5.59
C GLY B 447 -50.75 6.52 -6.30
N PHE B 448 -50.82 7.85 -6.21
CA PHE B 448 -49.91 8.81 -6.89
C PHE B 448 -48.45 8.44 -6.57
N ILE B 449 -48.02 8.56 -5.30
CA ILE B 449 -46.61 8.31 -4.87
C ILE B 449 -46.24 6.86 -5.20
N PRO B 450 -47.02 5.84 -4.77
CA PRO B 450 -46.72 4.45 -5.09
C PRO B 450 -46.39 4.24 -6.57
N SER B 451 -47.23 4.79 -7.45
CA SER B 451 -47.12 4.72 -8.92
C SER B 451 -45.81 5.39 -9.39
N LEU B 452 -45.50 6.58 -8.89
CA LEU B 452 -44.22 7.29 -9.20
C LEU B 452 -43.05 6.41 -8.78
N LEU B 453 -43.20 5.73 -7.63
CA LEU B 453 -42.15 4.87 -7.04
C LEU B 453 -41.94 3.67 -7.95
N GLY B 454 -43.03 3.06 -8.43
CA GLY B 454 -43.00 2.02 -9.48
C GLY B 454 -42.22 2.49 -10.70
N ASP B 455 -42.57 3.66 -11.24
CA ASP B 455 -41.88 4.30 -12.39
C ASP B 455 -40.38 4.38 -12.13
N LEU B 456 -39.97 4.79 -10.93
CA LEU B 456 -38.54 5.05 -10.58
C LEU B 456 -37.78 3.73 -10.49
N LEU B 457 -38.40 2.68 -9.92
CA LEU B 457 -37.82 1.32 -9.83
C LEU B 457 -37.55 0.78 -11.25
N GLU B 458 -38.51 0.92 -12.16
CA GLU B 458 -38.39 0.45 -13.56
C GLU B 458 -37.36 1.31 -14.31
N GLU B 459 -37.38 2.63 -14.10
CA GLU B 459 -36.41 3.57 -14.74
C GLU B 459 -34.99 3.15 -14.35
N ARG B 460 -34.81 2.69 -13.12
CA ARG B 460 -33.49 2.29 -12.54
C ARG B 460 -33.03 0.96 -13.16
N GLN B 461 -33.96 0.03 -13.41
CA GLN B 461 -33.71 -1.26 -14.13
C GLN B 461 -33.15 -0.95 -15.54
N LYS B 462 -33.83 -0.06 -16.27
CA LYS B 462 -33.42 0.39 -17.63
C LYS B 462 -32.00 0.92 -17.58
N ILE B 463 -31.67 1.76 -16.59
CA ILE B 463 -30.35 2.42 -16.47
C ILE B 463 -29.28 1.36 -16.17
N LYS B 464 -29.60 0.38 -15.32
CA LYS B 464 -28.68 -0.71 -14.90
C LYS B 464 -28.35 -1.61 -16.12
N ARG B 465 -29.32 -1.80 -17.02
CA ARG B 465 -29.14 -2.52 -18.31
C ARG B 465 -28.22 -1.72 -19.24
N LYS B 466 -28.44 -0.40 -19.33
CA LYS B 466 -27.70 0.51 -20.23
C LYS B 466 -26.24 0.62 -19.77
N MET B 467 -25.98 0.49 -18.46
CA MET B 467 -24.64 0.61 -17.84
C MET B 467 -23.73 -0.55 -18.28
N LYS B 468 -24.26 -1.78 -18.34
CA LYS B 468 -23.51 -2.98 -18.80
C LYS B 468 -23.21 -2.87 -20.29
N ALA B 469 -24.12 -2.28 -21.07
CA ALA B 469 -24.07 -2.21 -22.56
C ALA B 469 -23.10 -1.12 -23.03
N THR B 470 -22.88 -0.08 -22.23
CA THR B 470 -22.06 1.11 -22.61
C THR B 470 -20.58 0.76 -22.35
N VAL B 471 -19.73 0.96 -23.37
CA VAL B 471 -18.26 0.74 -23.31
C VAL B 471 -17.60 1.96 -22.65
N ASP B 472 -18.05 3.17 -23.01
CA ASP B 472 -17.52 4.48 -22.54
C ASP B 472 -17.56 4.56 -21.02
N PRO B 473 -16.40 4.67 -20.32
CA PRO B 473 -16.38 4.81 -18.87
C PRO B 473 -17.04 6.09 -18.32
N LEU B 474 -17.09 7.17 -19.10
CA LEU B 474 -17.70 8.47 -18.69
C LEU B 474 -19.22 8.31 -18.58
N GLU B 475 -19.88 7.88 -19.66
CA GLU B 475 -21.36 7.71 -19.73
C GLU B 475 -21.80 6.64 -18.71
N LYS B 476 -20.93 5.69 -18.37
CA LYS B 476 -21.18 4.66 -17.31
C LYS B 476 -21.32 5.36 -15.95
N LYS B 477 -20.42 6.29 -15.64
CA LYS B 477 -20.39 7.07 -14.37
C LYS B 477 -21.65 7.96 -14.29
N LEU B 478 -22.00 8.62 -15.40
CA LEU B 478 -23.19 9.52 -15.51
C LEU B 478 -24.48 8.74 -15.24
N LEU B 479 -24.60 7.54 -15.81
CA LEU B 479 -25.78 6.66 -15.60
C LEU B 479 -25.76 6.13 -14.16
N ASP B 480 -24.58 5.96 -13.57
CA ASP B 480 -24.39 5.44 -12.19
C ASP B 480 -24.87 6.50 -11.19
N TYR B 481 -24.60 7.79 -11.45
CA TYR B 481 -25.13 8.94 -10.67
C TYR B 481 -26.67 8.93 -10.75
N ARG B 482 -27.21 8.83 -11.97
CA ARG B 482 -28.67 8.90 -12.24
C ARG B 482 -29.41 7.85 -11.40
N GLN B 483 -28.93 6.60 -11.41
CA GLN B 483 -29.61 5.46 -10.75
C GLN B 483 -29.39 5.56 -9.23
N ARG B 484 -28.24 6.08 -8.79
CA ARG B 484 -27.93 6.30 -7.35
C ARG B 484 -28.79 7.45 -6.81
N LEU B 485 -28.99 8.51 -7.60
CA LEU B 485 -29.84 9.68 -7.24
C LEU B 485 -31.32 9.28 -7.24
N ILE B 486 -31.73 8.42 -8.18
CA ILE B 486 -33.12 7.84 -8.19
C ILE B 486 -33.33 7.07 -6.89
N LYS B 487 -32.32 6.29 -6.45
CA LYS B 487 -32.43 5.44 -5.23
C LYS B 487 -32.63 6.33 -4.01
N ILE B 488 -31.93 7.48 -3.95
CA ILE B 488 -32.04 8.46 -2.84
C ILE B 488 -33.43 9.12 -2.90
N LEU B 489 -33.85 9.63 -4.06
CA LEU B 489 -35.19 10.27 -4.21
C LEU B 489 -36.27 9.30 -3.70
N ALA B 490 -36.17 8.03 -4.08
CA ALA B 490 -37.11 6.95 -3.68
C ALA B 490 -37.14 6.81 -2.16
N ASN B 491 -35.96 6.84 -1.50
CA ASN B 491 -35.85 6.64 -0.02
C ASN B 491 -36.22 7.93 0.73
N SER B 492 -36.60 8.99 0.02
CA SER B 492 -36.95 10.32 0.58
C SER B 492 -38.47 10.44 0.77
N PHE B 493 -39.27 9.64 0.06
CA PHE B 493 -40.75 9.75 0.07
C PHE B 493 -41.29 9.48 1.47
N TYR B 494 -40.77 8.47 2.18
CA TYR B 494 -41.20 8.17 3.57
C TYR B 494 -41.10 9.44 4.41
N GLY B 495 -39.89 10.00 4.53
CA GLY B 495 -39.61 11.18 5.36
C GLY B 495 -40.48 12.37 4.98
N TYR B 496 -40.71 12.57 3.69
CA TYR B 496 -41.50 13.70 3.14
C TYR B 496 -42.96 13.54 3.58
N TYR B 497 -43.49 12.31 3.62
CA TYR B 497 -44.86 12.00 4.13
C TYR B 497 -45.02 12.55 5.55
N GLY B 498 -43.95 12.49 6.36
CA GLY B 498 -43.96 12.89 7.79
C GLY B 498 -43.46 14.31 8.00
N TYR B 499 -43.23 15.07 6.93
CA TYR B 499 -42.66 16.44 6.97
C TYR B 499 -43.81 17.46 6.98
N ALA B 500 -44.06 18.05 8.14
CA ALA B 500 -45.20 18.97 8.42
C ALA B 500 -45.37 19.99 7.29
N LYS B 501 -44.29 20.54 6.74
CA LYS B 501 -44.35 21.63 5.71
C LYS B 501 -44.60 21.06 4.31
N ALA B 502 -44.69 19.74 4.15
CA ALA B 502 -44.91 19.07 2.83
C ALA B 502 -46.32 19.34 2.32
N ARG B 503 -46.46 19.59 1.01
CA ARG B 503 -47.77 19.66 0.31
C ARG B 503 -48.49 18.31 0.46
N TRP B 504 -47.83 17.22 0.11
CA TRP B 504 -48.42 15.85 0.17
C TRP B 504 -48.03 15.17 1.49
N TYR B 505 -47.94 15.95 2.58
CA TYR B 505 -47.83 15.45 3.97
C TYR B 505 -48.99 14.46 4.22
N CYS B 506 -48.71 13.35 4.90
CA CYS B 506 -49.74 12.38 5.39
C CYS B 506 -49.18 11.57 6.56
N LYS B 507 -49.53 11.97 7.79
CA LYS B 507 -49.08 11.29 9.02
C LYS B 507 -49.50 9.82 8.94
N GLU B 508 -50.75 9.55 8.55
CA GLU B 508 -51.34 8.19 8.49
C GLU B 508 -50.48 7.32 7.57
N CYS B 509 -50.03 7.87 6.44
CA CYS B 509 -49.10 7.18 5.50
C CYS B 509 -47.78 6.86 6.21
N ALA B 510 -47.13 7.87 6.81
CA ALA B 510 -45.83 7.72 7.50
C ALA B 510 -45.94 6.66 8.61
N GLU B 511 -46.95 6.80 9.48
CA GLU B 511 -47.29 5.85 10.58
C GLU B 511 -47.39 4.41 10.07
N SER B 512 -48.11 4.23 8.95
CA SER B 512 -48.42 2.91 8.35
C SER B 512 -47.13 2.26 7.85
N VAL B 513 -46.26 3.04 7.21
CA VAL B 513 -44.95 2.56 6.67
C VAL B 513 -44.12 1.99 7.82
N THR B 514 -43.88 2.77 8.88
CA THR B 514 -43.03 2.37 10.03
C THR B 514 -43.64 1.15 10.72
N ALA B 515 -44.98 1.11 10.82
CA ALA B 515 -45.76 0.03 11.46
C ALA B 515 -45.53 -1.28 10.70
N TRP B 516 -45.69 -1.25 9.38
CA TRP B 516 -45.41 -2.40 8.49
C TRP B 516 -43.94 -2.79 8.66
N GLY B 517 -43.02 -1.81 8.63
CA GLY B 517 -41.60 -2.04 8.86
C GLY B 517 -41.38 -2.86 10.12
N ARG B 518 -41.98 -2.45 11.22
CA ARG B 518 -41.85 -3.11 12.55
C ARG B 518 -42.43 -4.52 12.46
N GLU B 519 -43.58 -4.69 11.82
CA GLU B 519 -44.22 -6.02 11.64
C GLU B 519 -43.22 -6.97 10.97
N TYR B 520 -42.57 -6.52 9.90
CA TYR B 520 -41.71 -7.37 9.02
C TYR B 520 -40.40 -7.71 9.73
N ILE B 521 -39.71 -6.71 10.30
CA ILE B 521 -38.41 -6.95 10.98
C ILE B 521 -38.65 -7.90 12.16
N GLU B 522 -39.73 -7.70 12.91
CA GLU B 522 -40.04 -8.49 14.13
C GLU B 522 -40.45 -9.92 13.72
N MET B 523 -41.22 -10.05 12.64
CA MET B 523 -41.62 -11.36 12.07
C MET B 523 -40.35 -12.14 11.69
N VAL B 524 -39.42 -11.50 10.97
CA VAL B 524 -38.14 -12.13 10.50
C VAL B 524 -37.36 -12.65 11.71
N ILE B 525 -37.20 -11.81 12.75
CA ILE B 525 -36.46 -12.13 14.00
C ILE B 525 -37.09 -13.35 14.67
N ARG B 526 -38.42 -13.34 14.80
CA ARG B 526 -39.22 -14.39 15.48
C ARG B 526 -39.00 -15.72 14.75
N GLU B 527 -39.14 -15.70 13.41
CA GLU B 527 -38.90 -16.87 12.51
C GLU B 527 -37.46 -17.38 12.69
N LEU B 528 -36.49 -16.47 12.65
CA LEU B 528 -35.04 -16.80 12.66
C LEU B 528 -34.66 -17.53 13.97
N GLU B 529 -35.33 -17.23 15.08
CA GLU B 529 -34.95 -17.71 16.44
C GLU B 529 -35.73 -18.96 16.83
N GLU B 530 -37.02 -19.03 16.50
CA GLU B 530 -37.94 -20.13 16.90
C GLU B 530 -37.79 -21.31 15.94
N LYS B 531 -38.01 -21.08 14.64
CA LYS B 531 -37.99 -22.13 13.58
C LYS B 531 -36.54 -22.56 13.30
N PHE B 532 -35.66 -21.61 12.98
CA PHE B 532 -34.25 -21.88 12.57
C PHE B 532 -33.37 -21.81 13.82
N GLY B 533 -32.06 -21.98 13.67
CA GLY B 533 -31.15 -22.22 14.80
C GLY B 533 -30.52 -20.95 15.36
N PHE B 534 -31.00 -19.77 14.97
CA PHE B 534 -30.27 -18.49 15.11
C PHE B 534 -30.55 -17.83 16.47
N LYS B 535 -29.55 -17.11 16.97
CA LYS B 535 -29.68 -16.05 18.00
C LYS B 535 -29.49 -14.70 17.30
N VAL B 536 -30.52 -13.84 17.32
CA VAL B 536 -30.45 -12.46 16.78
C VAL B 536 -29.72 -11.59 17.82
N LEU B 537 -28.51 -11.15 17.50
CA LEU B 537 -27.61 -10.41 18.41
C LEU B 537 -28.09 -8.96 18.51
N TYR B 538 -28.43 -8.35 17.38
CA TYR B 538 -28.86 -6.93 17.29
C TYR B 538 -29.75 -6.78 16.05
N ALA B 539 -30.70 -5.85 16.09
CA ALA B 539 -31.61 -5.52 14.98
C ALA B 539 -31.98 -4.04 15.08
N ASP B 540 -31.69 -3.28 14.02
CA ASP B 540 -32.15 -1.89 13.83
C ASP B 540 -33.32 -1.96 12.86
N THR B 541 -33.72 -0.85 12.24
CA THR B 541 -35.04 -0.66 11.58
C THR B 541 -35.35 -1.79 10.58
N ASP B 542 -34.41 -2.08 9.67
CA ASP B 542 -34.65 -2.88 8.45
C ASP B 542 -33.58 -3.95 8.27
N GLY B 543 -32.86 -4.32 9.33
CA GLY B 543 -31.70 -5.22 9.27
C GLY B 543 -31.37 -5.81 10.62
N LEU B 544 -30.78 -7.00 10.63
CA LEU B 544 -30.47 -7.78 11.85
C LEU B 544 -29.09 -8.43 11.74
N HIS B 545 -28.42 -8.58 12.88
CA HIS B 545 -27.14 -9.32 13.05
C HIS B 545 -27.45 -10.63 13.77
N ALA B 546 -27.16 -11.78 13.15
CA ALA B 546 -27.50 -13.12 13.68
C ALA B 546 -26.30 -14.06 13.62
N THR B 547 -26.29 -15.06 14.49
CA THR B 547 -25.33 -16.20 14.49
C THR B 547 -26.07 -17.46 14.95
N ILE B 548 -25.47 -18.63 14.71
CA ILE B 548 -25.84 -19.92 15.35
C ILE B 548 -24.77 -20.24 16.38
N PRO B 549 -25.09 -20.27 17.70
CA PRO B 549 -24.08 -20.55 18.72
C PRO B 549 -23.29 -21.85 18.46
N GLY B 550 -21.98 -21.83 18.72
CA GLY B 550 -21.08 -22.98 18.56
C GLY B 550 -21.21 -23.62 17.19
N ALA B 551 -21.25 -22.79 16.14
CA ALA B 551 -21.30 -23.19 14.72
C ALA B 551 -20.15 -22.51 13.95
N ASP B 552 -19.69 -23.14 12.87
CA ASP B 552 -18.54 -22.68 12.05
C ASP B 552 -19.04 -21.71 10.98
N ALA B 553 -18.13 -20.91 10.43
CA ALA B 553 -18.39 -19.88 9.39
C ALA B 553 -19.23 -20.47 8.25
N GLU B 554 -18.78 -21.58 7.66
CA GLU B 554 -19.38 -22.20 6.44
C GLU B 554 -20.83 -22.62 6.74
N THR B 555 -21.12 -23.08 7.96
CA THR B 555 -22.47 -23.50 8.42
C THR B 555 -23.40 -22.29 8.52
N VAL B 556 -22.96 -21.24 9.21
CA VAL B 556 -23.75 -20.00 9.49
C VAL B 556 -24.17 -19.38 8.14
N LYS B 557 -23.25 -19.31 7.17
CA LYS B 557 -23.49 -18.78 5.81
C LYS B 557 -24.53 -19.65 5.08
N LYS B 558 -24.33 -20.97 5.08
CA LYS B 558 -25.19 -21.96 4.36
C LYS B 558 -26.63 -21.88 4.91
N LYS B 559 -26.78 -21.89 6.24
CA LYS B 559 -28.11 -21.88 6.92
C LYS B 559 -28.81 -20.52 6.71
N ALA B 560 -28.03 -19.44 6.55
CA ALA B 560 -28.55 -18.06 6.34
C ALA B 560 -29.20 -17.95 4.95
N LYS B 561 -28.47 -18.33 3.90
CA LYS B 561 -28.95 -18.34 2.49
C LYS B 561 -30.17 -19.24 2.36
N GLU B 562 -30.19 -20.36 3.09
CA GLU B 562 -31.36 -21.29 3.16
C GLU B 562 -32.56 -20.51 3.69
N PHE B 563 -32.38 -19.77 4.78
CA PHE B 563 -33.45 -18.96 5.43
C PHE B 563 -34.03 -17.94 4.43
N LEU B 564 -33.18 -17.30 3.63
CA LEU B 564 -33.61 -16.34 2.57
C LEU B 564 -34.49 -17.08 1.56
N LYS B 565 -34.06 -18.25 1.08
CA LYS B 565 -34.82 -19.10 0.11
C LYS B 565 -36.20 -19.45 0.71
N TYR B 566 -36.28 -19.62 2.04
CA TYR B 566 -37.53 -19.90 2.78
C TYR B 566 -38.41 -18.64 2.85
N ILE B 567 -37.90 -17.58 3.47
CA ILE B 567 -38.71 -16.41 3.93
C ILE B 567 -39.20 -15.58 2.73
N ASN B 568 -38.35 -15.38 1.71
CA ASN B 568 -38.60 -14.38 0.63
C ASN B 568 -39.92 -14.69 -0.08
N PRO B 569 -40.16 -15.93 -0.55
CA PRO B 569 -41.48 -16.33 -1.04
C PRO B 569 -42.67 -15.94 -0.15
N LYS B 570 -42.50 -15.98 1.18
CA LYS B 570 -43.58 -15.71 2.18
C LYS B 570 -43.80 -14.20 2.34
N LEU B 571 -42.83 -13.36 1.95
CA LEU B 571 -42.93 -11.87 2.00
C LEU B 571 -43.64 -11.34 0.76
N PRO B 572 -44.64 -10.43 0.90
CA PRO B 572 -45.43 -9.96 -0.23
C PRO B 572 -44.72 -8.94 -1.12
N GLY B 573 -45.24 -8.75 -2.35
CA GLY B 573 -44.76 -7.79 -3.34
C GLY B 573 -43.25 -7.73 -3.41
N LEU B 574 -42.71 -6.52 -3.28
CA LEU B 574 -41.27 -6.17 -3.44
C LEU B 574 -40.52 -6.29 -2.12
N LEU B 575 -41.09 -6.94 -1.10
CA LEU B 575 -40.39 -7.14 0.19
C LEU B 575 -39.47 -8.35 0.05
N GLU B 576 -38.17 -8.10 -0.03
CA GLU B 576 -37.10 -9.14 -0.14
C GLU B 576 -36.11 -8.90 0.99
N LEU B 577 -35.71 -9.98 1.66
CA LEU B 577 -34.61 -10.00 2.67
C LEU B 577 -33.33 -10.48 1.98
N GLU B 578 -32.18 -9.88 2.30
CA GLU B 578 -30.89 -10.07 1.60
C GLU B 578 -29.76 -10.43 2.57
N TYR B 579 -28.87 -11.31 2.13
CA TYR B 579 -27.53 -11.56 2.72
C TYR B 579 -26.60 -10.43 2.29
N GLU B 580 -26.19 -9.57 3.22
CA GLU B 580 -25.37 -8.36 2.91
C GLU B 580 -23.90 -8.62 3.20
N GLY B 581 -23.57 -9.50 4.15
CA GLY B 581 -22.17 -9.83 4.46
C GLY B 581 -22.00 -10.71 5.69
N PHE B 582 -20.84 -11.36 5.79
CA PHE B 582 -20.39 -12.19 6.94
C PHE B 582 -19.30 -11.43 7.70
N TYR B 583 -19.24 -11.62 9.03
CA TYR B 583 -18.25 -11.00 9.94
C TYR B 583 -17.72 -12.07 10.90
N VAL B 584 -16.38 -12.17 11.00
CA VAL B 584 -15.65 -13.18 11.82
C VAL B 584 -16.00 -12.94 13.29
N ARG B 585 -15.88 -11.69 13.73
CA ARG B 585 -16.24 -11.25 15.11
C ARG B 585 -17.09 -9.98 15.04
N GLY B 586 -17.96 -9.80 16.03
CA GLY B 586 -18.76 -8.59 16.25
C GLY B 586 -18.74 -8.17 17.71
N PHE B 587 -18.61 -6.87 17.97
CA PHE B 587 -18.61 -6.26 19.32
C PHE B 587 -19.80 -5.29 19.42
N PHE B 588 -20.83 -5.68 20.15
CA PHE B 588 -22.09 -4.90 20.34
C PHE B 588 -22.05 -4.23 21.72
N VAL B 589 -21.95 -2.90 21.74
CA VAL B 589 -21.77 -2.09 22.97
C VAL B 589 -23.15 -1.70 23.51
N THR B 590 -23.95 -0.98 22.73
CA THR B 590 -25.34 -0.58 23.05
C THR B 590 -26.11 -0.37 21.74
N LYS B 591 -27.38 0.01 21.85
CA LYS B 591 -28.21 0.42 20.69
C LYS B 591 -27.44 1.48 19.90
N LYS B 592 -27.32 1.28 18.59
CA LYS B 592 -26.74 2.22 17.59
C LYS B 592 -25.21 2.24 17.70
N LYS B 593 -24.61 1.41 18.57
CA LYS B 593 -23.16 1.47 18.89
C LYS B 593 -22.58 0.06 18.90
N TYR B 594 -21.88 -0.32 17.81
CA TYR B 594 -21.23 -1.65 17.65
C TYR B 594 -20.12 -1.56 16.61
N ALA B 595 -19.32 -2.62 16.50
CA ALA B 595 -18.24 -2.80 15.50
C ALA B 595 -18.19 -4.26 15.06
N VAL B 596 -17.86 -4.48 13.79
CA VAL B 596 -17.69 -5.85 13.18
C VAL B 596 -16.38 -5.85 12.38
N ILE B 597 -15.78 -7.02 12.21
CA ILE B 597 -14.56 -7.24 11.37
C ILE B 597 -14.85 -8.38 10.39
N ASP B 598 -14.55 -8.17 9.10
CA ASP B 598 -14.84 -9.14 8.00
C ASP B 598 -13.66 -10.12 7.89
N GLU B 599 -13.75 -11.05 6.93
CA GLU B 599 -12.73 -12.11 6.69
C GLU B 599 -11.40 -11.47 6.24
N GLU B 600 -11.47 -10.31 5.56
CA GLU B 600 -10.29 -9.61 4.98
C GLU B 600 -9.62 -8.71 6.03
N GLY B 601 -10.22 -8.54 7.22
CA GLY B 601 -9.65 -7.83 8.37
C GLY B 601 -10.12 -6.39 8.48
N LYS B 602 -11.00 -5.94 7.59
CA LYS B 602 -11.59 -4.57 7.59
C LYS B 602 -12.63 -4.48 8.72
N ILE B 603 -12.47 -3.50 9.61
CA ILE B 603 -13.38 -3.23 10.77
C ILE B 603 -14.37 -2.13 10.37
N THR B 604 -15.68 -2.41 10.49
CA THR B 604 -16.77 -1.42 10.30
C THR B 604 -17.25 -0.94 11.67
N THR B 605 -17.20 0.38 11.89
CA THR B 605 -17.59 1.07 13.15
C THR B 605 -18.92 1.79 12.95
N ARG B 606 -19.88 1.54 13.84
CA ARG B 606 -21.22 2.21 13.83
C ARG B 606 -21.46 2.92 15.18
N GLY B 607 -21.64 4.24 15.14
CA GLY B 607 -22.23 5.04 16.23
C GLY B 607 -21.28 5.35 17.37
N LEU B 608 -20.18 4.60 17.49
CA LEU B 608 -19.17 4.79 18.57
C LEU B 608 -18.51 6.16 18.40
N GLU B 609 -17.87 6.64 19.47
CA GLU B 609 -17.22 7.99 19.56
C GLU B 609 -16.27 8.19 18.36
N ILE B 610 -15.68 7.10 17.85
CA ILE B 610 -14.73 7.08 16.70
C ILE B 610 -15.28 7.90 15.52
N VAL B 611 -16.60 7.85 15.27
CA VAL B 611 -17.22 8.43 14.04
C VAL B 611 -17.79 9.84 14.32
N ARG B 612 -17.83 10.29 15.58
CA ARG B 612 -18.55 11.53 15.98
C ARG B 612 -17.57 12.71 16.06
N ARG B 613 -17.96 13.88 15.56
CA ARG B 613 -17.08 15.07 15.48
C ARG B 613 -17.06 15.83 16.81
N ASP B 614 -18.06 15.60 17.68
CA ASP B 614 -18.16 16.29 18.99
C ASP B 614 -17.35 15.53 20.06
N TRP B 615 -16.41 14.68 19.62
CA TRP B 615 -15.34 14.07 20.45
C TRP B 615 -13.96 14.45 19.88
N SER B 616 -12.97 14.64 20.75
CA SER B 616 -11.60 15.03 20.38
C SER B 616 -10.93 13.88 19.62
N GLU B 617 -10.00 14.19 18.70
CA GLU B 617 -9.26 13.17 17.91
C GLU B 617 -8.54 12.22 18.88
N ILE B 618 -7.98 12.73 19.98
CA ILE B 618 -7.20 11.91 20.95
C ILE B 618 -8.10 10.78 21.49
N ALA B 619 -9.37 11.06 21.76
CA ALA B 619 -10.34 10.09 22.33
C ALA B 619 -10.73 9.08 21.24
N LYS B 620 -11.05 9.57 20.05
CA LYS B 620 -11.47 8.75 18.89
C LYS B 620 -10.32 7.82 18.50
N GLU B 621 -9.14 8.38 18.24
CA GLU B 621 -7.90 7.65 17.90
C GLU B 621 -7.65 6.56 18.95
N THR B 622 -7.75 6.90 20.24
CA THR B 622 -7.44 5.97 21.35
C THR B 622 -8.51 4.87 21.42
N GLN B 623 -9.78 5.20 21.14
CA GLN B 623 -10.88 4.22 21.13
C GLN B 623 -10.69 3.25 19.94
N ALA B 624 -10.24 3.77 18.79
CA ALA B 624 -9.98 2.99 17.56
C ALA B 624 -8.84 1.99 17.80
N ARG B 625 -7.78 2.43 18.50
CA ARG B 625 -6.58 1.61 18.82
C ARG B 625 -6.94 0.53 19.85
N VAL B 626 -7.97 0.78 20.67
CA VAL B 626 -8.47 -0.18 21.70
C VAL B 626 -9.43 -1.17 21.04
N LEU B 627 -10.24 -0.74 20.07
CA LEU B 627 -11.14 -1.62 19.27
C LEU B 627 -10.28 -2.62 18.47
N GLU B 628 -9.28 -2.11 17.75
CA GLU B 628 -8.38 -2.91 16.87
C GLU B 628 -7.71 -4.01 17.70
N ALA B 629 -7.21 -3.66 18.90
CA ALA B 629 -6.56 -4.58 19.85
C ALA B 629 -7.49 -5.75 20.20
N ILE B 630 -8.79 -5.50 20.34
CA ILE B 630 -9.81 -6.49 20.81
C ILE B 630 -10.43 -7.22 19.61
N LEU B 631 -10.71 -6.53 18.51
CA LEU B 631 -11.44 -7.09 17.33
C LEU B 631 -10.45 -7.84 16.43
N LYS B 632 -9.35 -7.19 16.02
CA LYS B 632 -8.39 -7.71 15.02
C LYS B 632 -7.48 -8.75 15.69
N HIS B 633 -6.69 -8.33 16.69
CA HIS B 633 -5.88 -9.23 17.56
C HIS B 633 -6.82 -9.77 18.66
N GLY B 634 -6.27 -10.43 19.67
CA GLY B 634 -7.06 -10.95 20.81
C GLY B 634 -6.69 -10.29 22.12
N ASP B 635 -5.75 -9.33 22.09
CA ASP B 635 -5.01 -8.86 23.29
C ASP B 635 -5.76 -7.70 23.97
N VAL B 636 -6.45 -7.99 25.07
CA VAL B 636 -7.04 -6.99 25.99
C VAL B 636 -5.92 -6.28 26.75
N GLU B 637 -4.82 -7.00 27.02
CA GLU B 637 -3.63 -6.47 27.75
C GLU B 637 -2.96 -5.37 26.92
N GLU B 638 -2.98 -5.49 25.59
CA GLU B 638 -2.39 -4.50 24.65
C GLU B 638 -3.20 -3.20 24.71
N ALA B 639 -4.53 -3.32 24.79
CA ALA B 639 -5.48 -2.18 24.89
C ALA B 639 -5.20 -1.36 26.16
N VAL B 640 -4.95 -2.03 27.28
CA VAL B 640 -4.65 -1.42 28.60
C VAL B 640 -3.35 -0.61 28.50
N ARG B 641 -2.37 -1.09 27.73
CA ARG B 641 -1.04 -0.43 27.55
C ARG B 641 -1.21 0.84 26.71
N ILE B 642 -2.16 0.84 25.76
CA ILE B 642 -2.44 1.99 24.85
C ILE B 642 -3.09 3.14 25.65
N VAL B 643 -4.13 2.83 26.41
CA VAL B 643 -4.89 3.82 27.23
C VAL B 643 -3.96 4.45 28.27
N LYS B 644 -3.09 3.65 28.90
CA LYS B 644 -2.10 4.11 29.91
C LYS B 644 -1.07 5.02 29.25
N GLU B 645 -0.65 4.69 28.02
CA GLU B 645 0.37 5.48 27.26
C GLU B 645 -0.23 6.85 26.90
N VAL B 646 -1.50 6.88 26.46
CA VAL B 646 -2.18 8.12 25.97
C VAL B 646 -2.46 9.04 27.16
N THR B 647 -2.87 8.50 28.30
CA THR B 647 -3.17 9.25 29.56
C THR B 647 -1.88 9.89 30.08
N GLU B 648 -0.77 9.15 30.03
CA GLU B 648 0.59 9.63 30.43
C GLU B 648 0.98 10.82 29.53
N LYS B 649 0.80 10.67 28.22
CA LYS B 649 1.17 11.70 27.21
C LYS B 649 0.38 12.99 27.48
N LEU B 650 -0.92 12.86 27.78
CA LEU B 650 -1.82 14.00 28.13
C LEU B 650 -1.33 14.70 29.40
N SER B 651 -0.96 13.92 30.42
CA SER B 651 -0.53 14.40 31.76
C SER B 651 0.75 15.23 31.65
N LYS B 652 1.68 14.83 30.77
CA LYS B 652 2.99 15.50 30.55
C LYS B 652 2.87 16.53 29.41
N TYR B 653 1.64 16.85 28.99
CA TYR B 653 1.30 17.93 28.01
C TYR B 653 2.08 17.73 26.70
N GLU B 654 2.16 16.48 26.21
CA GLU B 654 2.96 16.12 25.01
C GLU B 654 2.05 15.86 23.81
N VAL B 655 0.74 15.64 24.03
CA VAL B 655 -0.26 15.45 22.93
C VAL B 655 -0.44 16.77 22.20
N PRO B 656 -0.28 16.82 20.86
CA PRO B 656 -0.42 18.07 20.10
C PRO B 656 -1.84 18.61 20.15
N PRO B 657 -2.03 19.96 20.16
CA PRO B 657 -3.34 20.57 20.36
C PRO B 657 -4.37 20.31 19.24
N GLU B 658 -3.89 19.97 18.04
CA GLU B 658 -4.74 19.59 16.87
C GLU B 658 -5.69 18.46 17.26
N LYS B 659 -5.27 17.58 18.18
CA LYS B 659 -5.98 16.33 18.56
C LYS B 659 -6.95 16.60 19.73
N LEU B 660 -7.08 17.85 20.18
CA LEU B 660 -7.91 18.22 21.36
C LEU B 660 -9.15 19.01 20.95
N VAL B 661 -9.26 19.38 19.66
CA VAL B 661 -10.38 20.20 19.14
C VAL B 661 -11.67 19.37 19.17
N ILE B 662 -12.75 19.96 19.71
CA ILE B 662 -14.13 19.38 19.75
C ILE B 662 -15.02 20.26 18.85
N HIS B 663 -15.80 19.63 17.96
CA HIS B 663 -16.64 20.30 16.93
C HIS B 663 -18.12 20.05 17.23
N GLU B 664 -18.86 21.10 17.61
CA GLU B 664 -20.34 21.06 17.75
C GLU B 664 -20.95 22.14 16.85
N GLN B 665 -22.07 21.80 16.20
CA GLN B 665 -22.82 22.69 15.28
C GLN B 665 -23.71 23.63 16.11
N ILE B 666 -23.98 24.82 15.57
CA ILE B 666 -25.05 25.75 16.04
C ILE B 666 -26.26 25.53 15.14
N THR B 667 -27.41 25.20 15.73
CA THR B 667 -28.62 24.67 15.05
C THR B 667 -29.72 25.72 14.94
N ARG B 668 -29.63 26.82 15.71
CA ARG B 668 -30.70 27.84 15.85
C ARG B 668 -30.06 29.23 16.03
N ASP B 669 -30.87 30.29 15.98
CA ASP B 669 -30.46 31.66 16.40
C ASP B 669 -30.03 31.59 17.86
N LEU B 670 -28.97 32.29 18.23
CA LEU B 670 -28.29 32.22 19.57
C LEU B 670 -29.29 32.53 20.69
N ARG B 671 -30.31 33.36 20.42
CA ARG B 671 -31.35 33.79 21.39
C ARG B 671 -32.27 32.62 21.76
N ASP B 672 -32.41 31.63 20.87
CA ASP B 672 -33.39 30.51 21.01
C ASP B 672 -32.86 29.42 21.95
N TYR B 673 -31.56 29.46 22.31
CA TYR B 673 -30.93 28.49 23.24
C TYR B 673 -31.45 28.74 24.66
N LYS B 674 -31.96 27.68 25.30
CA LYS B 674 -32.44 27.67 26.71
C LYS B 674 -31.28 27.24 27.62
N ALA B 675 -30.57 26.17 27.24
CA ALA B 675 -29.32 25.71 27.89
C ALA B 675 -28.13 26.31 27.13
N THR B 676 -26.97 26.44 27.79
CA THR B 676 -25.75 27.12 27.26
C THR B 676 -24.52 26.28 27.65
N GLY B 677 -24.26 25.24 26.86
CA GLY B 677 -23.05 24.39 26.94
C GLY B 677 -21.88 25.02 26.18
N PRO B 678 -20.67 24.42 26.25
CA PRO B 678 -19.45 25.01 25.71
C PRO B 678 -19.53 25.66 24.32
N HIS B 679 -20.04 24.95 23.31
CA HIS B 679 -20.07 25.45 21.90
C HIS B 679 -20.94 26.72 21.83
N VAL B 680 -22.05 26.76 22.57
CA VAL B 680 -22.97 27.94 22.62
C VAL B 680 -22.28 29.11 23.34
N ALA B 681 -21.63 28.85 24.47
CA ALA B 681 -20.83 29.85 25.25
C ALA B 681 -19.78 30.48 24.34
N VAL B 682 -18.97 29.65 23.66
CA VAL B 682 -17.92 30.07 22.69
C VAL B 682 -18.57 30.88 21.56
N ALA B 683 -19.73 30.44 21.06
CA ALA B 683 -20.44 31.07 19.92
C ALA B 683 -20.94 32.47 20.31
N LYS B 684 -21.47 32.61 21.52
CA LYS B 684 -22.01 33.89 22.06
C LYS B 684 -20.87 34.92 22.23
N ARG B 685 -19.66 34.47 22.56
CA ARG B 685 -18.47 35.34 22.73
C ARG B 685 -17.99 35.85 21.36
N LEU B 686 -18.01 34.99 20.34
CA LEU B 686 -17.68 35.37 18.94
C LEU B 686 -18.74 36.37 18.44
N ALA B 687 -20.01 36.14 18.78
CA ALA B 687 -21.18 36.96 18.38
C ALA B 687 -21.06 38.35 18.97
N ALA B 688 -20.72 38.45 20.26
CA ALA B 688 -20.51 39.70 21.02
C ALA B 688 -19.36 40.51 20.42
N ARG B 689 -18.35 39.83 19.86
CA ARG B 689 -17.18 40.46 19.19
C ARG B 689 -17.54 40.82 17.74
N GLY B 690 -18.72 40.41 17.27
CA GLY B 690 -19.30 40.82 15.97
C GLY B 690 -18.96 39.84 14.85
N VAL B 691 -18.91 38.54 15.15
CA VAL B 691 -18.73 37.45 14.15
C VAL B 691 -20.13 36.93 13.77
N LYS B 692 -20.36 36.67 12.49
CA LYS B 692 -21.63 36.11 11.95
C LYS B 692 -21.70 34.62 12.33
N ILE B 693 -22.59 34.28 13.26
CA ILE B 693 -22.89 32.87 13.66
C ILE B 693 -24.31 32.55 13.18
N ARG B 694 -24.41 31.97 11.99
CA ARG B 694 -25.68 31.48 11.40
C ARG B 694 -25.92 30.04 11.86
N PRO B 695 -27.17 29.54 11.83
CA PRO B 695 -27.43 28.11 12.02
C PRO B 695 -26.73 27.32 10.90
N GLY B 696 -26.02 26.25 11.26
CA GLY B 696 -25.15 25.47 10.36
C GLY B 696 -23.68 25.66 10.69
N THR B 697 -23.32 26.78 11.31
CA THR B 697 -21.93 27.12 11.76
C THR B 697 -21.44 26.02 12.72
N VAL B 698 -20.28 25.44 12.44
CA VAL B 698 -19.60 24.46 13.34
C VAL B 698 -18.65 25.24 14.25
N ILE B 699 -18.85 25.15 15.57
CA ILE B 699 -17.93 25.72 16.59
C ILE B 699 -16.86 24.67 16.89
N SER B 700 -15.60 25.00 16.61
CA SER B 700 -14.39 24.21 16.97
C SER B 700 -13.76 24.85 18.21
N TYR B 701 -13.55 24.10 19.28
CA TYR B 701 -13.07 24.66 20.58
C TYR B 701 -12.15 23.68 21.31
N ILE B 702 -11.39 24.23 22.27
CA ILE B 702 -10.43 23.51 23.15
C ILE B 702 -10.66 23.98 24.59
N VAL B 703 -10.54 23.07 25.55
CA VAL B 703 -10.78 23.31 27.00
C VAL B 703 -9.42 23.59 27.68
N LEU B 704 -9.29 24.74 28.33
CA LEU B 704 -8.03 25.17 29.02
C LEU B 704 -8.06 24.68 30.47
N LYS B 705 -6.89 24.58 31.10
CA LYS B 705 -6.73 24.16 32.52
C LYS B 705 -7.47 25.15 33.41
N GLY B 706 -8.30 24.65 34.34
CA GLY B 706 -9.11 25.48 35.23
C GLY B 706 -10.24 24.68 35.88
N SER B 707 -10.98 25.33 36.78
CA SER B 707 -12.10 24.75 37.56
C SER B 707 -13.44 25.18 36.94
N GLY B 708 -14.54 24.66 37.50
CA GLY B 708 -15.92 25.11 37.20
C GLY B 708 -16.40 24.62 35.85
N ARG B 709 -17.44 25.28 35.32
CA ARG B 709 -18.12 24.94 34.04
C ARG B 709 -17.09 24.83 32.92
N ILE B 710 -17.25 23.84 32.05
CA ILE B 710 -16.41 23.58 30.84
C ILE B 710 -16.47 24.81 29.93
N GLY B 711 -17.68 25.33 29.69
CA GLY B 711 -17.95 26.48 28.82
C GLY B 711 -17.14 27.71 29.21
N ASP B 712 -16.83 27.87 30.50
CA ASP B 712 -16.05 29.02 31.03
C ASP B 712 -14.59 28.95 30.56
N ARG B 713 -14.06 27.75 30.30
CA ARG B 713 -12.64 27.53 29.90
C ARG B 713 -12.55 27.18 28.41
N ALA B 714 -13.67 27.14 27.70
CA ALA B 714 -13.73 26.81 26.26
C ALA B 714 -13.32 28.03 25.44
N ILE B 715 -12.33 27.86 24.55
CA ILE B 715 -11.86 28.91 23.60
C ILE B 715 -11.88 28.33 22.20
N PRO B 716 -12.14 29.17 21.16
CA PRO B 716 -12.01 28.75 19.77
C PRO B 716 -10.64 28.11 19.49
N ALA B 717 -10.61 26.98 18.81
CA ALA B 717 -9.39 26.26 18.37
C ALA B 717 -8.47 27.22 17.58
N ASP B 718 -9.07 28.12 16.80
CA ASP B 718 -8.37 29.21 16.05
C ASP B 718 -7.39 29.97 16.95
N GLU B 719 -7.87 30.37 18.14
CA GLU B 719 -7.21 31.38 19.02
C GLU B 719 -6.32 30.69 20.06
N PHE B 720 -6.21 29.37 20.02
CA PHE B 720 -5.30 28.59 20.89
C PHE B 720 -3.86 28.81 20.44
N ASP B 721 -2.95 29.02 21.41
CA ASP B 721 -1.51 29.30 21.21
C ASP B 721 -0.73 28.52 22.26
N PRO B 722 0.20 27.61 21.86
CA PRO B 722 0.96 26.81 22.83
C PRO B 722 1.79 27.64 23.82
N THR B 723 2.25 28.83 23.40
CA THR B 723 3.12 29.72 24.22
C THR B 723 2.31 30.30 25.39
N LYS B 724 1.06 30.72 25.14
CA LYS B 724 0.17 31.43 26.11
C LYS B 724 -0.69 30.42 26.86
N HIS B 725 -1.47 29.62 26.11
CA HIS B 725 -2.56 28.74 26.63
C HIS B 725 -2.02 27.40 27.13
N ARG B 726 -2.64 26.84 28.17
CA ARG B 726 -2.36 25.48 28.70
C ARG B 726 -3.66 24.67 28.68
N TYR B 727 -3.74 23.63 27.85
CA TYR B 727 -4.95 22.78 27.67
C TYR B 727 -5.18 21.97 28.95
N ASP B 728 -6.43 21.52 29.17
CA ASP B 728 -6.84 20.81 30.41
C ASP B 728 -6.56 19.31 30.27
N ALA B 729 -5.38 18.86 30.72
CA ALA B 729 -4.96 17.44 30.74
C ALA B 729 -6.03 16.59 31.45
N GLU B 730 -6.44 17.00 32.65
CA GLU B 730 -7.38 16.25 33.53
C GLU B 730 -8.72 16.07 32.79
N TYR B 731 -9.20 17.10 32.10
CA TYR B 731 -10.46 17.08 31.31
C TYR B 731 -10.35 16.02 30.21
N TYR B 732 -9.29 16.08 29.40
CA TYR B 732 -9.10 15.21 28.21
C TYR B 732 -8.88 13.76 28.67
N ILE B 733 -8.28 13.54 29.85
CA ILE B 733 -8.14 12.18 30.45
C ILE B 733 -9.52 11.70 30.91
N GLU B 734 -10.16 12.43 31.82
CA GLU B 734 -11.31 11.93 32.62
C GLU B 734 -12.65 12.10 31.87
N ASN B 735 -12.74 13.07 30.94
CA ASN B 735 -14.01 13.44 30.27
C ASN B 735 -14.03 12.97 28.80
N GLN B 736 -12.87 12.81 28.15
CA GLN B 736 -12.77 12.46 26.71
C GLN B 736 -12.24 11.03 26.55
N VAL B 737 -11.01 10.74 26.97
CA VAL B 737 -10.30 9.46 26.64
C VAL B 737 -10.90 8.32 27.46
N LEU B 738 -10.85 8.38 28.79
CA LEU B 738 -11.22 7.23 29.66
C LEU B 738 -12.67 6.82 29.45
N PRO B 739 -13.64 7.76 29.35
CA PRO B 739 -15.03 7.38 29.04
C PRO B 739 -15.21 6.63 27.71
N ALA B 740 -14.48 7.01 26.67
CA ALA B 740 -14.56 6.41 25.32
C ALA B 740 -14.06 4.97 25.35
N VAL B 741 -12.93 4.72 26.01
CA VAL B 741 -12.27 3.38 26.07
C VAL B 741 -13.00 2.51 27.10
N GLU B 742 -13.69 3.12 28.08
CA GLU B 742 -14.42 2.39 29.15
C GLU B 742 -15.74 1.83 28.60
N ARG B 743 -16.33 2.42 27.56
CA ARG B 743 -17.48 1.81 26.83
C ARG B 743 -17.12 0.37 26.47
N ILE B 744 -15.94 0.20 25.90
CA ILE B 744 -15.43 -1.09 25.34
C ILE B 744 -14.96 -1.97 26.50
N LEU B 745 -14.02 -1.48 27.30
CA LEU B 745 -13.35 -2.26 28.38
C LEU B 745 -14.33 -2.55 29.54
N LYS B 746 -15.47 -1.86 29.61
CA LYS B 746 -16.54 -2.09 30.61
C LYS B 746 -17.04 -3.54 30.52
N ALA B 747 -17.10 -4.09 29.29
CA ALA B 747 -17.60 -5.46 28.99
C ALA B 747 -16.63 -6.52 29.52
N PHE B 748 -15.36 -6.16 29.73
CA PHE B 748 -14.27 -7.06 30.18
C PHE B 748 -13.97 -6.83 31.67
N GLY B 749 -14.85 -6.12 32.37
CA GLY B 749 -14.80 -5.88 33.83
C GLY B 749 -13.57 -5.09 34.25
N TYR B 750 -13.15 -4.12 33.43
CA TYR B 750 -12.05 -3.17 33.74
C TYR B 750 -12.66 -1.86 34.27
N ARG B 751 -12.23 -1.44 35.46
CA ARG B 751 -12.67 -0.17 36.12
C ARG B 751 -12.01 1.01 35.39
N LYS B 752 -12.67 2.17 35.39
CA LYS B 752 -12.17 3.41 34.72
C LYS B 752 -10.87 3.87 35.39
N GLU B 753 -10.77 3.73 36.72
CA GLU B 753 -9.60 4.13 37.53
C GLU B 753 -8.39 3.24 37.18
N ASP B 754 -8.63 1.96 36.89
CA ASP B 754 -7.57 0.94 36.61
C ASP B 754 -6.88 1.23 35.27
N LEU B 755 -7.58 1.90 34.34
CA LEU B 755 -7.09 2.21 32.97
C LEU B 755 -6.17 3.44 32.99
N ARG B 756 -6.31 4.30 33.99
CA ARG B 756 -5.52 5.56 34.13
C ARG B 756 -4.05 5.21 34.40
CA CA J . 25.79 -30.18 27.98
CA CA K . 11.09 -27.66 11.56
CA CA L . -23.24 -2.76 8.37
CA CA M . -33.66 29.98 -11.05
CA CA N . -63.77 32.14 0.65
CA CA O . -40.61 -11.15 -1.90
CA CA P . -36.65 1.94 -5.93
#